data_6A3J
#
_entry.id   6A3J
#
_cell.length_a   80.186
_cell.length_b   93.448
_cell.length_c   100.882
_cell.angle_alpha   90.00
_cell.angle_beta   101.42
_cell.angle_gamma   90.00
#
_symmetry.space_group_name_H-M   'P 1 21 1'
#
loop_
_entity.id
_entity.type
_entity.pdbx_description
1 polymer 'Putative dehydrogenase'
2 non-polymer '2-(N-MORPHOLINO)-ETHANESULFONIC ACID'
3 non-polymer alpha-L-sorbopyranose
4 non-polymer '1,4-DIHYDRONICOTINAMIDE ADENINE DINUCLEOTIDE'
5 water water
#
_entity_poly.entity_id   1
_entity_poly.type   'polypeptide(L)'
_entity_poly.pdbx_seq_one_letter_code
;MGSSHHHHHHSSGLVPRGSHMQNLNVGLIGGGFMGKAHSLAYAAMPMFFWPAPALPVRKVIAEANPELAAEAARRFGFEN
STSDWRSIIDDPDIHVVDIATPNHLHAEIAIAAAEAGKHIICEKPLARTGEESKAMYDAVKDKNIVHMVAFNYRRTPAVA
LAKKYIEEGAIGRILSFRGTYLQDWSADPNSPLSWRFQKSIAGSGALGDIATHVIDMARYLVGEFSAVNAVLSTWIPERP
LQSGGADALGTVRGGEGPKGPVDVDDEVMTMIRFANGAVGSVEATRNAHGRNNYITFEIHGTEGSIVFNYERRDELQVAF
ASDQADRRGFRTVYTGPAHPYGEGLWPIPALGIGYGETKIIEAHDFFKAIAEGGSVSPSFADGYQVALIDDAIVESAAKE
SWVDVPQISA
;
_entity_poly.pdbx_strand_id   A,B,C,D
#
loop_
_chem_comp.id
_chem_comp.type
_chem_comp.name
_chem_comp.formula
MES non-polymer '2-(N-MORPHOLINO)-ETHANESULFONIC ACID' 'C6 H13 N O4 S'
NAI non-polymer '1,4-DIHYDRONICOTINAMIDE ADENINE DINUCLEOTIDE' 'C21 H29 N7 O14 P2'
SOE L-saccharide, alpha linking alpha-L-sorbopyranose 'C6 H12 O6'
#
# COMPACT_ATOMS: atom_id res chain seq x y z
N MET A 21 -37.01 -3.19 -27.57
CA MET A 21 -36.04 -3.99 -26.73
C MET A 21 -36.34 -5.48 -26.87
N GLN A 22 -35.37 -6.16 -27.48
CA GLN A 22 -35.46 -7.57 -27.71
C GLN A 22 -35.21 -8.29 -26.39
N ASN A 23 -35.93 -9.40 -26.18
CA ASN A 23 -35.62 -10.37 -25.16
C ASN A 23 -34.85 -11.50 -25.83
N LEU A 24 -33.64 -11.84 -25.39
CA LEU A 24 -32.89 -12.97 -25.98
C LEU A 24 -32.83 -14.15 -25.00
N ASN A 25 -33.23 -15.32 -25.49
CA ASN A 25 -33.22 -16.56 -24.76
C ASN A 25 -31.81 -17.13 -24.70
N VAL A 26 -31.31 -17.31 -23.48
CA VAL A 26 -30.00 -17.86 -23.25
C VAL A 26 -30.16 -19.33 -22.87
N GLY A 27 -29.37 -20.19 -23.52
CA GLY A 27 -29.09 -21.54 -23.07
C GLY A 27 -27.69 -21.60 -22.47
N LEU A 28 -27.61 -21.75 -21.16
CA LEU A 28 -26.33 -21.85 -20.45
C LEU A 28 -25.97 -23.33 -20.29
N ILE A 29 -24.73 -23.70 -20.64
CA ILE A 29 -24.26 -25.07 -20.51
C ILE A 29 -23.17 -25.11 -19.44
N GLY A 30 -23.53 -25.67 -18.27
CA GLY A 30 -22.65 -25.73 -17.11
C GLY A 30 -23.21 -24.88 -15.99
N GLY A 31 -23.40 -25.49 -14.80
CA GLY A 31 -23.84 -24.75 -13.64
C GLY A 31 -22.86 -24.82 -12.47
N GLY A 32 -21.56 -24.83 -12.74
CA GLY A 32 -20.55 -24.76 -11.68
C GLY A 32 -20.24 -23.32 -11.30
N PHE A 33 -18.96 -23.03 -11.07
CA PHE A 33 -18.49 -21.67 -10.68
C PHE A 33 -18.82 -20.63 -11.77
N MET A 34 -18.39 -20.86 -13.01
CA MET A 34 -18.70 -19.92 -14.07
C MET A 34 -20.20 -19.88 -14.40
N GLY A 35 -20.89 -21.03 -14.30
CA GLY A 35 -22.36 -21.06 -14.35
C GLY A 35 -23.00 -20.00 -13.46
N LYS A 36 -22.53 -19.88 -12.22
CA LYS A 36 -23.10 -18.92 -11.29
C LYS A 36 -22.76 -17.47 -11.69
N ALA A 37 -21.50 -17.22 -12.04
CA ALA A 37 -21.03 -15.89 -12.37
C ALA A 37 -21.74 -15.37 -13.63
N HIS A 38 -21.93 -16.27 -14.61
CA HIS A 38 -22.68 -16.03 -15.85
C HIS A 38 -24.14 -15.73 -15.54
N SER A 39 -24.76 -16.50 -14.64
CA SER A 39 -26.15 -16.33 -14.32
C SER A 39 -26.39 -14.95 -13.70
N LEU A 40 -25.51 -14.60 -12.76
CA LEU A 40 -25.53 -13.33 -12.12
C LEU A 40 -25.51 -12.21 -13.18
N ALA A 41 -24.63 -12.33 -14.17
CA ALA A 41 -24.48 -11.32 -15.21
C ALA A 41 -25.79 -11.15 -16.00
N TYR A 42 -26.46 -12.27 -16.30
CA TYR A 42 -27.71 -12.21 -17.06
C TYR A 42 -28.84 -11.62 -16.21
N ALA A 43 -28.83 -11.89 -14.90
CA ALA A 43 -29.91 -11.36 -13.99
C ALA A 43 -29.71 -9.86 -13.76
N ALA A 44 -28.45 -9.42 -13.78
CA ALA A 44 -28.12 -8.07 -13.30
C ALA A 44 -27.84 -7.07 -14.42
N MET A 45 -27.47 -7.53 -15.62
CA MET A 45 -26.92 -6.60 -16.62
C MET A 45 -27.91 -5.47 -16.94
N PRO A 46 -29.22 -5.71 -17.15
CA PRO A 46 -30.13 -4.61 -17.46
C PRO A 46 -30.32 -3.57 -16.34
N MET A 47 -30.19 -4.00 -15.09
CA MET A 47 -30.29 -3.12 -13.95
C MET A 47 -29.14 -2.11 -13.97
N PHE A 48 -27.99 -2.58 -14.45
CA PHE A 48 -26.77 -1.79 -14.41
C PHE A 48 -26.73 -0.85 -15.61
N PHE A 49 -26.83 -1.44 -16.82
CA PHE A 49 -26.77 -0.73 -18.08
C PHE A 49 -28.18 -0.55 -18.64
N TRP A 50 -28.79 0.61 -18.38
CA TRP A 50 -30.16 0.88 -18.73
C TRP A 50 -30.24 2.19 -19.52
N PRO A 51 -31.02 2.22 -20.62
CA PRO A 51 -31.73 1.10 -21.22
C PRO A 51 -30.82 0.02 -21.80
N ALA A 52 -31.14 -1.24 -21.54
CA ALA A 52 -30.25 -2.34 -21.88
C ALA A 52 -30.23 -2.55 -23.40
N PRO A 53 -29.11 -3.08 -23.98
CA PRO A 53 -29.11 -3.38 -25.41
C PRO A 53 -30.15 -4.45 -25.77
N ALA A 54 -30.40 -5.37 -24.86
CA ALA A 54 -31.38 -6.44 -24.95
C ALA A 54 -31.56 -7.05 -23.56
N LEU A 55 -32.71 -7.67 -23.27
CA LEU A 55 -32.95 -8.32 -22.00
C LEU A 55 -32.61 -9.78 -22.10
N PRO A 56 -31.63 -10.29 -21.33
CA PRO A 56 -31.35 -11.72 -21.31
C PRO A 56 -32.50 -12.44 -20.62
N VAL A 57 -32.94 -13.55 -21.23
CA VAL A 57 -33.86 -14.43 -20.57
C VAL A 57 -33.07 -15.70 -20.25
N ARG A 58 -33.05 -16.08 -18.97
CA ARG A 58 -32.38 -17.30 -18.55
C ARG A 58 -33.36 -18.44 -18.86
N LYS A 59 -33.25 -18.98 -20.08
CA LYS A 59 -34.32 -19.81 -20.63
C LYS A 59 -34.09 -21.29 -20.26
N VAL A 60 -32.90 -21.82 -20.54
CA VAL A 60 -32.60 -23.21 -20.25
C VAL A 60 -31.15 -23.32 -19.80
N ILE A 61 -30.92 -24.17 -18.79
CA ILE A 61 -29.59 -24.53 -18.33
C ILE A 61 -29.40 -26.04 -18.49
N ALA A 62 -28.24 -26.41 -19.03
CA ALA A 62 -27.82 -27.80 -19.21
C ALA A 62 -26.79 -28.16 -18.13
N GLU A 63 -26.95 -29.33 -17.52
CA GLU A 63 -25.94 -29.88 -16.64
C GLU A 63 -25.69 -31.36 -16.98
N ALA A 64 -24.77 -31.98 -16.26
CA ALA A 64 -24.32 -33.35 -16.49
C ALA A 64 -25.44 -34.37 -16.30
N ASN A 65 -26.40 -34.11 -15.40
CA ASN A 65 -27.49 -35.04 -15.20
C ASN A 65 -28.74 -34.26 -14.82
N PRO A 66 -29.94 -34.88 -14.92
CA PRO A 66 -31.17 -34.12 -14.74
C PRO A 66 -31.33 -33.52 -13.34
N GLU A 67 -30.75 -34.15 -12.32
CA GLU A 67 -30.92 -33.67 -10.95
C GLU A 67 -30.12 -32.38 -10.76
N LEU A 68 -28.83 -32.40 -11.10
CA LEU A 68 -27.96 -31.22 -11.12
C LEU A 68 -28.61 -30.08 -11.93
N ALA A 69 -29.13 -30.42 -13.13
CA ALA A 69 -29.68 -29.44 -14.05
C ALA A 69 -30.89 -28.75 -13.42
N ALA A 70 -31.79 -29.55 -12.86
CA ALA A 70 -32.99 -28.97 -12.30
C ALA A 70 -32.63 -28.10 -11.07
N GLU A 71 -31.72 -28.60 -10.23
CA GLU A 71 -31.31 -27.81 -9.05
C GLU A 71 -30.59 -26.52 -9.51
N ALA A 72 -29.76 -26.61 -10.54
CA ALA A 72 -29.08 -25.43 -11.06
C ALA A 72 -30.12 -24.42 -11.59
N ALA A 73 -31.19 -24.92 -12.22
CA ALA A 73 -32.22 -24.03 -12.72
C ALA A 73 -32.91 -23.30 -11.57
N ARG A 74 -33.22 -24.02 -10.49
CA ARG A 74 -33.90 -23.40 -9.33
C ARG A 74 -32.98 -22.32 -8.73
N ARG A 75 -31.67 -22.64 -8.64
CA ARG A 75 -30.67 -21.80 -7.97
C ARG A 75 -30.40 -20.53 -8.79
N PHE A 76 -30.23 -20.71 -10.10
CA PHE A 76 -29.76 -19.63 -10.98
C PHE A 76 -30.92 -18.93 -11.71
N GLY A 77 -32.14 -19.38 -11.47
CA GLY A 77 -33.34 -18.69 -11.96
C GLY A 77 -33.59 -18.98 -13.43
N PHE A 78 -33.35 -20.22 -13.85
CA PHE A 78 -33.60 -20.61 -15.24
C PHE A 78 -35.00 -21.23 -15.30
N GLU A 79 -35.70 -20.98 -16.41
CA GLU A 79 -37.04 -21.49 -16.59
C GLU A 79 -37.03 -23.01 -16.80
N ASN A 80 -36.14 -23.49 -17.67
CA ASN A 80 -36.07 -24.92 -18.02
C ASN A 80 -34.67 -25.44 -17.69
N SER A 81 -34.54 -26.78 -17.63
CA SER A 81 -33.31 -27.49 -17.39
C SER A 81 -33.25 -28.74 -18.28
N THR A 82 -32.04 -29.16 -18.66
CA THR A 82 -31.86 -30.36 -19.42
C THR A 82 -30.55 -31.02 -19.01
N SER A 83 -30.51 -32.36 -19.12
CA SER A 83 -29.28 -33.10 -19.01
C SER A 83 -28.60 -33.22 -20.38
N ASP A 84 -29.17 -32.68 -21.44
CA ASP A 84 -28.56 -32.86 -22.73
C ASP A 84 -28.43 -31.51 -23.46
N TRP A 85 -27.19 -31.03 -23.54
CA TRP A 85 -26.88 -29.74 -24.14
C TRP A 85 -27.28 -29.71 -25.61
N ARG A 86 -27.32 -30.86 -26.30
CA ARG A 86 -27.70 -30.86 -27.73
C ARG A 86 -29.13 -30.35 -27.93
N SER A 87 -30.00 -30.55 -26.93
CA SER A 87 -31.35 -30.10 -27.05
C SER A 87 -31.44 -28.58 -26.89
N ILE A 88 -30.40 -27.94 -26.33
CA ILE A 88 -30.31 -26.47 -26.36
C ILE A 88 -29.92 -26.07 -27.79
N ILE A 89 -28.93 -26.74 -28.38
CA ILE A 89 -28.48 -26.40 -29.75
C ILE A 89 -29.63 -26.55 -30.75
N ASP A 90 -30.47 -27.58 -30.56
CA ASP A 90 -31.51 -27.92 -31.53
C ASP A 90 -32.80 -27.14 -31.28
N ASP A 91 -32.86 -26.39 -30.20
CA ASP A 91 -34.04 -25.61 -29.89
C ASP A 91 -34.04 -24.33 -30.72
N PRO A 92 -35.00 -24.14 -31.66
CA PRO A 92 -34.99 -22.95 -32.52
C PRO A 92 -35.19 -21.65 -31.76
N ASP A 93 -35.73 -21.68 -30.54
CA ASP A 93 -36.00 -20.42 -29.86
C ASP A 93 -34.89 -20.01 -28.88
N ILE A 94 -33.74 -20.70 -28.92
CA ILE A 94 -32.55 -20.25 -28.15
C ILE A 94 -31.74 -19.34 -29.07
N HIS A 95 -31.46 -18.10 -28.64
CA HIS A 95 -30.66 -17.18 -29.48
C HIS A 95 -29.18 -17.19 -29.12
N VAL A 96 -28.88 -17.44 -27.84
CA VAL A 96 -27.53 -17.36 -27.27
C VAL A 96 -27.21 -18.69 -26.58
N VAL A 97 -26.02 -19.22 -26.87
CA VAL A 97 -25.43 -20.38 -26.19
C VAL A 97 -24.19 -19.94 -25.44
N ASP A 98 -24.16 -20.24 -24.14
CA ASP A 98 -23.12 -19.84 -23.24
C ASP A 98 -22.47 -21.11 -22.70
N ILE A 99 -21.21 -21.33 -23.08
CA ILE A 99 -20.49 -22.55 -22.77
C ILE A 99 -19.64 -22.34 -21.52
N ALA A 100 -20.03 -23.00 -20.41
CA ALA A 100 -19.35 -22.87 -19.12
C ALA A 100 -19.02 -24.26 -18.55
N THR A 101 -18.66 -25.18 -19.45
CA THR A 101 -18.20 -26.50 -19.13
C THR A 101 -16.68 -26.50 -19.07
N PRO A 102 -16.05 -27.61 -18.58
CA PRO A 102 -14.59 -27.77 -18.67
C PRO A 102 -14.15 -27.74 -20.14
N ASN A 103 -12.84 -27.65 -20.34
CA ASN A 103 -12.22 -27.26 -21.59
C ASN A 103 -12.44 -28.30 -22.69
N HIS A 104 -12.80 -29.52 -22.29
CA HIS A 104 -12.84 -30.64 -23.25
C HIS A 104 -14.12 -30.61 -24.09
N LEU A 105 -15.17 -29.90 -23.63
CA LEU A 105 -16.44 -29.84 -24.35
C LEU A 105 -16.60 -28.51 -25.11
N HIS A 106 -15.68 -27.54 -24.94
CA HIS A 106 -15.84 -26.22 -25.59
C HIS A 106 -16.01 -26.36 -27.12
N ALA A 107 -15.11 -27.10 -27.76
CA ALA A 107 -15.07 -27.11 -29.22
C ALA A 107 -16.33 -27.77 -29.81
N GLU A 108 -16.68 -28.97 -29.37
CA GLU A 108 -17.90 -29.71 -29.80
C GLU A 108 -19.14 -28.82 -29.73
N ILE A 109 -19.36 -28.26 -28.54
CA ILE A 109 -20.56 -27.47 -28.29
C ILE A 109 -20.56 -26.22 -29.19
N ALA A 110 -19.43 -25.50 -29.26
CA ALA A 110 -19.40 -24.27 -30.04
C ALA A 110 -19.64 -24.56 -31.53
N ILE A 111 -19.03 -25.64 -32.05
CA ILE A 111 -19.15 -25.93 -33.48
C ILE A 111 -20.62 -26.27 -33.79
N ALA A 112 -21.29 -26.99 -32.90
CA ALA A 112 -22.70 -27.32 -33.04
C ALA A 112 -23.55 -26.06 -33.01
N ALA A 113 -23.30 -25.18 -32.03
CA ALA A 113 -24.02 -23.89 -31.91
C ALA A 113 -23.81 -23.04 -33.16
N ALA A 114 -22.57 -22.99 -33.67
CA ALA A 114 -22.29 -22.16 -34.84
C ALA A 114 -23.16 -22.61 -36.01
N GLU A 115 -23.22 -23.94 -36.22
CA GLU A 115 -23.95 -24.59 -37.34
C GLU A 115 -25.45 -24.33 -37.18
N ALA A 116 -25.95 -24.27 -35.93
CA ALA A 116 -27.32 -23.93 -35.67
C ALA A 116 -27.56 -22.42 -35.75
N GLY A 117 -26.53 -21.63 -36.04
CA GLY A 117 -26.69 -20.18 -36.24
C GLY A 117 -26.91 -19.42 -34.93
N LYS A 118 -26.38 -19.92 -33.81
CA LYS A 118 -26.55 -19.24 -32.50
C LYS A 118 -25.38 -18.29 -32.20
N HIS A 119 -25.67 -17.23 -31.45
CA HIS A 119 -24.61 -16.40 -30.89
C HIS A 119 -23.98 -17.18 -29.75
N ILE A 120 -22.67 -17.04 -29.55
CA ILE A 120 -21.94 -17.93 -28.62
C ILE A 120 -20.99 -17.09 -27.76
N ILE A 121 -21.07 -17.26 -26.42
CA ILE A 121 -19.99 -16.92 -25.54
C ILE A 121 -19.40 -18.23 -24.99
N CYS A 122 -18.07 -18.31 -25.00
CA CYS A 122 -17.38 -19.50 -24.58
C CYS A 122 -16.34 -19.13 -23.51
N GLU A 123 -16.30 -19.89 -22.42
CA GLU A 123 -15.29 -19.68 -21.40
C GLU A 123 -13.91 -19.95 -21.95
N LYS A 124 -12.91 -19.35 -21.28
CA LYS A 124 -11.51 -19.57 -21.59
C LYS A 124 -11.03 -20.86 -20.91
N PRO A 125 -9.89 -21.40 -21.37
CA PRO A 125 -9.27 -21.12 -22.67
C PRO A 125 -10.24 -21.58 -23.77
N LEU A 126 -10.06 -21.14 -25.03
CA LEU A 126 -11.11 -21.41 -26.04
C LEU A 126 -11.28 -22.93 -26.21
N ALA A 127 -10.16 -23.63 -26.37
CA ALA A 127 -10.20 -25.11 -26.33
C ALA A 127 -8.87 -25.62 -25.75
N ARG A 128 -8.63 -26.93 -25.85
CA ARG A 128 -7.45 -27.55 -25.22
C ARG A 128 -6.17 -27.32 -26.04
N THR A 129 -6.30 -27.16 -27.37
CA THR A 129 -5.14 -27.06 -28.23
C THR A 129 -5.38 -26.00 -29.31
N GLY A 130 -4.30 -25.64 -30.00
CA GLY A 130 -4.37 -24.79 -31.19
C GLY A 130 -5.35 -25.30 -32.23
N GLU A 131 -5.30 -26.61 -32.53
CA GLU A 131 -6.07 -27.20 -33.62
C GLU A 131 -7.57 -27.26 -33.24
N GLU A 132 -7.87 -27.58 -31.98
CA GLU A 132 -9.25 -27.55 -31.54
C GLU A 132 -9.78 -26.13 -31.65
N SER A 133 -8.94 -25.16 -31.29
CA SER A 133 -9.35 -23.77 -31.23
C SER A 133 -9.61 -23.26 -32.66
N LYS A 134 -8.74 -23.64 -33.58
CA LYS A 134 -8.90 -23.34 -35.00
C LYS A 134 -10.27 -23.80 -35.53
N ALA A 135 -10.69 -25.02 -35.17
CA ALA A 135 -11.93 -25.54 -35.71
C ALA A 135 -13.11 -24.71 -35.19
N MET A 136 -12.99 -24.21 -33.96
CA MET A 136 -14.02 -23.35 -33.40
C MET A 136 -14.04 -22.01 -34.16
N TYR A 137 -12.89 -21.42 -34.38
CA TYR A 137 -12.81 -20.18 -35.21
C TYR A 137 -13.37 -20.42 -36.63
N ASP A 138 -12.96 -21.52 -37.27
CA ASP A 138 -13.40 -21.79 -38.65
C ASP A 138 -14.93 -21.92 -38.71
N ALA A 139 -15.55 -22.42 -37.63
CA ALA A 139 -16.96 -22.67 -37.62
C ALA A 139 -17.79 -21.39 -37.50
N VAL A 140 -17.24 -20.27 -36.98
CA VAL A 140 -17.99 -19.03 -36.72
C VAL A 140 -17.55 -17.90 -37.65
N LYS A 141 -16.35 -17.98 -38.26
CA LYS A 141 -15.74 -16.79 -38.84
C LYS A 141 -16.58 -16.26 -40.01
N ASP A 142 -17.24 -17.14 -40.76
CA ASP A 142 -18.01 -16.76 -41.94
C ASP A 142 -19.53 -16.75 -41.65
N LYS A 143 -19.95 -16.83 -40.39
CA LYS A 143 -21.37 -16.74 -40.07
C LYS A 143 -21.67 -15.34 -39.54
N ASN A 144 -22.94 -14.98 -39.58
CA ASN A 144 -23.39 -13.71 -39.12
C ASN A 144 -23.84 -13.87 -37.66
N ILE A 145 -22.92 -14.30 -36.80
CA ILE A 145 -23.24 -14.47 -35.39
C ILE A 145 -22.16 -13.73 -34.59
N VAL A 146 -22.52 -13.32 -33.38
CA VAL A 146 -21.60 -12.80 -32.43
C VAL A 146 -20.96 -13.99 -31.70
N HIS A 147 -19.61 -13.97 -31.65
CA HIS A 147 -18.86 -14.95 -30.89
C HIS A 147 -17.87 -14.23 -29.97
N MET A 148 -17.70 -14.80 -28.77
CA MET A 148 -16.96 -14.14 -27.70
C MET A 148 -16.28 -15.19 -26.82
N VAL A 149 -15.05 -14.90 -26.41
CA VAL A 149 -14.34 -15.72 -25.44
C VAL A 149 -14.28 -14.93 -24.12
N ALA A 150 -14.52 -15.57 -22.99
CA ALA A 150 -14.84 -14.84 -21.72
C ALA A 150 -13.57 -14.44 -20.94
N PHE A 151 -12.73 -13.63 -21.57
CA PHE A 151 -11.60 -12.96 -20.91
C PHE A 151 -12.11 -11.70 -20.21
N ASN A 152 -12.81 -11.92 -19.09
CA ASN A 152 -13.55 -10.88 -18.41
C ASN A 152 -12.66 -9.84 -17.74
N TYR A 153 -11.39 -10.17 -17.40
CA TYR A 153 -10.57 -9.26 -16.58
C TYR A 153 -10.18 -8.00 -17.37
N ARG A 154 -10.25 -8.04 -18.71
CA ARG A 154 -9.98 -6.85 -19.54
C ARG A 154 -11.12 -5.84 -19.41
N ARG A 155 -12.28 -6.27 -18.91
CA ARG A 155 -13.37 -5.39 -18.65
C ARG A 155 -13.45 -5.01 -17.17
N THR A 156 -12.41 -5.30 -16.39
CA THR A 156 -12.27 -4.59 -15.12
C THR A 156 -12.23 -3.10 -15.46
N PRO A 157 -13.04 -2.20 -14.85
CA PRO A 157 -12.99 -0.80 -15.25
C PRO A 157 -11.58 -0.18 -15.23
N ALA A 158 -10.75 -0.59 -14.26
CA ALA A 158 -9.40 -0.11 -14.19
C ALA A 158 -8.62 -0.50 -15.44
N VAL A 159 -8.87 -1.68 -16.03
CA VAL A 159 -8.08 -2.13 -17.21
C VAL A 159 -8.57 -1.38 -18.45
N ALA A 160 -9.87 -1.12 -18.53
CA ALA A 160 -10.43 -0.28 -19.59
C ALA A 160 -9.87 1.14 -19.50
N LEU A 161 -9.74 1.68 -18.28
CA LEU A 161 -9.12 3.03 -18.05
C LEU A 161 -7.66 3.05 -18.51
N ALA A 162 -6.95 1.97 -18.21
CA ALA A 162 -5.57 1.82 -18.73
C ALA A 162 -5.57 1.91 -20.28
N LYS A 163 -6.47 1.17 -20.92
CA LYS A 163 -6.59 1.18 -22.35
C LYS A 163 -6.83 2.60 -22.86
N LYS A 164 -7.76 3.31 -22.19
CA LYS A 164 -8.03 4.68 -22.53
C LYS A 164 -6.76 5.54 -22.48
N TYR A 165 -6.02 5.49 -21.36
CA TYR A 165 -4.82 6.29 -21.23
C TYR A 165 -3.89 5.98 -22.40
N ILE A 166 -3.70 4.69 -22.68
CA ILE A 166 -2.75 4.24 -23.69
C ILE A 166 -3.16 4.79 -25.07
N GLU A 167 -4.45 4.63 -25.42
CA GLU A 167 -4.91 4.95 -26.76
C GLU A 167 -4.95 6.47 -26.93
N GLU A 168 -5.08 7.24 -25.84
CA GLU A 168 -4.93 8.70 -25.91
C GLU A 168 -3.49 9.17 -26.12
N GLY A 169 -2.50 8.30 -25.93
CA GLY A 169 -1.08 8.70 -25.95
C GLY A 169 -0.59 9.23 -24.60
N ALA A 170 -1.37 9.05 -23.52
CA ALA A 170 -1.06 9.70 -22.25
C ALA A 170 0.17 9.06 -21.57
N ILE A 171 0.62 7.87 -21.96
CA ILE A 171 1.92 7.37 -21.45
C ILE A 171 2.94 7.20 -22.59
N GLY A 172 2.65 7.78 -23.77
CA GLY A 172 3.60 7.73 -24.87
C GLY A 172 3.58 6.36 -25.53
N ARG A 173 4.70 5.98 -26.13
CA ARG A 173 4.86 4.70 -26.79
C ARG A 173 5.23 3.67 -25.71
N ILE A 174 4.67 2.45 -25.82
CA ILE A 174 4.99 1.38 -24.84
C ILE A 174 6.33 0.75 -25.20
N LEU A 175 7.20 0.68 -24.19
CA LEU A 175 8.49 0.05 -24.24
C LEU A 175 8.41 -1.39 -23.71
N SER A 176 7.75 -1.57 -22.56
CA SER A 176 7.90 -2.79 -21.76
C SER A 176 6.61 -3.11 -21.01
N PHE A 177 6.30 -4.41 -20.94
CA PHE A 177 5.12 -4.91 -20.23
C PHE A 177 5.52 -6.11 -19.35
N ARG A 178 5.00 -6.11 -18.10
CA ARG A 178 5.12 -7.23 -17.20
C ARG A 178 3.71 -7.61 -16.74
N GLY A 179 3.37 -8.90 -16.85
CA GLY A 179 2.11 -9.40 -16.40
C GLY A 179 2.27 -10.65 -15.55
N THR A 180 1.44 -10.76 -14.51
CA THR A 180 1.40 -11.94 -13.68
C THR A 180 -0.04 -12.39 -13.47
N TYR A 181 -0.16 -13.68 -13.17
CA TYR A 181 -1.33 -14.26 -12.53
C TYR A 181 -0.79 -15.29 -11.53
N LEU A 182 -0.72 -14.88 -10.26
CA LEU A 182 -0.22 -15.72 -9.17
C LEU A 182 -1.39 -16.15 -8.30
N GLN A 183 -1.49 -17.48 -8.11
CA GLN A 183 -2.48 -18.08 -7.24
C GLN A 183 -1.78 -19.07 -6.30
N ASP A 184 -2.53 -19.54 -5.31
CA ASP A 184 -2.02 -20.57 -4.40
C ASP A 184 -3.06 -21.63 -4.01
N TRP A 185 -4.21 -21.74 -4.69
CA TRP A 185 -5.31 -22.65 -4.25
C TRP A 185 -4.87 -24.13 -4.31
N SER A 186 -3.90 -24.47 -5.15
CA SER A 186 -3.39 -25.86 -5.15
C SER A 186 -1.94 -25.93 -4.66
N ALA A 187 -1.49 -24.94 -3.88
CA ALA A 187 -0.09 -24.94 -3.39
C ALA A 187 0.15 -26.13 -2.43
N ASP A 188 -0.90 -26.61 -1.79
CA ASP A 188 -0.86 -27.80 -0.95
C ASP A 188 -0.88 -29.05 -1.82
N PRO A 189 0.12 -29.96 -1.74
CA PRO A 189 0.13 -31.19 -2.53
C PRO A 189 -0.96 -32.23 -2.23
N ASN A 190 -1.75 -32.03 -1.17
CA ASN A 190 -2.90 -32.90 -0.86
C ASN A 190 -4.18 -32.37 -1.55
N SER A 191 -4.11 -31.20 -2.20
CA SER A 191 -5.24 -30.76 -3.01
C SER A 191 -5.40 -31.77 -4.16
N PRO A 192 -6.63 -32.26 -4.41
CA PRO A 192 -6.89 -33.40 -5.29
C PRO A 192 -6.74 -33.13 -6.80
N LEU A 193 -6.58 -34.22 -7.55
CA LEU A 193 -6.37 -34.18 -8.99
C LEU A 193 -7.70 -33.95 -9.73
N SER A 194 -8.22 -32.73 -9.63
CA SER A 194 -9.38 -32.28 -10.40
C SER A 194 -9.04 -32.19 -11.90
N TRP A 195 -10.03 -31.82 -12.73
CA TRP A 195 -9.85 -31.80 -14.23
C TRP A 195 -8.77 -30.79 -14.65
N ARG A 196 -8.56 -29.76 -13.83
CA ARG A 196 -7.64 -28.69 -14.14
C ARG A 196 -6.19 -29.21 -14.15
N PHE A 197 -5.97 -30.40 -13.59
CA PHE A 197 -4.65 -31.01 -13.50
C PHE A 197 -4.49 -32.15 -14.51
N GLN A 198 -5.49 -32.38 -15.36
CA GLN A 198 -5.45 -33.54 -16.27
C GLN A 198 -5.38 -33.04 -17.71
N LYS A 199 -4.24 -33.28 -18.38
CA LYS A 199 -4.00 -32.70 -19.70
C LYS A 199 -5.14 -33.03 -20.68
N SER A 200 -5.70 -34.25 -20.63
CA SER A 200 -6.68 -34.64 -21.64
C SER A 200 -8.00 -33.86 -21.49
N ILE A 201 -8.27 -33.28 -20.31
CA ILE A 201 -9.45 -32.46 -20.11
C ILE A 201 -9.10 -30.97 -20.28
N ALA A 202 -8.02 -30.50 -19.64
CA ALA A 202 -7.68 -29.06 -19.54
C ALA A 202 -6.88 -28.56 -20.75
N GLY A 203 -6.06 -29.44 -21.34
CA GLY A 203 -5.09 -29.06 -22.37
C GLY A 203 -3.75 -28.63 -21.78
N SER A 204 -3.78 -27.83 -20.70
CA SER A 204 -2.58 -27.36 -20.02
C SER A 204 -3.00 -26.90 -18.61
N GLY A 205 -2.04 -26.47 -17.77
CA GLY A 205 -2.41 -26.17 -16.37
C GLY A 205 -2.58 -24.68 -16.16
N ALA A 206 -1.60 -24.09 -15.48
CA ALA A 206 -1.57 -22.61 -15.23
C ALA A 206 -1.60 -21.83 -16.56
N LEU A 207 -0.85 -22.29 -17.56
CA LEU A 207 -0.81 -21.68 -18.86
C LEU A 207 -2.23 -21.44 -19.40
N GLY A 208 -3.03 -22.51 -19.59
CA GLY A 208 -4.33 -22.35 -20.22
C GLY A 208 -5.36 -21.77 -19.26
N ASP A 209 -5.21 -22.11 -17.97
CA ASP A 209 -6.24 -21.76 -16.99
C ASP A 209 -6.20 -20.28 -16.60
N ILE A 210 -4.99 -19.72 -16.42
CA ILE A 210 -4.85 -18.34 -15.89
C ILE A 210 -3.85 -17.48 -16.71
N ALA A 211 -2.78 -18.04 -17.29
CA ALA A 211 -1.86 -17.19 -18.06
C ALA A 211 -2.62 -16.57 -19.25
N THR A 212 -3.61 -17.30 -19.78
CA THR A 212 -4.38 -16.85 -20.94
C THR A 212 -5.03 -15.50 -20.62
N HIS A 213 -5.48 -15.31 -19.38
CA HIS A 213 -6.09 -14.05 -18.98
C HIS A 213 -5.11 -12.89 -19.14
N VAL A 214 -3.83 -13.12 -18.79
CA VAL A 214 -2.77 -12.09 -18.82
C VAL A 214 -2.33 -11.88 -20.27
N ILE A 215 -2.29 -12.99 -21.04
CA ILE A 215 -1.95 -12.91 -22.43
C ILE A 215 -2.99 -12.06 -23.17
N ASP A 216 -4.27 -12.29 -22.89
CA ASP A 216 -5.31 -11.39 -23.42
C ASP A 216 -5.06 -9.91 -23.03
N MET A 217 -4.75 -9.65 -21.75
CA MET A 217 -4.51 -8.28 -21.31
C MET A 217 -3.36 -7.62 -22.08
N ALA A 218 -2.26 -8.37 -22.23
CA ALA A 218 -1.13 -7.94 -23.02
C ALA A 218 -1.53 -7.61 -24.47
N ARG A 219 -2.28 -8.49 -25.14
CA ARG A 219 -2.77 -8.23 -26.49
C ARG A 219 -3.65 -6.98 -26.54
N TYR A 220 -4.54 -6.81 -25.55
CA TYR A 220 -5.46 -5.68 -25.50
C TYR A 220 -4.72 -4.37 -25.26
N LEU A 221 -3.77 -4.36 -24.31
CA LEU A 221 -3.13 -3.12 -23.91
C LEU A 221 -1.90 -2.82 -24.78
N VAL A 222 -1.16 -3.85 -25.23
CA VAL A 222 0.12 -3.60 -25.83
C VAL A 222 0.00 -3.88 -27.33
N GLY A 223 -0.41 -5.10 -27.70
CA GLY A 223 -0.52 -5.47 -29.11
C GLY A 223 -0.14 -6.92 -29.32
N GLU A 224 0.03 -7.31 -30.59
CA GLU A 224 0.18 -8.71 -30.91
C GLU A 224 1.56 -9.22 -30.47
N PHE A 225 1.62 -10.51 -30.17
CA PHE A 225 2.87 -11.14 -29.81
C PHE A 225 3.59 -11.58 -31.07
N SER A 226 4.89 -11.30 -31.13
CA SER A 226 5.70 -11.72 -32.26
C SER A 226 6.39 -13.06 -31.95
N ALA A 227 7.02 -13.18 -30.78
CA ALA A 227 7.78 -14.36 -30.36
C ALA A 227 7.71 -14.50 -28.84
N VAL A 228 7.91 -15.73 -28.37
CA VAL A 228 7.95 -16.06 -26.97
C VAL A 228 9.16 -16.96 -26.72
N ASN A 229 9.68 -16.92 -25.48
CA ASN A 229 10.66 -17.84 -24.98
C ASN A 229 10.32 -18.18 -23.53
N ALA A 230 10.15 -19.46 -23.26
CA ALA A 230 9.44 -19.87 -22.06
C ALA A 230 10.09 -21.04 -21.31
N VAL A 231 9.68 -21.15 -20.05
CA VAL A 231 9.98 -22.22 -19.14
C VAL A 231 8.68 -22.62 -18.43
N LEU A 232 8.32 -23.90 -18.51
CA LEU A 232 7.17 -24.47 -17.83
C LEU A 232 7.71 -25.33 -16.69
N SER A 233 7.04 -25.28 -15.53
CA SER A 233 7.44 -26.03 -14.35
C SER A 233 6.22 -26.76 -13.76
N THR A 234 6.44 -28.01 -13.33
CA THR A 234 5.50 -28.75 -12.49
C THR A 234 6.17 -28.99 -11.13
N TRP A 235 5.61 -28.44 -10.04
CA TRP A 235 6.19 -28.55 -8.70
C TRP A 235 5.61 -29.74 -7.91
N ILE A 236 4.34 -30.06 -8.14
CA ILE A 236 3.63 -31.15 -7.44
C ILE A 236 3.15 -32.16 -8.49
N PRO A 237 3.99 -33.18 -8.82
CA PRO A 237 3.73 -34.04 -9.99
C PRO A 237 2.74 -35.20 -9.79
N GLU A 238 2.20 -35.33 -8.59
CA GLU A 238 1.19 -36.32 -8.25
C GLU A 238 0.27 -35.72 -7.21
N ARG A 239 -1.01 -36.11 -7.23
CA ARG A 239 -1.98 -35.65 -6.22
C ARG A 239 -2.94 -36.78 -5.88
N PRO A 240 -3.64 -36.73 -4.72
CA PRO A 240 -4.75 -37.67 -4.45
C PRO A 240 -5.78 -37.63 -5.60
N LEU A 241 -6.89 -38.40 -5.52
CA LEU A 241 -7.87 -38.47 -6.64
C LEU A 241 -9.23 -37.85 -6.26
N GLY A 257 -5.60 -43.00 -1.63
CA GLY A 257 -4.42 -43.85 -1.53
C GLY A 257 -3.54 -43.70 -2.77
N PRO A 258 -4.05 -44.07 -3.98
CA PRO A 258 -3.26 -43.92 -5.20
C PRO A 258 -3.26 -42.44 -5.65
N LYS A 259 -2.18 -42.08 -6.32
CA LYS A 259 -1.97 -40.73 -6.82
C LYS A 259 -1.83 -40.79 -8.34
N GLY A 260 -2.70 -40.03 -9.03
CA GLY A 260 -2.58 -39.92 -10.48
C GLY A 260 -1.57 -38.84 -10.85
N PRO A 261 -0.93 -38.93 -12.01
CA PRO A 261 0.08 -37.94 -12.31
C PRO A 261 -0.65 -36.61 -12.59
N VAL A 262 0.03 -35.52 -12.26
CA VAL A 262 -0.28 -34.22 -12.80
C VAL A 262 0.57 -34.10 -14.06
N ASP A 263 -0.07 -34.02 -15.22
CA ASP A 263 0.67 -34.02 -16.50
C ASP A 263 0.50 -32.67 -17.22
N VAL A 264 0.30 -31.61 -16.42
CA VAL A 264 0.27 -30.23 -16.92
C VAL A 264 1.28 -29.41 -16.09
N ASP A 265 1.53 -28.18 -16.55
CA ASP A 265 2.33 -27.14 -15.84
C ASP A 265 1.63 -26.56 -14.60
N ASP A 266 2.40 -26.39 -13.51
CA ASP A 266 1.95 -25.63 -12.35
C ASP A 266 2.26 -24.13 -12.53
N GLU A 267 3.21 -23.82 -13.41
CA GLU A 267 3.77 -22.50 -13.47
C GLU A 267 4.36 -22.29 -14.86
N VAL A 268 4.23 -21.06 -15.35
CA VAL A 268 4.80 -20.68 -16.60
C VAL A 268 5.46 -19.32 -16.43
N MET A 269 6.62 -19.17 -17.04
CA MET A 269 7.16 -17.87 -17.28
C MET A 269 7.61 -17.79 -18.74
N THR A 270 7.40 -16.61 -19.33
CA THR A 270 7.77 -16.41 -20.72
C THR A 270 8.17 -14.95 -20.95
N MET A 271 9.27 -14.79 -21.67
CA MET A 271 9.60 -13.55 -22.30
C MET A 271 8.80 -13.44 -23.60
N ILE A 272 8.60 -12.18 -24.04
CA ILE A 272 7.75 -11.82 -25.15
C ILE A 272 8.46 -10.72 -25.96
N ARG A 273 8.46 -10.90 -27.27
CA ARG A 273 8.66 -9.82 -28.24
C ARG A 273 7.30 -9.47 -28.83
N PHE A 274 6.91 -8.20 -28.72
CA PHE A 274 5.67 -7.73 -29.29
C PHE A 274 5.93 -7.30 -30.74
N ALA A 275 4.93 -7.44 -31.61
CA ALA A 275 5.09 -7.08 -33.01
C ALA A 275 5.43 -5.59 -33.16
N ASN A 276 4.95 -4.74 -32.24
CA ASN A 276 5.24 -3.30 -32.28
C ASN A 276 6.64 -2.96 -31.73
N GLY A 277 7.45 -3.95 -31.33
CA GLY A 277 8.83 -3.66 -30.88
C GLY A 277 8.96 -3.54 -29.37
N ALA A 278 7.83 -3.55 -28.62
CA ALA A 278 7.93 -3.60 -27.16
C ALA A 278 8.42 -4.98 -26.74
N VAL A 279 8.92 -5.08 -25.51
CA VAL A 279 9.31 -6.36 -24.93
C VAL A 279 8.45 -6.58 -23.68
N GLY A 280 8.44 -7.82 -23.21
CA GLY A 280 7.83 -8.04 -21.90
C GLY A 280 7.91 -9.47 -21.44
N SER A 281 7.14 -9.77 -20.39
CA SER A 281 7.11 -11.10 -19.83
C SER A 281 5.80 -11.31 -19.07
N VAL A 282 5.42 -12.59 -19.00
CA VAL A 282 4.26 -13.06 -18.27
C VAL A 282 4.66 -14.23 -17.37
N GLU A 283 4.12 -14.23 -16.16
CA GLU A 283 4.40 -15.30 -15.21
C GLU A 283 3.09 -15.65 -14.51
N ALA A 284 2.74 -16.95 -14.52
CA ALA A 284 1.57 -17.47 -13.88
C ALA A 284 1.98 -18.71 -13.09
N THR A 285 1.34 -18.90 -11.93
CA THR A 285 1.61 -20.05 -11.10
C THR A 285 0.40 -20.34 -10.22
N ARG A 286 0.29 -21.63 -9.84
CA ARG A 286 -0.64 -22.11 -8.83
C ARG A 286 0.04 -22.27 -7.46
N ASN A 287 1.33 -21.90 -7.38
CA ASN A 287 2.15 -22.29 -6.24
C ASN A 287 2.86 -21.06 -5.62
N ALA A 288 2.09 -20.00 -5.36
CA ALA A 288 2.64 -18.78 -4.71
C ALA A 288 1.84 -18.47 -3.44
N HIS A 289 2.28 -19.03 -2.30
CA HIS A 289 1.58 -18.80 -1.01
C HIS A 289 1.46 -17.29 -0.80
N GLY A 290 0.26 -16.86 -0.39
CA GLY A 290 -0.04 -15.48 -0.14
C GLY A 290 -0.67 -14.76 -1.33
N ARG A 291 -0.51 -15.32 -2.54
CA ARG A 291 -1.09 -14.83 -3.79
C ARG A 291 -2.40 -15.60 -4.09
N ASN A 292 -3.52 -14.87 -4.13
CA ASN A 292 -4.84 -15.49 -4.24
C ASN A 292 -5.42 -15.38 -5.66
N ASN A 293 -5.57 -14.14 -6.15
CA ASN A 293 -6.08 -13.90 -7.49
C ASN A 293 -5.31 -12.68 -8.04
N TYR A 294 -3.99 -12.82 -7.99
CA TYR A 294 -3.07 -11.73 -8.23
C TYR A 294 -2.77 -11.66 -9.73
N ILE A 295 -3.75 -11.17 -10.47
CA ILE A 295 -3.49 -10.81 -11.85
C ILE A 295 -3.13 -9.33 -11.88
N THR A 296 -1.92 -9.08 -12.36
CA THR A 296 -1.32 -7.75 -12.34
C THR A 296 -0.65 -7.43 -13.69
N PHE A 297 -0.44 -6.14 -13.93
CA PHE A 297 0.55 -5.76 -14.90
C PHE A 297 1.23 -4.47 -14.46
N GLU A 298 2.37 -4.26 -15.09
CA GLU A 298 3.12 -3.01 -15.09
C GLU A 298 3.56 -2.72 -16.53
N ILE A 299 3.21 -1.51 -17.01
CA ILE A 299 3.57 -1.07 -18.37
C ILE A 299 4.43 0.19 -18.25
N HIS A 300 5.53 0.20 -18.98
CA HIS A 300 6.41 1.35 -19.06
C HIS A 300 6.31 1.94 -20.45
N GLY A 301 5.81 3.18 -20.54
CA GLY A 301 5.80 3.99 -21.76
C GLY A 301 6.87 5.06 -21.71
N THR A 302 7.03 5.78 -22.83
CA THR A 302 8.04 6.80 -22.95
C THR A 302 7.63 8.00 -22.11
N GLU A 303 6.34 8.11 -21.76
CA GLU A 303 5.85 9.32 -21.09
C GLU A 303 5.06 8.98 -19.81
N GLY A 304 5.10 7.72 -19.39
CA GLY A 304 4.43 7.39 -18.15
C GLY A 304 4.36 5.89 -17.97
N SER A 305 3.82 5.50 -16.81
CA SER A 305 3.71 4.08 -16.44
C SER A 305 2.32 3.81 -15.86
N ILE A 306 1.92 2.54 -15.97
CA ILE A 306 0.65 2.07 -15.45
C ILE A 306 0.86 0.75 -14.72
N VAL A 307 0.23 0.65 -13.54
CA VAL A 307 0.32 -0.54 -12.74
C VAL A 307 -1.08 -0.90 -12.25
N PHE A 308 -1.39 -2.20 -12.34
CA PHE A 308 -2.72 -2.72 -12.01
C PHE A 308 -2.57 -4.00 -11.19
N ASN A 309 -3.39 -4.08 -10.14
CA ASN A 309 -3.44 -5.28 -9.25
C ASN A 309 -4.90 -5.63 -8.99
N TYR A 310 -5.37 -6.78 -9.54
CA TYR A 310 -6.77 -7.16 -9.49
C TYR A 310 -7.21 -7.43 -8.04
N GLU A 311 -6.26 -7.75 -7.14
CA GLU A 311 -6.63 -7.98 -5.72
C GLU A 311 -7.10 -6.65 -5.10
N ARG A 312 -6.73 -5.54 -5.77
CA ARG A 312 -7.22 -4.19 -5.48
C ARG A 312 -7.81 -3.58 -6.77
N ARG A 313 -8.77 -4.31 -7.38
CA ARG A 313 -9.22 -4.04 -8.79
C ARG A 313 -9.86 -2.65 -8.95
N ASP A 314 -10.32 -2.03 -7.85
CA ASP A 314 -10.92 -0.69 -7.90
C ASP A 314 -9.90 0.40 -8.29
N GLU A 315 -8.59 0.11 -8.17
CA GLU A 315 -7.51 1.05 -8.32
C GLU A 315 -6.79 0.85 -9.66
N LEU A 316 -6.46 1.95 -10.33
CA LEU A 316 -5.40 1.93 -11.30
C LEU A 316 -4.31 2.89 -10.87
N GLN A 317 -3.04 2.47 -10.94
CA GLN A 317 -1.92 3.32 -10.63
C GLN A 317 -1.35 3.88 -11.94
N VAL A 318 -1.19 5.21 -12.04
CA VAL A 318 -0.61 5.82 -13.28
C VAL A 318 0.35 6.95 -12.88
N ALA A 319 1.54 6.91 -13.48
CA ALA A 319 2.55 7.93 -13.32
C ALA A 319 2.76 8.64 -14.67
N PHE A 320 2.63 9.97 -14.67
CA PHE A 320 2.78 10.76 -15.88
C PHE A 320 4.10 11.51 -15.80
N ALA A 321 4.97 11.38 -16.83
CA ALA A 321 6.23 12.13 -16.89
C ALA A 321 5.99 13.66 -16.91
N SER A 322 4.79 14.08 -17.33
CA SER A 322 4.44 15.48 -17.53
C SER A 322 4.19 16.19 -16.20
N ASP A 323 4.03 15.45 -15.09
CA ASP A 323 3.79 16.11 -13.83
C ASP A 323 5.00 17.00 -13.49
N GLN A 324 4.79 18.08 -12.75
CA GLN A 324 5.88 18.95 -12.31
C GLN A 324 6.85 18.14 -11.43
N ALA A 325 8.14 18.47 -11.53
CA ALA A 325 9.25 17.69 -10.98
C ALA A 325 9.08 17.42 -9.48
N ASP A 326 8.43 18.31 -8.74
CA ASP A 326 8.28 18.13 -7.30
C ASP A 326 6.97 17.45 -6.89
N ARG A 327 6.18 16.92 -7.85
CA ARG A 327 4.93 16.28 -7.55
C ARG A 327 4.65 15.19 -8.59
N ARG A 328 5.70 14.43 -8.93
CA ARG A 328 5.57 13.27 -9.80
C ARG A 328 5.51 11.99 -8.98
N GLY A 329 4.78 11.03 -9.56
CA GLY A 329 4.63 9.70 -8.99
C GLY A 329 3.37 9.03 -9.48
N PHE A 330 3.19 7.77 -9.05
CA PHE A 330 1.99 7.05 -9.34
C PHE A 330 0.82 7.67 -8.57
N ARG A 331 -0.23 8.01 -9.32
CA ARG A 331 -1.52 8.32 -8.80
C ARG A 331 -2.33 7.03 -8.68
N THR A 332 -2.98 6.88 -7.53
CA THR A 332 -3.95 5.83 -7.30
C THR A 332 -5.33 6.36 -7.68
N VAL A 333 -5.82 5.90 -8.83
CA VAL A 333 -7.12 6.31 -9.34
C VAL A 333 -8.18 5.22 -9.09
N TYR A 334 -9.25 5.57 -8.36
CA TYR A 334 -10.36 4.68 -8.07
C TYR A 334 -11.44 4.88 -9.14
N THR A 335 -11.89 3.78 -9.76
CA THR A 335 -12.79 3.84 -10.91
C THR A 335 -14.23 4.10 -10.45
N GLY A 336 -14.92 4.91 -11.23
CA GLY A 336 -16.30 5.32 -10.98
C GLY A 336 -16.95 5.91 -12.23
N PRO A 337 -17.94 6.82 -12.05
CA PRO A 337 -18.67 7.43 -13.15
C PRO A 337 -17.78 8.08 -14.23
N ALA A 338 -16.62 8.64 -13.85
CA ALA A 338 -15.81 9.37 -14.82
C ALA A 338 -15.01 8.43 -15.74
N HIS A 339 -14.96 7.14 -15.42
CA HIS A 339 -14.03 6.20 -16.09
C HIS A 339 -14.84 5.28 -17.01
N PRO A 340 -14.18 4.58 -17.97
CA PRO A 340 -14.87 3.69 -18.91
C PRO A 340 -15.85 2.74 -18.20
N TYR A 341 -17.05 2.63 -18.79
CA TYR A 341 -18.14 1.80 -18.32
C TYR A 341 -18.78 2.39 -17.08
N GLY A 342 -18.28 3.55 -16.61
CA GLY A 342 -18.74 4.09 -15.34
C GLY A 342 -20.25 4.37 -15.28
N GLU A 343 -20.86 4.68 -16.42
CA GLU A 343 -22.27 5.05 -16.50
C GLU A 343 -23.16 3.85 -16.10
N GLY A 344 -22.62 2.63 -16.18
CA GLY A 344 -23.36 1.45 -15.92
C GLY A 344 -23.09 0.86 -14.55
N LEU A 345 -22.30 1.52 -13.71
CA LEU A 345 -21.80 0.84 -12.54
C LEU A 345 -22.26 1.64 -11.31
N TRP A 346 -21.39 1.82 -10.31
CA TRP A 346 -21.84 2.43 -9.09
C TRP A 346 -21.64 3.95 -9.15
N PRO A 347 -22.45 4.72 -8.39
CA PRO A 347 -22.48 6.18 -8.49
C PRO A 347 -21.31 6.93 -7.84
N ILE A 348 -20.42 6.26 -7.10
CA ILE A 348 -19.19 6.88 -6.67
C ILE A 348 -18.05 5.88 -6.78
N PRO A 349 -16.80 6.38 -6.96
CA PRO A 349 -15.64 5.50 -6.97
C PRO A 349 -15.54 4.80 -5.61
N ALA A 350 -15.11 3.54 -5.66
CA ALA A 350 -14.80 2.74 -4.48
C ALA A 350 -16.07 2.31 -3.73
N LEU A 351 -17.27 2.46 -4.31
CA LEU A 351 -18.39 1.80 -3.71
C LEU A 351 -18.16 0.29 -3.83
N GLY A 352 -17.46 -0.13 -4.89
CA GLY A 352 -16.76 -1.40 -4.92
C GLY A 352 -17.17 -2.30 -6.06
N ILE A 353 -16.17 -2.55 -6.92
CA ILE A 353 -16.22 -3.49 -8.02
C ILE A 353 -15.77 -4.86 -7.51
N GLY A 354 -16.61 -5.87 -7.72
CA GLY A 354 -16.25 -7.27 -7.49
C GLY A 354 -16.11 -8.04 -8.79
N TYR A 355 -16.00 -9.36 -8.69
CA TYR A 355 -15.88 -10.20 -9.88
C TYR A 355 -17.09 -10.05 -10.81
N GLY A 356 -18.28 -9.96 -10.22
CA GLY A 356 -19.53 -10.03 -10.97
C GLY A 356 -19.66 -8.86 -11.92
N GLU A 357 -19.24 -7.67 -11.48
CA GLU A 357 -19.31 -6.50 -12.37
C GLU A 357 -18.53 -6.75 -13.68
N THR A 358 -17.40 -7.46 -13.59
CA THR A 358 -16.66 -7.78 -14.82
C THR A 358 -17.52 -8.66 -15.75
N LYS A 359 -18.28 -9.59 -15.19
CA LYS A 359 -19.14 -10.49 -16.01
C LYS A 359 -20.37 -9.73 -16.55
N ILE A 360 -20.83 -8.76 -15.76
CA ILE A 360 -21.92 -7.91 -16.16
C ILE A 360 -21.51 -7.06 -17.38
N ILE A 361 -20.31 -6.47 -17.36
CA ILE A 361 -19.83 -5.61 -18.44
C ILE A 361 -19.66 -6.48 -19.69
N GLU A 362 -19.01 -7.63 -19.53
CA GLU A 362 -18.90 -8.63 -20.58
C GLU A 362 -20.26 -8.92 -21.24
N ALA A 363 -21.28 -9.22 -20.41
CA ALA A 363 -22.60 -9.55 -20.95
C ALA A 363 -23.19 -8.34 -21.67
N HIS A 364 -22.95 -7.12 -21.13
CA HIS A 364 -23.50 -5.95 -21.74
C HIS A 364 -22.99 -5.81 -23.17
N ASP A 365 -21.68 -5.93 -23.35
CA ASP A 365 -21.05 -5.71 -24.67
C ASP A 365 -21.38 -6.82 -25.67
N PHE A 366 -21.52 -8.05 -25.17
CA PHE A 366 -21.97 -9.20 -25.95
C PHE A 366 -23.36 -8.92 -26.52
N PHE A 367 -24.31 -8.55 -25.65
CA PHE A 367 -25.69 -8.26 -26.05
C PHE A 367 -25.76 -7.00 -26.93
N LYS A 368 -24.92 -6.00 -26.68
CA LYS A 368 -24.87 -4.83 -27.55
C LYS A 368 -24.44 -5.23 -28.97
N ALA A 369 -23.41 -6.06 -29.09
CA ALA A 369 -23.02 -6.53 -30.41
C ALA A 369 -24.17 -7.29 -31.10
N ILE A 370 -24.88 -8.15 -30.36
CA ILE A 370 -25.99 -8.89 -30.96
C ILE A 370 -27.09 -7.93 -31.42
N ALA A 371 -27.51 -7.01 -30.54
CA ALA A 371 -28.56 -6.00 -30.83
C ALA A 371 -28.21 -5.15 -32.05
N GLU A 372 -26.93 -4.87 -32.26
CA GLU A 372 -26.52 -3.89 -33.23
C GLU A 372 -26.02 -4.59 -34.51
N GLY A 373 -26.00 -5.92 -34.52
CA GLY A 373 -25.43 -6.67 -35.66
C GLY A 373 -23.95 -6.40 -35.82
N GLY A 374 -23.26 -6.22 -34.69
CA GLY A 374 -21.83 -6.01 -34.70
C GLY A 374 -21.06 -7.26 -34.27
N SER A 375 -19.77 -7.10 -34.03
CA SER A 375 -18.97 -8.11 -33.39
C SER A 375 -18.43 -7.54 -32.07
N VAL A 376 -17.88 -8.43 -31.24
CA VAL A 376 -17.42 -8.06 -29.94
C VAL A 376 -15.95 -8.50 -29.83
N SER A 377 -15.19 -7.82 -28.96
CA SER A 377 -13.81 -8.15 -28.63
C SER A 377 -13.72 -8.53 -27.14
N PRO A 378 -13.06 -9.63 -26.78
CA PRO A 378 -12.35 -10.58 -27.63
C PRO A 378 -13.31 -11.65 -28.21
N SER A 379 -13.09 -11.97 -29.48
CA SER A 379 -13.94 -12.93 -30.20
C SER A 379 -13.24 -14.29 -30.22
N PHE A 380 -13.80 -15.26 -30.93
CA PHE A 380 -13.11 -16.53 -31.19
C PHE A 380 -11.81 -16.28 -31.94
N ALA A 381 -11.71 -15.21 -32.73
CA ALA A 381 -10.46 -14.90 -33.38
C ALA A 381 -9.37 -14.72 -32.32
N ASP A 382 -9.69 -13.94 -31.28
CA ASP A 382 -8.81 -13.65 -30.18
C ASP A 382 -8.49 -14.90 -29.35
N GLY A 383 -9.52 -15.72 -29.09
CA GLY A 383 -9.43 -17.00 -28.38
C GLY A 383 -8.45 -17.94 -29.04
N TYR A 384 -8.59 -18.01 -30.37
CA TYR A 384 -7.73 -18.82 -31.21
C TYR A 384 -6.30 -18.27 -31.20
N GLN A 385 -6.13 -16.94 -31.33
CA GLN A 385 -4.79 -16.33 -31.34
C GLN A 385 -4.11 -16.62 -30.00
N VAL A 386 -4.87 -16.60 -28.90
CA VAL A 386 -4.29 -16.92 -27.57
C VAL A 386 -3.88 -18.40 -27.51
N ALA A 387 -4.68 -19.30 -28.07
CA ALA A 387 -4.32 -20.74 -28.10
C ALA A 387 -3.03 -20.99 -28.89
N LEU A 388 -2.82 -20.19 -29.94
CA LEU A 388 -1.59 -20.31 -30.75
C LEU A 388 -0.37 -19.84 -29.95
N ILE A 389 -0.56 -18.80 -29.13
CA ILE A 389 0.46 -18.25 -28.26
C ILE A 389 0.80 -19.33 -27.23
N ASP A 390 -0.23 -19.94 -26.63
CA ASP A 390 -0.02 -21.03 -25.69
C ASP A 390 0.80 -22.15 -26.32
N ASP A 391 0.44 -22.55 -27.54
CA ASP A 391 1.21 -23.62 -28.19
C ASP A 391 2.65 -23.18 -28.45
N ALA A 392 2.87 -21.91 -28.82
CA ALA A 392 4.22 -21.40 -29.08
C ALA A 392 5.06 -21.45 -27.78
N ILE A 393 4.43 -21.10 -26.65
CA ILE A 393 5.03 -21.16 -25.32
C ILE A 393 5.47 -22.60 -25.00
N VAL A 394 4.58 -23.56 -25.25
CA VAL A 394 4.82 -24.99 -24.97
C VAL A 394 6.02 -25.48 -25.81
N GLU A 395 6.01 -25.11 -27.10
CA GLU A 395 7.05 -25.47 -28.05
C GLU A 395 8.38 -24.83 -27.63
N SER A 396 8.32 -23.55 -27.25
CA SER A 396 9.48 -22.82 -26.82
C SER A 396 10.12 -23.53 -25.62
N ALA A 397 9.27 -23.93 -24.65
CA ALA A 397 9.76 -24.56 -23.39
C ALA A 397 10.48 -25.87 -23.69
N ALA A 398 9.90 -26.65 -24.61
CA ALA A 398 10.40 -27.97 -24.94
C ALA A 398 11.70 -27.85 -25.75
N LYS A 399 11.79 -26.86 -26.65
CA LYS A 399 12.96 -26.66 -27.48
C LYS A 399 13.97 -25.74 -26.81
N GLU A 400 13.61 -25.07 -25.71
CA GLU A 400 14.50 -24.10 -25.02
C GLU A 400 14.98 -23.02 -25.99
N SER A 401 14.06 -22.51 -26.81
CA SER A 401 14.42 -21.50 -27.80
C SER A 401 13.23 -20.61 -28.11
N TRP A 402 13.51 -19.45 -28.72
CA TRP A 402 12.48 -18.55 -29.16
C TRP A 402 11.62 -19.21 -30.23
N VAL A 403 10.30 -19.05 -30.08
CA VAL A 403 9.36 -19.48 -31.07
C VAL A 403 8.53 -18.29 -31.53
N ASP A 404 8.45 -18.10 -32.86
CA ASP A 404 7.55 -17.12 -33.48
C ASP A 404 6.10 -17.53 -33.27
N VAL A 405 5.26 -16.55 -32.97
CA VAL A 405 3.85 -16.84 -32.74
C VAL A 405 3.12 -16.80 -34.09
N PRO A 406 2.51 -17.92 -34.54
CA PRO A 406 1.79 -17.91 -35.79
C PRO A 406 0.56 -17.00 -35.67
N GLN A 407 0.24 -16.28 -36.75
CA GLN A 407 -0.96 -15.47 -36.79
C GLN A 407 -2.14 -16.32 -37.32
N ILE A 408 -3.33 -16.09 -36.77
CA ILE A 408 -4.55 -16.88 -37.08
C ILE A 408 -4.80 -16.87 -38.59
N MET B 21 34.76 28.79 6.75
CA MET B 21 33.86 27.93 7.59
C MET B 21 34.31 27.97 9.05
N GLN B 22 33.50 28.57 9.93
CA GLN B 22 33.91 28.68 11.30
C GLN B 22 33.54 27.37 12.00
N ASN B 23 34.38 26.97 12.96
CA ASN B 23 34.12 25.86 13.85
C ASN B 23 33.10 26.29 14.89
N LEU B 24 32.14 25.43 15.19
CA LEU B 24 31.23 25.71 16.27
C LEU B 24 31.30 24.55 17.24
N ASN B 25 31.71 24.85 18.48
CA ASN B 25 31.99 23.84 19.52
C ASN B 25 30.72 23.46 20.25
N VAL B 26 30.41 22.16 20.16
CA VAL B 26 29.21 21.57 20.71
C VAL B 26 29.58 20.90 22.02
N GLY B 27 28.84 21.23 23.07
CA GLY B 27 28.74 20.40 24.26
C GLY B 27 27.42 19.67 24.33
N LEU B 28 27.47 18.34 24.19
CA LEU B 28 26.31 17.44 24.25
C LEU B 28 26.18 16.89 25.67
N ILE B 29 24.98 17.02 26.24
CA ILE B 29 24.64 16.52 27.54
C ILE B 29 23.63 15.37 27.41
N GLY B 30 24.10 14.14 27.62
CA GLY B 30 23.30 12.95 27.41
C GLY B 30 23.90 12.15 26.27
N GLY B 31 24.21 10.88 26.53
CA GLY B 31 24.79 10.01 25.53
C GLY B 31 23.99 8.74 25.33
N GLY B 32 22.66 8.78 25.55
CA GLY B 32 21.79 7.62 25.34
C GLY B 32 21.31 7.55 23.90
N PHE B 33 20.00 7.34 23.72
CA PHE B 33 19.42 7.24 22.33
C PHE B 33 19.65 8.56 21.57
N MET B 34 19.18 9.68 22.12
CA MET B 34 19.31 10.93 21.38
C MET B 34 20.80 11.36 21.24
N GLY B 35 21.62 11.08 22.26
CA GLY B 35 23.06 11.29 22.15
C GLY B 35 23.64 10.74 20.85
N LYS B 36 23.27 9.52 20.51
CA LYS B 36 23.78 8.89 19.32
C LYS B 36 23.25 9.58 18.04
N ALA B 37 21.92 9.75 17.95
CA ALA B 37 21.30 10.46 16.80
C ALA B 37 21.93 11.86 16.60
N HIS B 38 22.09 12.61 17.69
CA HIS B 38 22.67 13.97 17.69
C HIS B 38 24.14 13.92 17.22
N SER B 39 24.87 12.90 17.68
CA SER B 39 26.30 12.80 17.42
C SER B 39 26.48 12.51 15.94
N LEU B 40 25.64 11.62 15.41
CA LEU B 40 25.61 11.34 13.97
C LEU B 40 25.37 12.64 13.18
N ALA B 41 24.43 13.45 13.66
CA ALA B 41 24.07 14.71 12.96
C ALA B 41 25.28 15.65 12.93
N TYR B 42 26.01 15.74 14.03
CA TYR B 42 27.17 16.63 14.05
C TYR B 42 28.27 16.09 13.13
N ALA B 43 28.50 14.77 13.11
CA ALA B 43 29.57 14.16 12.27
C ALA B 43 29.27 14.28 10.77
N ALA B 44 27.99 14.20 10.40
CA ALA B 44 27.55 14.03 9.01
C ALA B 44 27.06 15.32 8.34
N MET B 45 26.67 16.34 9.10
CA MET B 45 25.91 17.44 8.49
C MET B 45 26.71 18.12 7.37
N PRO B 46 28.01 18.43 7.52
CA PRO B 46 28.70 19.11 6.43
C PRO B 46 28.91 18.29 5.14
N MET B 47 29.13 16.99 5.31
CA MET B 47 29.16 16.03 4.22
C MET B 47 27.92 16.18 3.31
N PHE B 48 26.77 16.32 3.98
CA PHE B 48 25.45 16.38 3.37
C PHE B 48 25.21 17.73 2.69
N PHE B 49 25.30 18.82 3.49
CA PHE B 49 25.00 20.19 3.05
C PHE B 49 26.30 20.95 2.93
N TRP B 50 26.81 21.03 1.71
CA TRP B 50 28.11 21.59 1.43
C TRP B 50 27.97 22.65 0.33
N PRO B 51 28.51 23.86 0.57
CA PRO B 51 29.32 24.23 1.72
C PRO B 51 28.43 24.36 2.95
N ALA B 52 29.00 23.98 4.09
CA ALA B 52 28.25 23.90 5.30
C ALA B 52 28.12 25.30 5.91
N PRO B 53 27.05 25.53 6.71
CA PRO B 53 26.87 26.83 7.35
C PRO B 53 28.00 27.07 8.36
N ALA B 54 28.39 26.01 9.06
CA ALA B 54 29.52 25.99 9.98
C ALA B 54 29.93 24.55 10.19
N LEU B 55 31.11 24.32 10.73
CA LEU B 55 31.62 22.97 10.96
C LEU B 55 31.39 22.61 12.42
N PRO B 56 30.51 21.63 12.74
CA PRO B 56 30.27 21.27 14.13
C PRO B 56 31.52 20.54 14.65
N VAL B 57 31.91 20.88 15.88
CA VAL B 57 32.96 20.21 16.60
C VAL B 57 32.32 19.56 17.83
N ARG B 58 32.44 18.24 17.88
CA ARG B 58 32.04 17.46 19.01
C ARG B 58 33.12 17.63 20.07
N LYS B 59 32.95 18.65 20.93
CA LYS B 59 34.04 19.16 21.78
C LYS B 59 33.94 18.52 23.16
N VAL B 60 32.76 18.57 23.76
CA VAL B 60 32.58 17.94 25.07
C VAL B 60 31.26 17.17 25.03
N ILE B 61 31.26 15.94 25.57
CA ILE B 61 30.04 15.22 25.93
C ILE B 61 29.99 15.00 27.45
N ALA B 62 28.82 15.30 28.02
CA ALA B 62 28.58 15.08 29.42
C ALA B 62 27.70 13.83 29.60
N GLU B 63 27.98 13.06 30.65
CA GLU B 63 27.17 11.87 31.01
C GLU B 63 27.10 11.79 32.54
N ALA B 64 26.43 10.75 33.05
CA ALA B 64 26.01 10.77 34.45
C ALA B 64 27.17 10.38 35.37
N ASN B 65 28.22 9.77 34.83
CA ASN B 65 29.39 9.45 35.65
C ASN B 65 30.61 9.40 34.75
N PRO B 66 31.83 9.38 35.34
CA PRO B 66 33.02 9.52 34.53
C PRO B 66 33.21 8.40 33.50
N GLU B 67 32.85 7.17 33.88
CA GLU B 67 33.15 5.98 33.01
C GLU B 67 32.23 5.98 31.78
N LEU B 68 30.93 6.17 31.99
CA LEU B 68 29.94 6.38 30.89
C LEU B 68 30.38 7.52 29.97
N ALA B 69 30.77 8.67 30.56
CA ALA B 69 31.09 9.82 29.76
C ALA B 69 32.28 9.50 28.87
N ALA B 70 33.30 8.87 29.46
CA ALA B 70 34.55 8.63 28.76
C ALA B 70 34.28 7.67 27.58
N GLU B 71 33.47 6.67 27.90
CA GLU B 71 33.03 5.64 26.93
C GLU B 71 32.27 6.32 25.77
N ALA B 72 31.32 7.19 26.14
CA ALA B 72 30.50 7.91 25.18
C ALA B 72 31.38 8.79 24.29
N ALA B 73 32.40 9.45 24.87
CA ALA B 73 33.25 10.32 24.06
C ALA B 73 33.96 9.49 22.99
N ARG B 74 34.41 8.30 23.37
CA ARG B 74 35.12 7.43 22.41
C ARG B 74 34.14 6.89 21.36
N ARG B 75 32.91 6.61 21.77
CA ARG B 75 31.90 6.03 20.82
C ARG B 75 31.50 7.08 19.79
N PHE B 76 31.24 8.29 20.28
CA PHE B 76 30.58 9.33 19.51
C PHE B 76 31.59 10.33 18.95
N GLY B 77 32.88 10.14 19.29
CA GLY B 77 33.97 10.92 18.70
C GLY B 77 34.04 12.34 19.24
N PHE B 78 33.79 12.52 20.54
CA PHE B 78 33.91 13.83 21.18
C PHE B 78 35.36 14.00 21.66
N GLU B 79 35.84 15.25 21.62
CA GLU B 79 37.23 15.54 21.99
C GLU B 79 37.41 15.37 23.51
N ASN B 80 36.34 15.59 24.27
CA ASN B 80 36.41 15.55 25.72
C ASN B 80 35.13 14.96 26.28
N SER B 81 35.22 14.48 27.53
CA SER B 81 34.10 14.02 28.29
C SER B 81 34.09 14.72 29.64
N THR B 82 32.94 14.67 30.32
CA THR B 82 32.77 15.19 31.66
C THR B 82 31.57 14.52 32.31
N SER B 83 31.61 14.39 33.63
CA SER B 83 30.50 13.88 34.38
C SER B 83 29.71 15.02 35.02
N ASP B 84 30.08 16.27 34.74
CA ASP B 84 29.37 17.44 35.27
C ASP B 84 29.01 18.39 34.12
N TRP B 85 27.71 18.51 33.84
CA TRP B 85 27.28 19.30 32.68
C TRP B 85 27.67 20.78 32.85
N ARG B 86 27.75 21.23 34.11
CA ARG B 86 28.14 22.59 34.44
C ARG B 86 29.53 22.92 33.88
N SER B 87 30.41 21.91 33.77
CA SER B 87 31.72 22.11 33.10
C SER B 87 31.55 22.60 31.66
N ILE B 88 30.48 22.18 30.98
CA ILE B 88 30.21 22.65 29.60
C ILE B 88 29.74 24.11 29.63
N ILE B 89 28.84 24.43 30.56
CA ILE B 89 28.28 25.79 30.64
C ILE B 89 29.41 26.79 30.89
N ASP B 90 30.39 26.42 31.72
CA ASP B 90 31.41 27.36 32.16
C ASP B 90 32.59 27.39 31.20
N ASP B 91 32.58 26.55 30.17
CA ASP B 91 33.66 26.50 29.23
C ASP B 91 33.41 27.58 28.18
N PRO B 92 34.22 28.68 28.16
CA PRO B 92 34.04 29.75 27.18
C PRO B 92 34.25 29.29 25.73
N ASP B 93 34.87 28.13 25.52
CA ASP B 93 35.09 27.63 24.15
C ASP B 93 33.81 27.09 23.52
N ILE B 94 32.81 26.78 24.35
CA ILE B 94 31.60 26.10 23.91
C ILE B 94 30.67 27.14 23.27
N HIS B 95 30.25 26.92 22.03
CA HIS B 95 29.23 27.80 21.36
C HIS B 95 27.80 27.27 21.53
N VAL B 96 27.67 25.94 21.60
CA VAL B 96 26.40 25.21 21.49
C VAL B 96 26.26 24.23 22.65
N VAL B 97 25.14 24.34 23.35
CA VAL B 97 24.75 23.36 24.37
C VAL B 97 23.58 22.55 23.80
N ASP B 98 23.77 21.24 23.72
CA ASP B 98 22.77 20.30 23.19
C ASP B 98 22.26 19.40 24.34
N ILE B 99 20.98 19.59 24.70
CA ILE B 99 20.40 18.97 25.86
C ILE B 99 19.65 17.71 25.43
N ALA B 100 20.25 16.55 25.74
CA ALA B 100 19.66 15.26 25.37
C ALA B 100 19.54 14.39 26.61
N THR B 101 19.11 15.02 27.71
CA THR B 101 18.85 14.32 28.96
C THR B 101 17.36 14.05 29.08
N PRO B 102 16.93 13.23 30.08
CA PRO B 102 15.51 13.10 30.40
C PRO B 102 14.94 14.46 30.81
N ASN B 103 13.61 14.52 30.91
CA ASN B 103 12.89 15.77 30.81
C ASN B 103 13.10 16.64 32.06
N HIS B 104 13.55 16.03 33.15
CA HIS B 104 13.59 16.73 34.44
C HIS B 104 14.77 17.70 34.52
N LEU B 105 15.77 17.57 33.65
CA LEU B 105 16.94 18.43 33.70
C LEU B 105 16.90 19.49 32.58
N HIS B 106 15.88 19.47 31.72
CA HIS B 106 15.94 20.34 30.53
C HIS B 106 16.09 21.81 30.94
N ALA B 107 15.29 22.19 31.95
CA ALA B 107 15.08 23.58 32.35
C ALA B 107 16.35 24.18 33.00
N GLU B 108 16.89 23.46 33.98
CA GLU B 108 18.10 23.87 34.70
C GLU B 108 19.22 24.14 33.72
N ILE B 109 19.40 23.18 32.80
CA ILE B 109 20.53 23.18 31.91
C ILE B 109 20.39 24.34 30.91
N ALA B 110 19.19 24.49 30.34
CA ALA B 110 18.90 25.51 29.33
C ALA B 110 19.03 26.92 29.93
N ILE B 111 18.49 27.09 31.13
CA ILE B 111 18.55 28.39 31.81
C ILE B 111 20.02 28.72 32.10
N ALA B 112 20.80 27.78 32.63
CA ALA B 112 22.24 28.05 32.82
C ALA B 112 22.91 28.40 31.47
N ALA B 113 22.60 27.66 30.40
CA ALA B 113 23.29 27.88 29.13
C ALA B 113 22.92 29.26 28.55
N ALA B 114 21.65 29.63 28.66
CA ALA B 114 21.23 30.93 28.17
C ALA B 114 21.96 32.03 28.94
N GLU B 115 21.99 31.94 30.27
CA GLU B 115 22.63 32.96 31.11
C GLU B 115 24.11 33.08 30.71
N ALA B 116 24.72 31.98 30.24
CA ALA B 116 26.10 32.01 29.79
C ALA B 116 26.23 32.42 28.32
N GLY B 117 25.15 32.79 27.63
CA GLY B 117 25.19 33.31 26.23
C GLY B 117 25.43 32.24 25.17
N LYS B 118 25.07 30.98 25.44
CA LYS B 118 25.33 29.90 24.48
C LYS B 118 24.05 29.64 23.67
N HIS B 119 24.25 29.24 22.42
CA HIS B 119 23.16 28.68 21.57
C HIS B 119 22.70 27.34 22.16
N ILE B 120 21.40 27.06 22.04
CA ILE B 120 20.83 25.87 22.70
C ILE B 120 19.91 25.12 21.73
N ILE B 121 20.15 23.81 21.62
CA ILE B 121 19.11 22.86 21.12
C ILE B 121 18.76 21.91 22.27
N CYS B 122 17.45 21.76 22.52
CA CYS B 122 16.96 21.03 23.62
C CYS B 122 16.00 19.99 23.07
N GLU B 123 16.09 18.76 23.59
CA GLU B 123 15.15 17.72 23.20
C GLU B 123 13.74 18.10 23.66
N LYS B 124 12.78 17.44 23.01
CA LYS B 124 11.38 17.54 23.39
C LYS B 124 11.09 16.54 24.50
N PRO B 125 9.97 16.74 25.21
CA PRO B 125 9.26 18.00 25.32
C PRO B 125 10.18 19.03 26.00
N LEU B 126 9.91 20.32 25.80
CA LEU B 126 10.85 21.34 26.20
C LEU B 126 11.14 21.19 27.70
N ALA B 127 10.10 21.09 28.51
CA ALA B 127 10.26 20.69 29.91
C ALA B 127 9.04 19.89 30.38
N ARG B 128 8.90 19.68 31.69
CA ARG B 128 7.89 18.76 32.24
C ARG B 128 6.49 19.37 32.24
N THR B 129 6.41 20.69 32.36
CA THR B 129 5.13 21.42 32.48
C THR B 129 5.30 22.77 31.82
N GLY B 130 4.19 23.49 31.64
CA GLY B 130 4.16 24.81 31.02
C GLY B 130 4.95 25.83 31.82
N GLU B 131 4.80 25.75 33.14
CA GLU B 131 5.48 26.63 34.08
C GLU B 131 7.01 26.47 33.94
N GLU B 132 7.48 25.24 33.89
CA GLU B 132 8.92 25.00 33.78
C GLU B 132 9.45 25.51 32.42
N SER B 133 8.63 25.28 31.39
CA SER B 133 8.90 25.66 30.04
C SER B 133 8.95 27.18 29.93
N LYS B 134 8.04 27.85 30.65
CA LYS B 134 7.99 29.33 30.72
C LYS B 134 9.36 29.89 31.17
N ALA B 135 9.97 29.29 32.19
CA ALA B 135 11.27 29.77 32.69
C ALA B 135 12.35 29.69 31.60
N MET B 136 12.29 28.64 30.79
CA MET B 136 13.26 28.41 29.70
C MET B 136 13.03 29.45 28.61
N TYR B 137 11.75 29.67 28.29
CA TYR B 137 11.42 30.72 27.36
C TYR B 137 11.88 32.09 27.87
N ASP B 138 11.59 32.41 29.14
CA ASP B 138 11.92 33.76 29.64
C ASP B 138 13.44 34.01 29.62
N ALA B 139 14.24 32.95 29.81
CA ALA B 139 15.68 33.08 29.83
C ALA B 139 16.26 33.33 28.43
N VAL B 140 15.47 33.13 27.35
CA VAL B 140 16.02 33.34 26.01
C VAL B 140 15.24 34.42 25.25
N LYS B 141 14.04 34.78 25.67
CA LYS B 141 13.14 35.57 24.81
C LYS B 141 13.71 36.99 24.55
N ASP B 142 14.54 37.52 25.46
CA ASP B 142 15.11 38.88 25.30
C ASP B 142 16.52 38.84 24.70
N LYS B 143 17.05 37.64 24.47
CA LYS B 143 18.39 37.42 23.91
C LYS B 143 18.26 37.13 22.41
N ASN B 144 19.39 37.05 21.72
CA ASN B 144 19.38 36.77 20.27
C ASN B 144 20.26 35.55 19.97
N ILE B 145 20.47 34.72 21.01
CA ILE B 145 20.98 33.36 20.84
C ILE B 145 19.99 32.57 19.99
N VAL B 146 20.51 31.61 19.22
CA VAL B 146 19.66 30.62 18.52
C VAL B 146 19.21 29.61 19.58
N HIS B 147 17.90 29.40 19.68
CA HIS B 147 17.33 28.41 20.55
C HIS B 147 16.33 27.55 19.75
N MET B 148 16.41 26.23 19.95
CA MET B 148 15.68 25.27 19.14
C MET B 148 15.18 24.14 20.01
N VAL B 149 13.93 23.70 19.75
CA VAL B 149 13.43 22.50 20.36
C VAL B 149 13.40 21.42 19.27
N ALA B 150 13.75 20.18 19.63
CA ALA B 150 14.12 19.16 18.60
C ALA B 150 12.89 18.36 18.13
N PHE B 151 11.95 19.07 17.50
CA PHE B 151 10.87 18.42 16.81
C PHE B 151 11.32 18.11 15.38
N ASN B 152 12.14 17.08 15.26
CA ASN B 152 12.89 16.73 14.05
C ASN B 152 11.98 16.22 12.92
N TYR B 153 10.79 15.72 13.26
CA TYR B 153 9.96 15.04 12.28
C TYR B 153 9.37 16.05 11.29
N ARG B 154 9.17 17.31 11.68
CA ARG B 154 8.72 18.35 10.76
C ARG B 154 9.76 18.56 9.67
N ARG B 155 11.00 18.11 9.88
CA ARG B 155 12.08 18.23 8.84
C ARG B 155 12.31 16.92 8.06
N THR B 156 11.44 15.90 8.22
CA THR B 156 11.33 14.90 7.20
C THR B 156 11.09 15.61 5.87
N PRO B 157 11.86 15.33 4.80
CA PRO B 157 11.61 15.99 3.53
C PRO B 157 10.17 15.98 3.05
N ALA B 158 9.47 14.83 3.20
CA ALA B 158 8.09 14.73 2.84
C ALA B 158 7.24 15.76 3.60
N VAL B 159 7.55 16.03 4.88
CA VAL B 159 6.73 17.00 5.62
C VAL B 159 7.04 18.44 5.15
N ALA B 160 8.32 18.72 4.87
CA ALA B 160 8.70 19.98 4.31
C ALA B 160 7.99 20.17 2.97
N LEU B 161 7.95 19.12 2.14
CA LEU B 161 7.21 19.14 0.85
C LEU B 161 5.73 19.48 1.07
N ALA B 162 5.10 18.88 2.09
CA ALA B 162 3.71 19.20 2.42
C ALA B 162 3.57 20.69 2.74
N LYS B 163 4.52 21.23 3.51
CA LYS B 163 4.51 22.66 3.82
C LYS B 163 4.58 23.49 2.54
N LYS B 164 5.42 23.07 1.60
CA LYS B 164 5.57 23.77 0.36
C LYS B 164 4.23 23.82 -0.39
N TYR B 165 3.58 22.66 -0.59
CA TYR B 165 2.30 22.61 -1.30
C TYR B 165 1.29 23.54 -0.60
N ILE B 166 1.29 23.52 0.71
CA ILE B 166 0.29 24.28 1.46
C ILE B 166 0.54 25.78 1.23
N GLU B 167 1.79 26.18 1.34
CA GLU B 167 2.12 27.61 1.28
C GLU B 167 1.90 28.14 -0.14
N GLU B 168 2.08 27.27 -1.14
CA GLU B 168 1.81 27.60 -2.52
C GLU B 168 0.33 27.82 -2.80
N GLY B 169 -0.54 27.38 -1.90
CA GLY B 169 -1.98 27.38 -2.16
C GLY B 169 -2.42 26.17 -2.99
N ALA B 170 -1.55 25.17 -3.14
CA ALA B 170 -1.83 24.02 -4.03
C ALA B 170 -2.95 23.12 -3.51
N ILE B 171 -3.28 23.14 -2.20
CA ILE B 171 -4.45 22.41 -1.71
C ILE B 171 -5.52 23.38 -1.16
N GLY B 172 -5.39 24.67 -1.50
CA GLY B 172 -6.34 25.70 -1.06
C GLY B 172 -6.28 25.93 0.44
N ARG B 173 -7.41 26.31 1.01
CA ARG B 173 -7.53 26.59 2.43
C ARG B 173 -7.65 25.25 3.19
N ILE B 174 -7.00 25.15 4.33
CA ILE B 174 -7.11 23.97 5.17
C ILE B 174 -8.43 23.98 5.96
N LEU B 175 -9.21 22.90 5.83
CA LEU B 175 -10.42 22.73 6.62
C LEU B 175 -10.18 21.89 7.88
N SER B 176 -9.40 20.80 7.72
CA SER B 176 -9.37 19.72 8.69
C SER B 176 -8.00 19.04 8.74
N PHE B 177 -7.58 18.69 9.96
CA PHE B 177 -6.31 18.04 10.25
C PHE B 177 -6.51 16.83 11.15
N ARG B 178 -5.92 15.69 10.77
CA ARG B 178 -5.84 14.50 11.61
C ARG B 178 -4.36 14.14 11.82
N GLY B 179 -3.94 13.97 13.08
CA GLY B 179 -2.57 13.58 13.34
C GLY B 179 -2.50 12.39 14.27
N THR B 180 -1.57 11.47 14.02
CA THR B 180 -1.38 10.38 15.02
C THR B 180 0.09 10.20 15.38
N TYR B 181 0.34 9.62 16.55
CA TYR B 181 1.62 9.01 16.84
C TYR B 181 1.32 7.72 17.63
N LEU B 182 1.36 6.59 16.92
CA LEU B 182 1.02 5.31 17.51
C LEU B 182 2.28 4.46 17.62
N GLN B 183 2.53 3.96 18.83
CA GLN B 183 3.62 3.11 19.14
C GLN B 183 3.13 1.94 19.99
N ASP B 184 4.03 0.97 20.17
CA ASP B 184 3.73 -0.25 20.92
C ASP B 184 4.90 -0.81 21.71
N TRP B 185 6.01 -0.08 21.83
CA TRP B 185 7.20 -0.59 22.52
C TRP B 185 6.87 -0.95 23.99
N SER B 186 5.84 -0.37 24.60
CA SER B 186 5.46 -0.69 25.99
C SER B 186 4.08 -1.31 26.06
N ALA B 187 3.59 -1.91 24.96
CA ALA B 187 2.24 -2.51 24.95
C ALA B 187 2.25 -3.81 25.79
N ASP B 188 3.43 -4.36 26.06
CA ASP B 188 3.59 -5.42 27.05
C ASP B 188 3.67 -4.87 28.48
N PRO B 189 2.80 -5.33 29.40
CA PRO B 189 2.84 -4.93 30.81
C PRO B 189 4.14 -5.27 31.56
N ASN B 190 4.92 -6.20 31.00
CA ASN B 190 6.20 -6.61 31.54
C ASN B 190 7.32 -5.65 31.12
N SER B 191 7.06 -4.72 30.20
CA SER B 191 8.03 -3.68 29.90
C SER B 191 8.19 -2.78 31.12
N PRO B 192 9.43 -2.49 31.57
CA PRO B 192 9.62 -1.96 32.92
C PRO B 192 9.41 -0.45 33.09
N LEU B 193 9.36 -0.04 34.35
CA LEU B 193 9.04 1.31 34.76
C LEU B 193 10.23 2.25 34.60
N SER B 194 10.53 2.63 33.35
CA SER B 194 11.60 3.56 33.08
C SER B 194 11.09 4.95 33.47
N TRP B 195 11.97 5.95 33.35
CA TRP B 195 11.64 7.34 33.68
C TRP B 195 10.43 7.87 32.87
N ARG B 196 10.25 7.32 31.66
CA ARG B 196 9.16 7.79 30.78
C ARG B 196 7.77 7.51 31.37
N PHE B 197 7.69 6.64 32.39
CA PHE B 197 6.41 6.28 33.02
C PHE B 197 6.21 6.96 34.41
N GLN B 198 7.15 7.85 34.79
CA GLN B 198 7.12 8.51 36.13
C GLN B 198 6.89 10.01 35.92
N LYS B 199 5.75 10.52 36.40
CA LYS B 199 5.40 11.91 36.21
C LYS B 199 6.52 12.85 36.70
N SER B 200 7.15 12.51 37.82
CA SER B 200 8.11 13.40 38.49
C SER B 200 9.29 13.72 37.55
N ILE B 201 9.64 12.74 36.70
CA ILE B 201 10.77 12.89 35.79
C ILE B 201 10.26 13.35 34.41
N ALA B 202 9.23 12.69 33.87
CA ALA B 202 8.77 12.89 32.46
C ALA B 202 7.83 14.08 32.34
N GLY B 203 7.01 14.32 33.38
CA GLY B 203 5.96 15.34 33.36
C GLY B 203 4.62 14.78 32.85
N SER B 204 4.71 13.97 31.79
CA SER B 204 3.54 13.26 31.23
C SER B 204 4.05 12.07 30.41
N GLY B 205 3.14 11.31 29.81
CA GLY B 205 3.49 10.09 29.15
C GLY B 205 3.55 10.23 27.64
N ALA B 206 2.62 9.54 26.96
CA ALA B 206 2.48 9.66 25.50
C ALA B 206 2.35 11.13 25.11
N LEU B 207 1.58 11.89 25.91
CA LEU B 207 1.30 13.27 25.61
C LEU B 207 2.61 14.02 25.39
N GLY B 208 3.46 14.06 26.40
CA GLY B 208 4.71 14.79 26.34
C GLY B 208 5.71 14.15 25.40
N ASP B 209 5.74 12.81 25.39
CA ASP B 209 6.82 12.07 24.74
C ASP B 209 6.63 12.03 23.22
N ILE B 210 5.40 11.90 22.75
CA ILE B 210 5.17 11.72 21.31
C ILE B 210 4.08 12.64 20.76
N ALA B 211 2.99 12.90 21.49
CA ALA B 211 1.96 13.70 20.91
C ALA B 211 2.51 15.10 20.56
N THR B 212 3.52 15.55 21.30
CA THR B 212 4.16 16.88 21.06
C THR B 212 4.75 16.95 19.65
N HIS B 213 5.31 15.83 19.17
CA HIS B 213 5.80 15.75 17.80
C HIS B 213 4.69 16.10 16.81
N VAL B 214 3.49 15.58 17.08
CA VAL B 214 2.33 15.75 16.19
C VAL B 214 1.77 17.17 16.37
N ILE B 215 1.74 17.67 17.62
CA ILE B 215 1.26 19.03 17.88
C ILE B 215 2.15 20.00 17.10
N ASP B 216 3.46 19.78 17.16
CA ASP B 216 4.36 20.62 16.40
C ASP B 216 4.00 20.59 14.91
N MET B 217 3.75 19.37 14.39
CA MET B 217 3.43 19.23 12.99
C MET B 217 2.18 20.01 12.60
N ALA B 218 1.15 19.92 13.44
CA ALA B 218 -0.08 20.69 13.26
C ALA B 218 0.20 22.20 13.30
N ARG B 219 1.06 22.67 14.22
CA ARG B 219 1.37 24.10 14.30
C ARG B 219 2.11 24.56 13.03
N TYR B 220 2.99 23.71 12.53
CA TYR B 220 3.83 23.99 11.38
C TYR B 220 2.99 24.05 10.10
N LEU B 221 2.10 23.06 9.93
CA LEU B 221 1.40 22.89 8.65
C LEU B 221 0.07 23.63 8.64
N VAL B 222 -0.58 23.75 9.81
CA VAL B 222 -1.94 24.28 9.86
C VAL B 222 -1.93 25.65 10.52
N GLY B 223 -1.38 25.76 11.73
CA GLY B 223 -1.34 27.06 12.45
C GLY B 223 -1.65 26.86 13.91
N GLU B 224 -1.95 27.96 14.60
CA GLU B 224 -1.97 27.95 16.06
C GLU B 224 -3.23 27.26 16.58
N PHE B 225 -3.12 26.61 17.74
CA PHE B 225 -4.29 26.02 18.39
C PHE B 225 -5.01 27.12 19.18
N SER B 226 -6.34 27.13 19.09
CA SER B 226 -7.17 28.03 19.88
C SER B 226 -7.77 27.31 21.10
N ALA B 227 -8.20 26.05 20.92
CA ALA B 227 -8.87 25.31 21.99
C ALA B 227 -8.69 23.81 21.76
N VAL B 228 -8.78 23.03 22.84
CA VAL B 228 -8.59 21.61 22.84
C VAL B 228 -9.64 20.99 23.76
N ASN B 229 -9.88 19.70 23.58
CA ASN B 229 -10.84 18.92 24.33
C ASN B 229 -10.41 17.46 24.25
N ALA B 230 -10.02 16.91 25.41
CA ALA B 230 -9.14 15.76 25.42
C ALA B 230 -9.64 14.68 26.38
N VAL B 231 -9.14 13.46 26.10
CA VAL B 231 -9.25 12.30 26.95
C VAL B 231 -7.84 11.69 27.10
N LEU B 232 -7.41 11.48 28.35
CA LEU B 232 -6.16 10.80 28.66
C LEU B 232 -6.51 9.43 29.23
N SER B 233 -5.73 8.42 28.83
CA SER B 233 -5.96 7.05 29.25
C SER B 233 -4.65 6.43 29.76
N THR B 234 -4.76 5.62 30.83
CA THR B 234 -3.69 4.77 31.30
C THR B 234 -4.22 3.33 31.34
N TRP B 235 -3.63 2.45 30.53
CA TRP B 235 -4.09 1.07 30.37
C TRP B 235 -3.30 0.09 31.24
N ILE B 236 -2.03 0.41 31.53
CA ILE B 236 -1.14 -0.49 32.23
C ILE B 236 -0.61 0.27 33.44
N PRO B 237 -1.34 0.16 34.57
CA PRO B 237 -1.11 1.02 35.73
C PRO B 237 0.08 0.66 36.63
N GLU B 238 0.77 -0.46 36.38
CA GLU B 238 1.97 -0.73 37.12
C GLU B 238 2.85 -1.62 36.27
N ARG B 239 4.14 -1.60 36.56
CA ARG B 239 5.11 -2.35 35.77
C ARG B 239 6.23 -2.81 36.69
N PRO B 240 6.98 -3.89 36.34
CA PRO B 240 8.22 -4.21 37.04
C PRO B 240 9.22 -3.03 37.02
N LEU B 241 10.13 -2.97 38.02
CA LEU B 241 11.09 -1.87 38.19
C LEU B 241 12.28 -2.05 37.23
N GLY B 257 10.28 -9.28 39.69
CA GLY B 257 10.21 -9.01 41.12
C GLY B 257 9.17 -7.93 41.44
N PRO B 258 9.53 -6.86 42.19
CA PRO B 258 8.54 -5.88 42.62
C PRO B 258 8.21 -4.92 41.46
N LYS B 259 7.06 -4.26 41.61
CA LYS B 259 6.48 -3.40 40.59
C LYS B 259 6.31 -2.00 41.20
N GLY B 260 6.20 -0.98 40.35
CA GLY B 260 5.89 0.37 40.78
C GLY B 260 4.78 0.94 39.91
N PRO B 261 4.09 2.01 40.37
CA PRO B 261 2.89 2.48 39.70
C PRO B 261 3.24 3.35 38.47
N VAL B 262 2.40 3.31 37.44
CA VAL B 262 2.46 4.28 36.33
C VAL B 262 1.53 5.45 36.65
N ASP B 263 2.08 6.66 36.78
CA ASP B 263 1.27 7.86 37.08
C ASP B 263 1.26 8.84 35.89
N VAL B 264 1.48 8.34 34.67
CA VAL B 264 1.27 9.15 33.46
C VAL B 264 0.29 8.44 32.51
N ASP B 265 -0.13 9.20 31.48
CA ASP B 265 -0.96 8.71 30.39
C ASP B 265 -0.20 7.73 29.48
N ASP B 266 -0.90 6.66 29.10
CA ASP B 266 -0.44 5.75 28.02
C ASP B 266 -0.88 6.25 26.63
N GLU B 267 -1.92 7.08 26.61
CA GLU B 267 -2.61 7.40 25.39
C GLU B 267 -3.34 8.73 25.58
N VAL B 268 -3.40 9.53 24.51
CA VAL B 268 -4.13 10.77 24.54
C VAL B 268 -4.90 10.93 23.23
N MET B 269 -6.13 11.40 23.33
CA MET B 269 -6.76 11.91 22.13
C MET B 269 -7.38 13.27 22.45
N THR B 270 -7.31 14.15 21.45
CA THR B 270 -7.82 15.50 21.62
C THR B 270 -8.40 16.02 20.31
N MET B 271 -9.52 16.73 20.45
CA MET B 271 -10.03 17.55 19.39
C MET B 271 -9.42 18.95 19.51
N ILE B 272 -9.34 19.63 18.37
CA ILE B 272 -8.63 20.88 18.24
C ILE B 272 -9.51 21.86 17.47
N ARG B 273 -9.58 23.10 17.97
CA ARG B 273 -10.03 24.23 17.16
C ARG B 273 -8.81 25.08 16.87
N PHE B 274 -8.49 25.24 15.58
CA PHE B 274 -7.37 26.06 15.15
C PHE B 274 -7.79 27.53 15.17
N ALA B 275 -6.81 28.43 15.39
CA ALA B 275 -7.12 29.87 15.42
C ALA B 275 -7.69 30.31 14.07
N ASN B 276 -7.21 29.72 12.95
CA ASN B 276 -7.66 30.14 11.63
C ASN B 276 -9.03 29.57 11.26
N GLY B 277 -9.70 28.82 12.15
CA GLY B 277 -11.05 28.27 11.84
C GLY B 277 -11.00 26.80 11.40
N ALA B 278 -9.83 26.24 11.12
CA ALA B 278 -9.78 24.82 10.79
C ALA B 278 -10.08 24.00 12.07
N VAL B 279 -10.42 22.74 11.88
CA VAL B 279 -10.62 21.83 13.01
C VAL B 279 -9.71 20.61 12.86
N GLY B 280 -9.50 19.88 13.95
CA GLY B 280 -8.69 18.68 13.84
C GLY B 280 -8.70 17.85 15.09
N SER B 281 -7.86 16.82 15.08
CA SER B 281 -7.65 16.00 16.23
C SER B 281 -6.25 15.37 16.15
N VAL B 282 -5.75 14.99 17.33
CA VAL B 282 -4.50 14.30 17.52
C VAL B 282 -4.73 13.12 18.47
N GLU B 283 -4.18 11.97 18.08
CA GLU B 283 -4.19 10.78 18.87
C GLU B 283 -2.78 10.19 18.98
N ALA B 284 -2.34 9.92 20.22
CA ALA B 284 -1.07 9.22 20.42
C ALA B 284 -1.21 8.13 21.48
N THR B 285 -0.47 7.04 21.28
CA THR B 285 -0.55 5.92 22.19
C THR B 285 0.75 5.15 22.22
N ARG B 286 0.97 4.51 23.37
CA ARG B 286 2.01 3.54 23.52
C ARG B 286 1.45 2.11 23.41
N ASN B 287 0.15 1.96 23.15
CA ASN B 287 -0.56 0.69 23.30
C ASN B 287 -1.29 0.30 22.02
N ALA B 288 -0.57 0.37 20.89
CA ALA B 288 -1.15 -0.02 19.57
C ALA B 288 -0.31 -1.13 18.92
N HIS B 289 -0.60 -2.40 19.24
CA HIS B 289 0.12 -3.51 18.64
C HIS B 289 0.16 -3.32 17.11
N GLY B 290 1.33 -3.51 16.54
CA GLY B 290 1.51 -3.43 15.10
C GLY B 290 1.95 -2.06 14.64
N ARG B 291 1.84 -1.05 15.50
CA ARG B 291 2.23 0.33 15.21
C ARG B 291 3.56 0.61 15.91
N ASN B 292 4.60 0.94 15.13
CA ASN B 292 5.99 1.00 15.64
C ASN B 292 6.44 2.45 15.88
N ASN B 293 6.37 3.26 14.83
CA ASN B 293 6.73 4.67 14.86
C ASN B 293 5.77 5.40 13.89
N TYR B 294 4.48 5.21 14.14
CA TYR B 294 3.42 5.56 13.21
C TYR B 294 2.98 6.99 13.49
N ILE B 295 3.88 7.92 13.13
CA ILE B 295 3.52 9.32 13.16
C ILE B 295 3.02 9.69 11.76
N THR B 296 1.74 10.11 11.72
CA THR B 296 1.02 10.35 10.49
C THR B 296 0.20 11.63 10.58
N PHE B 297 -0.17 12.15 9.42
CA PHE B 297 -1.20 13.15 9.36
C PHE B 297 -1.98 13.02 8.06
N GLU B 298 -3.21 13.51 8.12
CA GLU B 298 -4.05 13.69 6.95
C GLU B 298 -4.60 15.11 7.01
N ILE B 299 -4.39 15.88 5.95
CA ILE B 299 -4.93 17.23 5.85
C ILE B 299 -5.90 17.31 4.66
N HIS B 300 -7.07 17.90 4.92
CA HIS B 300 -8.11 18.19 3.93
C HIS B 300 -8.18 19.70 3.68
N GLY B 301 -7.82 20.09 2.47
CA GLY B 301 -7.96 21.47 2.01
C GLY B 301 -9.13 21.58 1.04
N THR B 302 -9.49 22.82 0.70
CA THR B 302 -10.59 23.07 -0.19
C THR B 302 -10.23 22.62 -1.61
N GLU B 303 -8.93 22.53 -1.96
CA GLU B 303 -8.52 22.14 -3.33
C GLU B 303 -7.65 20.87 -3.35
N GLY B 304 -7.53 20.15 -2.23
CA GLY B 304 -6.70 18.96 -2.19
C GLY B 304 -6.52 18.42 -0.79
N SER B 305 -5.85 17.28 -0.73
CA SER B 305 -5.58 16.58 0.53
C SER B 305 -4.11 16.15 0.54
N ILE B 306 -3.54 16.01 1.74
CA ILE B 306 -2.18 15.51 1.90
C ILE B 306 -2.16 14.45 3.01
N VAL B 307 -1.48 13.33 2.76
CA VAL B 307 -1.32 12.24 3.73
C VAL B 307 0.16 11.87 3.85
N PHE B 308 0.59 11.71 5.10
CA PHE B 308 1.95 11.36 5.45
C PHE B 308 1.96 10.21 6.47
N ASN B 309 2.87 9.26 6.25
CA ASN B 309 3.11 8.17 7.19
C ASN B 309 4.61 8.00 7.35
N TYR B 310 5.13 8.34 8.57
CA TYR B 310 6.56 8.33 8.84
C TYR B 310 7.10 6.89 8.68
N GLU B 311 6.27 5.85 8.89
CA GLU B 311 6.78 4.48 8.75
C GLU B 311 7.17 4.22 7.29
N ARG B 312 6.61 5.03 6.36
CA ARG B 312 7.07 5.11 4.92
C ARG B 312 7.50 6.55 4.61
N ARG B 313 8.52 7.04 5.32
CA ARG B 313 8.79 8.54 5.39
C ARG B 313 9.27 9.12 4.03
N ASP B 314 9.75 8.28 3.13
CA ASP B 314 10.21 8.72 1.81
C ASP B 314 9.07 9.22 0.92
N GLU B 315 7.82 8.85 1.28
CA GLU B 315 6.59 9.13 0.55
C GLU B 315 5.81 10.32 1.15
N LEU B 316 5.34 11.18 0.24
CA LEU B 316 4.21 12.04 0.54
C LEU B 316 3.05 11.71 -0.40
N GLN B 317 1.86 11.51 0.19
CA GLN B 317 0.66 11.34 -0.64
C GLN B 317 -0.08 12.67 -0.81
N VAL B 318 -0.36 13.06 -2.05
CA VAL B 318 -1.08 14.33 -2.28
C VAL B 318 -2.11 14.10 -3.39
N ALA B 319 -3.33 14.57 -3.12
CA ALA B 319 -4.47 14.55 -4.09
C ALA B 319 -4.82 15.98 -4.47
N PHE B 320 -4.71 16.30 -5.76
CA PHE B 320 -5.08 17.62 -6.24
C PHE B 320 -6.48 17.57 -6.87
N ALA B 321 -7.39 18.44 -6.42
CA ALA B 321 -8.74 18.61 -7.02
C ALA B 321 -8.65 19.00 -8.50
N SER B 322 -7.60 19.71 -8.88
CA SER B 322 -7.43 20.22 -10.23
C SER B 322 -7.11 19.11 -11.25
N ASP B 323 -6.75 17.89 -10.81
CA ASP B 323 -6.53 16.74 -11.76
C ASP B 323 -7.77 16.53 -12.66
N GLN B 324 -7.57 16.27 -13.95
CA GLN B 324 -8.61 15.87 -14.84
C GLN B 324 -9.42 14.76 -14.14
N ALA B 325 -10.73 14.75 -14.37
CA ALA B 325 -11.72 14.01 -13.56
C ALA B 325 -11.52 12.49 -13.71
N ASP B 326 -10.90 12.05 -14.80
CA ASP B 326 -10.66 10.59 -15.01
C ASP B 326 -9.26 10.09 -14.58
N ARG B 327 -8.46 10.95 -13.93
CA ARG B 327 -7.12 10.58 -13.48
C ARG B 327 -6.82 11.34 -12.18
N ARG B 328 -7.82 11.38 -11.29
CA ARG B 328 -7.76 12.17 -10.08
C ARG B 328 -7.53 11.22 -8.91
N GLY B 329 -6.64 11.56 -7.98
CA GLY B 329 -6.47 10.81 -6.75
C GLY B 329 -5.14 11.09 -6.06
N PHE B 330 -4.85 10.32 -4.99
CA PHE B 330 -3.60 10.54 -4.29
C PHE B 330 -2.44 10.02 -5.13
N ARG B 331 -1.44 10.87 -5.33
CA ARG B 331 -0.20 10.47 -5.94
C ARG B 331 0.86 10.30 -4.85
N THR B 332 1.67 9.25 -4.98
CA THR B 332 2.70 8.92 -4.03
C THR B 332 4.01 9.50 -4.53
N VAL B 333 4.43 10.60 -3.89
CA VAL B 333 5.62 11.35 -4.29
C VAL B 333 6.78 10.94 -3.39
N TYR B 334 7.83 10.38 -3.99
CA TYR B 334 9.08 10.01 -3.29
C TYR B 334 10.04 11.22 -3.32
N THR B 335 10.56 11.58 -2.13
CA THR B 335 11.37 12.80 -1.95
C THR B 335 12.80 12.55 -2.43
N GLY B 336 13.35 13.59 -3.06
CA GLY B 336 14.65 13.56 -3.66
C GLY B 336 15.15 14.96 -3.97
N PRO B 337 16.06 15.08 -4.96
CA PRO B 337 16.65 16.38 -5.30
C PRO B 337 15.64 17.49 -5.57
N ALA B 338 14.49 17.18 -6.16
CA ALA B 338 13.57 18.21 -6.57
C ALA B 338 12.78 18.75 -5.36
N HIS B 339 12.86 18.11 -4.19
CA HIS B 339 11.98 18.47 -3.08
C HIS B 339 12.76 19.25 -2.03
N PRO B 340 12.11 19.93 -1.06
CA PRO B 340 12.84 20.68 -0.04
C PRO B 340 13.95 19.85 0.62
N TYR B 341 15.09 20.50 0.83
CA TYR B 341 16.30 19.95 1.43
C TYR B 341 16.98 18.96 0.48
N GLY B 342 16.45 18.75 -0.72
CA GLY B 342 16.92 17.69 -1.60
C GLY B 342 18.37 17.84 -2.04
N GLU B 343 18.86 19.08 -2.11
CA GLU B 343 20.22 19.38 -2.57
C GLU B 343 21.26 18.82 -1.57
N GLY B 344 20.86 18.63 -0.31
CA GLY B 344 21.77 18.11 0.69
C GLY B 344 21.56 16.64 1.02
N LEU B 345 20.78 15.91 0.22
CA LEU B 345 20.42 14.55 0.62
C LEU B 345 20.92 13.59 -0.45
N TRP B 346 20.12 12.61 -0.86
CA TRP B 346 20.63 11.61 -1.74
C TRP B 346 20.32 11.99 -3.18
N PRO B 347 21.14 11.49 -4.13
CA PRO B 347 20.98 11.91 -5.51
C PRO B 347 19.73 11.39 -6.27
N ILE B 348 18.97 10.45 -5.72
CA ILE B 348 17.71 10.06 -6.37
C ILE B 348 16.65 9.86 -5.30
N PRO B 349 15.36 10.03 -5.66
CA PRO B 349 14.30 9.72 -4.73
C PRO B 349 14.39 8.23 -4.40
N ALA B 350 13.96 7.92 -3.18
CA ALA B 350 13.89 6.57 -2.62
C ALA B 350 15.27 5.88 -2.53
N LEU B 351 16.40 6.57 -2.66
CA LEU B 351 17.68 5.96 -2.21
C LEU B 351 17.59 5.72 -0.71
N GLY B 352 16.86 6.58 0.01
CA GLY B 352 16.29 6.21 1.26
C GLY B 352 16.63 7.16 2.39
N ILE B 353 15.59 7.77 2.98
CA ILE B 353 15.69 8.63 4.13
C ILE B 353 15.42 7.75 5.38
N GLY B 354 16.34 7.79 6.35
CA GLY B 354 16.08 7.25 7.67
C GLY B 354 15.98 8.35 8.72
N TYR B 355 16.02 7.96 9.99
CA TYR B 355 15.89 8.90 11.10
C TYR B 355 17.03 9.93 11.11
N GLY B 356 18.25 9.46 10.79
CA GLY B 356 19.44 10.29 10.84
C GLY B 356 19.35 11.54 9.98
N GLU B 357 18.80 11.39 8.77
CA GLU B 357 18.66 12.53 7.86
C GLU B 357 17.79 13.61 8.48
N THR B 358 16.79 13.26 9.30
CA THR B 358 15.97 14.30 9.88
C THR B 358 16.83 15.12 10.86
N LYS B 359 17.74 14.45 11.58
CA LYS B 359 18.57 15.10 12.61
C LYS B 359 19.68 15.93 11.96
N ILE B 360 20.15 15.47 10.80
CA ILE B 360 21.13 16.16 10.00
C ILE B 360 20.53 17.49 9.51
N ILE B 361 19.30 17.45 8.99
CA ILE B 361 18.61 18.66 8.47
C ILE B 361 18.36 19.63 9.62
N GLU B 362 17.89 19.10 10.74
CA GLU B 362 17.75 19.88 11.99
C GLU B 362 19.07 20.61 12.34
N ALA B 363 20.18 19.88 12.41
CA ALA B 363 21.49 20.48 12.71
C ALA B 363 21.87 21.50 11.63
N HIS B 364 21.68 21.17 10.36
CA HIS B 364 21.98 22.11 9.29
C HIS B 364 21.31 23.47 9.55
N ASP B 365 20.01 23.44 9.86
CA ASP B 365 19.23 24.67 9.98
C ASP B 365 19.64 25.43 11.23
N PHE B 366 19.89 24.70 12.32
CA PHE B 366 20.30 25.26 13.59
C PHE B 366 21.61 26.02 13.41
N PHE B 367 22.57 25.39 12.71
CA PHE B 367 23.85 25.98 12.49
C PHE B 367 23.76 27.14 11.49
N LYS B 368 22.82 27.06 10.54
CA LYS B 368 22.64 28.14 9.58
C LYS B 368 22.14 29.39 10.31
N ALA B 369 21.21 29.20 11.26
CA ALA B 369 20.72 30.30 12.05
C ALA B 369 21.88 30.92 12.84
N ILE B 370 22.76 30.08 13.39
CA ILE B 370 23.85 30.59 14.23
C ILE B 370 24.83 31.37 13.36
N ALA B 371 25.24 30.77 12.24
CA ALA B 371 26.23 31.39 11.38
C ALA B 371 25.71 32.72 10.83
N GLU B 372 24.39 32.84 10.62
CA GLU B 372 23.77 34.04 9.99
C GLU B 372 23.25 35.05 11.03
N GLY B 373 23.24 34.67 12.30
CA GLY B 373 22.66 35.52 13.34
C GLY B 373 21.14 35.62 13.21
N GLY B 374 20.53 34.56 12.70
CA GLY B 374 19.11 34.46 12.53
C GLY B 374 18.47 33.66 13.65
N SER B 375 17.23 33.28 13.45
CA SER B 375 16.58 32.42 14.38
C SER B 375 16.13 31.17 13.63
N VAL B 376 15.69 30.16 14.38
CA VAL B 376 15.28 28.93 13.77
C VAL B 376 13.91 28.55 14.32
N SER B 377 13.14 27.81 13.52
CA SER B 377 11.84 27.26 13.92
C SER B 377 11.93 25.73 13.93
N PRO B 378 11.35 25.05 14.95
CA PRO B 378 10.72 25.59 16.15
C PRO B 378 11.72 26.01 17.23
N SER B 379 11.45 27.15 17.88
CA SER B 379 12.31 27.74 18.92
C SER B 379 11.76 27.36 20.29
N PHE B 380 12.40 27.86 21.36
CA PHE B 380 11.81 27.75 22.71
C PHE B 380 10.43 28.43 22.77
N ALA B 381 10.16 29.40 21.90
CA ALA B 381 8.80 29.97 21.81
C ALA B 381 7.81 28.87 21.42
N ASP B 382 8.17 28.11 20.39
CA ASP B 382 7.37 27.02 19.91
C ASP B 382 7.29 25.93 20.97
N GLY B 383 8.43 25.64 21.60
CA GLY B 383 8.49 24.59 22.59
C GLY B 383 7.59 24.90 23.76
N TYR B 384 7.56 26.19 24.14
CA TYR B 384 6.75 26.65 25.26
C TYR B 384 5.28 26.67 24.86
N GLN B 385 4.97 27.10 23.62
CA GLN B 385 3.56 27.05 23.14
C GLN B 385 3.01 25.61 23.19
N VAL B 386 3.86 24.64 22.83
CA VAL B 386 3.45 23.26 22.86
C VAL B 386 3.22 22.82 24.31
N ALA B 387 4.06 23.29 25.22
CA ALA B 387 3.93 22.93 26.63
C ALA B 387 2.61 23.49 27.22
N LEU B 388 2.17 24.65 26.69
CA LEU B 388 0.93 25.28 27.10
C LEU B 388 -0.26 24.49 26.52
N ILE B 389 -0.09 23.98 25.30
CA ILE B 389 -1.11 23.14 24.67
C ILE B 389 -1.24 21.86 25.50
N ASP B 390 -0.11 21.27 25.91
CA ASP B 390 -0.13 20.06 26.75
C ASP B 390 -0.86 20.31 28.09
N ASP B 391 -0.56 21.44 28.76
CA ASP B 391 -1.23 21.72 30.02
C ASP B 391 -2.74 21.85 29.80
N ALA B 392 -3.15 22.50 28.72
CA ALA B 392 -4.56 22.71 28.43
C ALA B 392 -5.24 21.37 28.09
N ILE B 393 -4.51 20.48 27.39
CA ILE B 393 -5.02 19.12 27.15
C ILE B 393 -5.25 18.41 28.51
N VAL B 394 -4.27 18.47 29.42
CA VAL B 394 -4.38 17.80 30.75
C VAL B 394 -5.58 18.40 31.51
N GLU B 395 -5.67 19.72 31.53
CA GLU B 395 -6.75 20.43 32.19
C GLU B 395 -8.09 20.03 31.57
N SER B 396 -8.15 20.03 30.23
CA SER B 396 -9.35 19.71 29.51
C SER B 396 -9.81 18.29 29.89
N ALA B 397 -8.88 17.35 29.91
CA ALA B 397 -9.20 15.97 30.23
C ALA B 397 -9.71 15.83 31.69
N ALA B 398 -9.12 16.59 32.60
CA ALA B 398 -9.49 16.52 34.00
C ALA B 398 -10.90 17.09 34.18
N LYS B 399 -11.18 18.22 33.52
CA LYS B 399 -12.44 18.93 33.64
C LYS B 399 -13.47 18.40 32.63
N GLU B 400 -13.03 17.59 31.66
CA GLU B 400 -13.90 17.10 30.55
C GLU B 400 -14.60 18.27 29.86
N SER B 401 -13.85 19.30 29.49
CA SER B 401 -14.42 20.41 28.75
C SER B 401 -13.36 21.02 27.83
N TRP B 402 -13.84 21.85 26.91
CA TRP B 402 -12.97 22.62 26.08
C TRP B 402 -12.14 23.58 26.94
N VAL B 403 -10.85 23.69 26.64
CA VAL B 403 -9.99 24.68 27.30
C VAL B 403 -9.36 25.55 26.22
N ASP B 404 -9.44 26.87 26.39
CA ASP B 404 -8.71 27.77 25.50
C ASP B 404 -7.21 27.62 25.78
N VAL B 405 -6.41 27.65 24.72
CA VAL B 405 -4.99 27.50 24.86
C VAL B 405 -4.38 28.88 25.09
N PRO B 406 -3.67 29.11 26.22
CA PRO B 406 -3.03 30.41 26.39
C PRO B 406 -1.98 30.66 25.29
N GLN B 407 -1.95 31.90 24.78
CA GLN B 407 -0.98 32.34 23.79
C GLN B 407 0.06 33.23 24.48
N ILE B 408 1.04 33.76 23.73
CA ILE B 408 2.18 34.49 24.34
C ILE B 408 2.64 35.63 23.42
N ASN C 23 42.81 1.82 15.01
CA ASN C 23 42.73 2.86 13.94
C ASN C 23 43.16 2.27 12.60
N LEU C 24 42.25 2.19 11.64
CA LEU C 24 42.63 1.80 10.31
C LEU C 24 42.44 3.00 9.37
N ASN C 25 43.52 3.34 8.67
CA ASN C 25 43.56 4.45 7.77
C ASN C 25 42.99 4.06 6.40
N VAL C 26 42.00 4.86 5.94
CA VAL C 26 41.32 4.66 4.68
C VAL C 26 41.81 5.68 3.66
N GLY C 27 42.22 5.16 2.51
CA GLY C 27 42.41 5.93 1.30
C GLY C 27 41.23 5.71 0.36
N LEU C 28 40.35 6.72 0.25
CA LEU C 28 39.18 6.72 -0.63
C LEU C 28 39.64 7.25 -1.98
N ILE C 29 39.32 6.53 -3.06
CA ILE C 29 39.65 7.01 -4.38
C ILE C 29 38.35 7.30 -5.15
N GLY C 30 38.08 8.59 -5.31
CA GLY C 30 36.87 9.07 -5.94
C GLY C 30 35.91 9.60 -4.88
N GLY C 31 35.39 10.79 -5.13
CA GLY C 31 34.50 11.44 -4.17
C GLY C 31 33.36 12.11 -4.91
N GLY C 32 32.72 11.35 -5.80
CA GLY C 32 31.61 11.82 -6.65
C GLY C 32 30.27 11.51 -6.04
N PHE C 33 29.31 11.05 -6.86
CA PHE C 33 27.93 10.86 -6.42
C PHE C 33 27.93 9.91 -5.20
N MET C 34 28.88 8.99 -5.10
CA MET C 34 28.90 8.01 -4.01
C MET C 34 29.73 8.51 -2.81
N GLY C 35 30.56 9.55 -3.02
CA GLY C 35 31.52 10.01 -2.03
C GLY C 35 30.87 10.21 -0.69
N LYS C 36 29.71 10.87 -0.70
CA LYS C 36 28.97 11.20 0.50
C LYS C 36 28.73 9.90 1.29
N ALA C 37 28.21 8.87 0.61
CA ALA C 37 27.76 7.64 1.31
C ALA C 37 28.93 6.91 1.99
N HIS C 38 30.02 6.72 1.27
CA HIS C 38 31.19 6.08 1.84
C HIS C 38 31.70 6.85 3.08
N SER C 39 31.87 8.16 2.92
CA SER C 39 32.46 8.97 3.95
C SER C 39 31.59 8.93 5.22
N LEU C 40 30.28 8.85 5.04
CA LEU C 40 29.32 8.75 6.13
C LEU C 40 29.55 7.42 6.88
N ALA C 41 29.72 6.33 6.16
CA ALA C 41 29.89 5.00 6.76
C ALA C 41 31.10 5.07 7.72
N TYR C 42 32.17 5.70 7.24
CA TYR C 42 33.40 5.75 8.02
C TYR C 42 33.22 6.67 9.22
N ALA C 43 32.64 7.86 9.02
CA ALA C 43 32.34 8.79 10.15
C ALA C 43 31.45 8.15 11.21
N ALA C 44 30.48 7.30 10.82
CA ALA C 44 29.35 6.97 11.71
C ALA C 44 29.40 5.53 12.25
N MET C 45 30.10 4.63 11.57
CA MET C 45 29.95 3.22 11.85
C MET C 45 30.22 2.92 13.31
N PRO C 46 31.28 3.47 13.94
CA PRO C 46 31.50 3.17 15.36
C PRO C 46 30.39 3.64 16.31
N MET C 47 29.67 4.73 16.00
CA MET C 47 28.56 5.20 16.88
C MET C 47 27.43 4.17 16.89
N PHE C 48 27.30 3.43 15.79
CA PHE C 48 26.19 2.47 15.62
C PHE C 48 26.55 1.12 16.23
N PHE C 49 27.70 0.58 15.82
CA PHE C 49 28.13 -0.74 16.26
C PHE C 49 29.32 -0.58 17.21
N TRP C 50 29.04 -0.69 18.51
CA TRP C 50 29.97 -0.36 19.55
C TRP C 50 29.87 -1.44 20.63
N PRO C 51 31.01 -1.99 21.08
CA PRO C 51 32.37 -1.61 20.69
C PRO C 51 32.73 -1.89 19.23
N ALA C 52 33.47 -0.98 18.60
CA ALA C 52 33.83 -1.16 17.23
C ALA C 52 35.10 -2.00 17.15
N PRO C 53 35.20 -2.95 16.21
CA PRO C 53 36.41 -3.76 16.08
C PRO C 53 37.63 -2.86 15.81
N ALA C 54 37.46 -1.88 14.92
CA ALA C 54 38.47 -0.90 14.58
C ALA C 54 37.81 0.43 14.25
N LEU C 55 38.58 1.51 14.36
CA LEU C 55 38.14 2.85 14.07
C LEU C 55 38.59 3.19 12.66
N PRO C 56 37.66 3.40 11.71
CA PRO C 56 38.04 3.88 10.40
C PRO C 56 38.53 5.33 10.58
N VAL C 57 39.62 5.67 9.89
CA VAL C 57 40.10 7.02 9.82
C VAL C 57 40.08 7.41 8.36
N ARG C 58 39.46 8.56 8.12
CA ARG C 58 39.42 9.15 6.80
C ARG C 58 40.74 9.88 6.56
N LYS C 59 41.71 9.14 6.06
CA LYS C 59 43.09 9.57 6.11
C LYS C 59 43.41 10.43 4.88
N VAL C 60 43.11 9.90 3.69
CA VAL C 60 43.42 10.57 2.45
C VAL C 60 42.35 10.23 1.40
N ILE C 61 42.03 11.20 0.55
CA ILE C 61 41.10 11.02 -0.56
C ILE C 61 41.82 11.45 -1.83
N ALA C 62 41.74 10.62 -2.87
CA ALA C 62 42.22 10.98 -4.18
C ALA C 62 41.06 11.50 -5.05
N GLU C 63 41.37 12.48 -5.91
CA GLU C 63 40.41 12.94 -6.93
C GLU C 63 41.18 13.26 -8.22
N ALA C 64 40.43 13.65 -9.26
CA ALA C 64 40.92 13.75 -10.63
C ALA C 64 41.83 14.96 -10.82
N ASN C 65 41.69 15.98 -9.98
CA ASN C 65 42.61 17.10 -10.02
C ASN C 65 42.76 17.62 -8.60
N PRO C 66 43.83 18.40 -8.30
CA PRO C 66 44.20 18.72 -6.93
C PRO C 66 43.16 19.58 -6.21
N GLU C 67 42.47 20.45 -6.95
CA GLU C 67 41.54 21.38 -6.33
C GLU C 67 40.29 20.58 -5.89
N LEU C 68 39.80 19.75 -6.81
CA LEU C 68 38.73 18.77 -6.55
C LEU C 68 39.05 17.96 -5.28
N ALA C 69 40.28 17.41 -5.24
CA ALA C 69 40.63 16.52 -4.16
C ALA C 69 40.60 17.28 -2.84
N ALA C 70 41.10 18.52 -2.83
CA ALA C 70 41.17 19.33 -1.59
C ALA C 70 39.75 19.70 -1.10
N GLU C 71 38.88 20.06 -2.04
CA GLU C 71 37.46 20.43 -1.74
C GLU C 71 36.73 19.17 -1.21
N ALA C 72 36.91 18.03 -1.88
CA ALA C 72 36.35 16.73 -1.38
C ALA C 72 36.86 16.45 0.04
N ALA C 73 38.16 16.63 0.27
CA ALA C 73 38.73 16.32 1.57
C ALA C 73 38.07 17.20 2.64
N ARG C 74 37.83 18.49 2.33
CA ARG C 74 37.17 19.39 3.28
C ARG C 74 35.72 18.89 3.52
N ARG C 75 35.00 18.59 2.43
CA ARG C 75 33.57 18.25 2.56
C ARG C 75 33.43 16.97 3.38
N PHE C 76 34.22 15.95 3.02
CA PHE C 76 33.99 14.60 3.56
C PHE C 76 34.83 14.34 4.83
N GLY C 77 35.68 15.30 5.24
CA GLY C 77 36.38 15.20 6.53
C GLY C 77 37.62 14.32 6.48
N PHE C 78 38.32 14.32 5.33
CA PHE C 78 39.60 13.62 5.19
C PHE C 78 40.78 14.50 5.58
N GLU C 79 41.77 13.89 6.26
CA GLU C 79 42.94 14.58 6.72
C GLU C 79 43.74 15.13 5.54
N ASN C 80 43.87 14.35 4.47
CA ASN C 80 44.79 14.66 3.40
C ASN C 80 44.08 14.47 2.07
N SER C 81 44.58 15.14 1.02
CA SER C 81 44.10 14.95 -0.32
C SER C 81 45.27 14.69 -1.25
N THR C 82 44.97 14.03 -2.37
CA THR C 82 45.94 13.85 -3.43
C THR C 82 45.18 13.82 -4.76
N SER C 83 45.89 14.14 -5.84
CA SER C 83 45.32 14.06 -7.17
C SER C 83 45.90 12.85 -7.90
N ASP C 84 46.69 12.04 -7.21
CA ASP C 84 47.30 10.88 -7.77
C ASP C 84 47.14 9.70 -6.82
N TRP C 85 46.19 8.81 -7.14
CA TRP C 85 45.79 7.65 -6.30
C TRP C 85 46.96 6.69 -6.03
N ARG C 86 47.94 6.63 -6.95
CA ARG C 86 49.13 5.79 -6.76
C ARG C 86 49.85 6.11 -5.44
N SER C 87 49.83 7.39 -5.04
CA SER C 87 50.47 7.84 -3.81
C SER C 87 49.77 7.26 -2.56
N ILE C 88 48.48 6.89 -2.69
CA ILE C 88 47.80 6.18 -1.61
C ILE C 88 48.30 4.73 -1.57
N ILE C 89 48.47 4.13 -2.75
CA ILE C 89 48.93 2.73 -2.83
C ILE C 89 50.31 2.62 -2.17
N ASP C 90 51.21 3.55 -2.51
CA ASP C 90 52.62 3.59 -2.05
C ASP C 90 52.76 4.07 -0.61
N ASP C 91 51.68 4.54 -0.01
CA ASP C 91 51.74 5.00 1.31
C ASP C 91 51.64 3.81 2.25
N PRO C 92 52.70 3.47 3.02
CA PRO C 92 52.64 2.29 3.88
C PRO C 92 51.75 2.47 5.12
N ASP C 93 51.28 3.68 5.41
CA ASP C 93 50.41 3.94 6.58
C ASP C 93 48.91 3.73 6.25
N ILE C 94 48.61 3.43 4.98
CA ILE C 94 47.24 3.27 4.51
C ILE C 94 46.93 1.78 4.59
N HIS C 95 45.89 1.45 5.36
CA HIS C 95 45.48 0.07 5.59
C HIS C 95 44.39 -0.37 4.61
N VAL C 96 43.50 0.55 4.23
CA VAL C 96 42.27 0.24 3.48
C VAL C 96 42.19 1.17 2.26
N VAL C 97 42.04 0.59 1.06
CA VAL C 97 41.75 1.33 -0.15
C VAL C 97 40.28 1.11 -0.51
N ASP C 98 39.55 2.22 -0.59
CA ASP C 98 38.16 2.26 -1.02
C ASP C 98 38.05 2.82 -2.44
N ILE C 99 37.67 1.98 -3.41
CA ILE C 99 37.63 2.37 -4.83
C ILE C 99 36.21 2.83 -5.18
N ALA C 100 36.05 4.12 -5.48
CA ALA C 100 34.77 4.70 -5.82
C ALA C 100 34.91 5.52 -7.10
N THR C 101 35.70 5.02 -8.05
CA THR C 101 35.84 5.61 -9.34
C THR C 101 34.84 5.02 -10.32
N PRO C 102 34.73 5.58 -11.55
CA PRO C 102 34.04 4.86 -12.61
C PRO C 102 34.71 3.50 -12.88
N ASN C 103 33.97 2.65 -13.58
CA ASN C 103 34.22 1.21 -13.65
C ASN C 103 35.56 0.94 -14.37
N HIS C 104 36.06 1.88 -15.17
CA HIS C 104 37.25 1.65 -16.02
C HIS C 104 38.56 1.65 -15.21
N LEU C 105 38.55 2.16 -13.97
CA LEU C 105 39.76 2.17 -13.14
C LEU C 105 39.67 1.17 -11.98
N HIS C 106 38.55 0.46 -11.82
CA HIS C 106 38.44 -0.45 -10.68
C HIS C 106 39.64 -1.42 -10.66
N ALA C 107 39.94 -2.02 -11.81
CA ALA C 107 40.84 -3.15 -11.92
C ALA C 107 42.27 -2.72 -11.60
N GLU C 108 42.72 -1.66 -12.29
CA GLU C 108 44.08 -1.18 -12.14
C GLU C 108 44.35 -0.76 -10.70
N ILE C 109 43.38 -0.08 -10.08
CA ILE C 109 43.59 0.35 -8.72
C ILE C 109 43.64 -0.89 -7.81
N ALA C 110 42.65 -1.77 -7.92
CA ALA C 110 42.55 -2.91 -7.00
C ALA C 110 43.79 -3.81 -7.10
N ILE C 111 44.31 -4.00 -8.31
CA ILE C 111 45.46 -4.88 -8.53
C ILE C 111 46.69 -4.23 -7.86
N ALA C 112 46.82 -2.89 -7.98
CA ALA C 112 47.92 -2.18 -7.33
C ALA C 112 47.79 -2.26 -5.81
N ALA C 113 46.57 -2.11 -5.27
CA ALA C 113 46.37 -2.16 -3.83
C ALA C 113 46.62 -3.57 -3.28
N ALA C 114 46.22 -4.60 -4.02
CA ALA C 114 46.41 -5.98 -3.60
C ALA C 114 47.92 -6.27 -3.50
N GLU C 115 48.68 -5.85 -4.51
CA GLU C 115 50.13 -6.05 -4.55
C GLU C 115 50.83 -5.31 -3.40
N ALA C 116 50.24 -4.20 -2.92
CA ALA C 116 50.77 -3.46 -1.79
C ALA C 116 50.17 -3.94 -0.46
N GLY C 117 49.41 -5.03 -0.47
CA GLY C 117 48.98 -5.67 0.76
C GLY C 117 47.84 -4.93 1.46
N LYS C 118 47.09 -4.10 0.72
CA LYS C 118 45.98 -3.34 1.31
C LYS C 118 44.70 -4.17 1.32
N HIS C 119 43.90 -3.96 2.36
CA HIS C 119 42.49 -4.34 2.33
C HIS C 119 41.79 -3.43 1.33
N ILE C 120 40.78 -3.96 0.64
CA ILE C 120 40.12 -3.26 -0.47
C ILE C 120 38.60 -3.42 -0.36
N ILE C 121 37.88 -2.30 -0.48
CA ILE C 121 36.44 -2.32 -0.79
C ILE C 121 36.29 -1.61 -2.13
N CYS C 122 35.58 -2.27 -3.05
CA CYS C 122 35.44 -1.79 -4.40
C CYS C 122 33.95 -1.67 -4.72
N GLU C 123 33.58 -0.52 -5.31
CA GLU C 123 32.23 -0.29 -5.79
C GLU C 123 31.89 -1.31 -6.89
N LYS C 124 30.59 -1.56 -7.04
CA LYS C 124 30.11 -2.41 -8.16
C LYS C 124 29.96 -1.57 -9.43
N PRO C 125 29.85 -2.20 -10.61
CA PRO C 125 30.23 -3.59 -10.84
C PRO C 125 31.75 -3.75 -10.63
N LEU C 126 32.23 -4.96 -10.31
CA LEU C 126 33.64 -5.12 -9.93
C LEU C 126 34.52 -4.47 -11.00
N ALA C 127 34.28 -4.80 -12.26
CA ALA C 127 34.96 -4.18 -13.37
C ALA C 127 34.04 -4.21 -14.59
N ARG C 128 34.57 -3.95 -15.77
CA ARG C 128 33.75 -3.73 -16.93
C ARG C 128 33.28 -5.07 -17.50
N THR C 129 34.13 -6.08 -17.41
CA THR C 129 33.89 -7.38 -18.00
C THR C 129 34.32 -8.48 -17.01
N GLY C 130 33.92 -9.70 -17.34
CA GLY C 130 34.31 -10.90 -16.64
C GLY C 130 35.83 -11.06 -16.63
N GLU C 131 36.46 -10.86 -17.79
CA GLU C 131 37.92 -11.06 -17.91
C GLU C 131 38.64 -10.04 -17.00
N GLU C 132 38.21 -8.78 -17.04
CA GLU C 132 38.80 -7.74 -16.21
C GLU C 132 38.54 -8.02 -14.72
N SER C 133 37.33 -8.49 -14.39
CA SER C 133 37.02 -8.88 -13.03
C SER C 133 37.89 -10.08 -12.63
N LYS C 134 38.20 -10.98 -13.56
CA LYS C 134 39.04 -12.13 -13.23
C LYS C 134 40.41 -11.68 -12.72
N ALA C 135 41.00 -10.67 -13.36
CA ALA C 135 42.33 -10.18 -12.99
C ALA C 135 42.31 -9.64 -11.56
N MET C 136 41.20 -9.04 -11.14
CA MET C 136 41.05 -8.49 -9.80
C MET C 136 40.96 -9.62 -8.76
N TYR C 137 40.08 -10.58 -9.03
CA TYR C 137 39.97 -11.78 -8.21
C TYR C 137 41.34 -12.47 -8.09
N ASP C 138 42.00 -12.66 -9.24
CA ASP C 138 43.26 -13.40 -9.26
C ASP C 138 44.30 -12.69 -8.39
N ALA C 139 44.25 -11.35 -8.32
CA ALA C 139 45.21 -10.52 -7.56
C ALA C 139 44.99 -10.61 -6.05
N VAL C 140 43.77 -10.94 -5.59
CA VAL C 140 43.44 -10.96 -4.14
C VAL C 140 43.31 -12.39 -3.60
N LYS C 141 43.06 -13.34 -4.51
CA LYS C 141 42.70 -14.74 -4.21
C LYS C 141 43.67 -15.33 -3.18
N ASP C 142 44.98 -15.08 -3.36
CA ASP C 142 46.05 -15.72 -2.56
C ASP C 142 46.60 -14.81 -1.44
N LYS C 143 46.21 -13.54 -1.36
CA LYS C 143 46.77 -12.59 -0.38
C LYS C 143 46.01 -12.69 0.95
N ASN C 144 46.62 -12.22 2.03
CA ASN C 144 45.98 -12.25 3.35
C ASN C 144 45.29 -10.91 3.61
N ILE C 145 44.36 -10.57 2.73
CA ILE C 145 43.65 -9.30 2.79
C ILE C 145 42.14 -9.56 2.67
N VAL C 146 41.39 -8.66 3.31
CA VAL C 146 39.97 -8.65 3.25
C VAL C 146 39.61 -7.86 1.99
N HIS C 147 38.79 -8.46 1.12
CA HIS C 147 38.34 -7.78 -0.10
C HIS C 147 36.82 -7.88 -0.18
N MET C 148 36.19 -6.77 -0.60
CA MET C 148 34.74 -6.65 -0.59
C MET C 148 34.27 -5.86 -1.83
N VAL C 149 33.14 -6.31 -2.41
CA VAL C 149 32.43 -5.57 -3.45
C VAL C 149 31.13 -5.00 -2.87
N ALA C 150 30.82 -3.76 -3.27
CA ALA C 150 29.87 -2.93 -2.52
C ALA C 150 28.41 -3.21 -2.91
N PHE C 151 27.97 -4.47 -2.82
CA PHE C 151 26.53 -4.81 -2.98
C PHE C 151 25.83 -4.59 -1.65
N ASN C 152 25.68 -3.32 -1.29
CA ASN C 152 25.21 -2.87 -0.01
C ASN C 152 23.76 -3.25 0.24
N TYR C 153 22.96 -3.42 -0.81
CA TYR C 153 21.53 -3.59 -0.59
C TYR C 153 21.24 -4.94 0.08
N ARG C 154 22.12 -5.93 -0.06
CA ARG C 154 21.86 -7.21 0.66
C ARG C 154 21.96 -7.04 2.17
N ARG C 155 22.56 -5.92 2.64
CA ARG C 155 22.68 -5.61 4.04
C ARG C 155 21.57 -4.67 4.50
N THR C 156 20.55 -4.43 3.66
CA THR C 156 19.33 -3.86 4.20
C THR C 156 18.85 -4.83 5.27
N PRO C 157 18.50 -4.40 6.50
CA PRO C 157 18.07 -5.37 7.51
C PRO C 157 16.90 -6.24 7.04
N ALA C 158 15.97 -5.70 6.24
CA ALA C 158 14.86 -6.52 5.71
C ALA C 158 15.40 -7.66 4.85
N VAL C 159 16.47 -7.43 4.09
CA VAL C 159 16.97 -8.50 3.19
C VAL C 159 17.68 -9.57 4.04
N ALA C 160 18.48 -9.14 5.03
CA ALA C 160 19.13 -10.08 5.99
C ALA C 160 18.08 -10.94 6.71
N LEU C 161 16.94 -10.31 7.03
CA LEU C 161 15.81 -10.99 7.66
C LEU C 161 15.22 -12.04 6.74
N ALA C 162 15.10 -11.70 5.45
CA ALA C 162 14.63 -12.70 4.48
C ALA C 162 15.59 -13.89 4.45
N LYS C 163 16.91 -13.62 4.43
CA LYS C 163 17.92 -14.70 4.51
C LYS C 163 17.71 -15.56 5.77
N LYS C 164 17.45 -14.93 6.92
CA LYS C 164 17.21 -15.66 8.15
C LYS C 164 16.00 -16.59 8.02
N TYR C 165 14.87 -16.06 7.51
CA TYR C 165 13.67 -16.93 7.35
C TYR C 165 13.98 -18.11 6.41
N ILE C 166 14.70 -17.85 5.30
CA ILE C 166 14.96 -18.89 4.33
C ILE C 166 15.86 -19.99 4.95
N GLU C 167 16.94 -19.58 5.64
CA GLU C 167 17.93 -20.54 6.20
C GLU C 167 17.31 -21.36 7.33
N GLU C 168 16.36 -20.75 8.03
CA GLU C 168 15.62 -21.43 9.06
C GLU C 168 14.69 -22.52 8.49
N GLY C 169 14.37 -22.47 7.19
CA GLY C 169 13.33 -23.36 6.63
C GLY C 169 11.91 -22.81 6.72
N ALA C 170 11.75 -21.54 7.08
CA ALA C 170 10.43 -21.05 7.43
C ALA C 170 9.54 -20.87 6.20
N ILE C 171 10.10 -20.82 4.98
CA ILE C 171 9.26 -20.79 3.77
C ILE C 171 9.47 -22.08 2.94
N GLY C 172 10.10 -23.08 3.56
CA GLY C 172 10.37 -24.32 2.90
C GLY C 172 11.40 -24.14 1.80
N ARG C 173 11.27 -24.95 0.77
CA ARG C 173 12.23 -25.03 -0.31
C ARG C 173 11.84 -23.96 -1.33
N ILE C 174 12.84 -23.32 -1.94
CA ILE C 174 12.57 -22.21 -2.86
C ILE C 174 12.25 -22.76 -4.23
N LEU C 175 11.08 -22.38 -4.78
CA LEU C 175 10.72 -22.78 -6.12
C LEU C 175 11.09 -21.69 -7.13
N SER C 176 10.86 -20.41 -6.76
CA SER C 176 10.79 -19.38 -7.78
C SER C 176 11.20 -18.03 -7.21
N PHE C 177 11.93 -17.28 -8.02
CA PHE C 177 12.46 -16.00 -7.65
C PHE C 177 12.20 -14.95 -8.75
N ARG C 178 11.68 -13.80 -8.32
CA ARG C 178 11.53 -12.59 -9.18
C ARG C 178 12.30 -11.43 -8.55
N GLY C 179 13.17 -10.78 -9.31
CA GLY C 179 13.84 -9.60 -8.83
C GLY C 179 13.76 -8.49 -9.85
N THR C 180 13.62 -7.25 -9.36
CA THR C 180 13.65 -6.10 -10.25
C THR C 180 14.59 -5.07 -9.66
N TYR C 181 15.13 -4.26 -10.57
CA TYR C 181 15.68 -2.96 -10.24
C TYR C 181 15.22 -1.95 -11.29
N LEU C 182 14.18 -1.21 -10.94
CA LEU C 182 13.56 -0.26 -11.89
C LEU C 182 13.82 1.18 -11.45
N GLN C 183 14.36 1.98 -12.38
CA GLN C 183 14.70 3.36 -12.14
C GLN C 183 14.19 4.22 -13.30
N ASP C 184 14.22 5.55 -13.13
CA ASP C 184 13.80 6.43 -14.20
C ASP C 184 14.64 7.70 -14.31
N TRP C 185 15.81 7.77 -13.66
CA TRP C 185 16.60 9.01 -13.61
C TRP C 185 17.08 9.40 -15.01
N SER C 186 17.26 8.45 -15.93
CA SER C 186 17.64 8.77 -17.35
C SER C 186 16.48 8.55 -18.33
N ALA C 187 15.23 8.56 -17.84
CA ALA C 187 14.07 8.26 -18.70
C ALA C 187 13.87 9.38 -19.75
N ASP C 188 14.42 10.56 -19.48
CA ASP C 188 14.37 11.70 -20.39
C ASP C 188 15.60 11.61 -21.30
N PRO C 189 15.40 11.57 -22.62
CA PRO C 189 16.52 11.41 -23.54
C PRO C 189 17.45 12.62 -23.53
N ASN C 190 17.06 13.71 -22.85
CA ASN C 190 17.94 14.86 -22.72
C ASN C 190 18.88 14.72 -21.52
N SER C 191 18.67 13.72 -20.65
CA SER C 191 19.67 13.44 -19.63
C SER C 191 21.00 13.12 -20.34
N PRO C 192 22.13 13.74 -19.92
CA PRO C 192 23.35 13.70 -20.70
C PRO C 192 24.09 12.35 -20.76
N LEU C 193 24.98 12.25 -21.75
CA LEU C 193 25.80 11.07 -22.01
C LEU C 193 27.00 11.01 -21.04
N SER C 194 26.70 10.74 -19.78
CA SER C 194 27.70 10.51 -18.74
C SER C 194 28.42 9.19 -19.05
N TRP C 195 29.42 8.86 -18.23
CA TRP C 195 30.24 7.63 -18.39
C TRP C 195 29.37 6.36 -18.26
N ARG C 196 28.29 6.44 -17.50
CA ARG C 196 27.35 5.29 -17.36
C ARG C 196 26.74 4.86 -18.69
N PHE C 197 26.79 5.72 -19.72
CA PHE C 197 26.21 5.37 -21.03
C PHE C 197 27.29 5.02 -22.06
N GLN C 198 28.54 4.90 -21.61
CA GLN C 198 29.60 4.62 -22.55
C GLN C 198 30.24 3.27 -22.21
N LYS C 199 30.09 2.32 -23.13
CA LYS C 199 30.55 0.93 -22.94
C LYS C 199 32.04 0.92 -22.54
N SER C 200 32.84 1.79 -23.16
CA SER C 200 34.29 1.79 -22.95
C SER C 200 34.67 2.15 -21.51
N ILE C 201 33.79 2.87 -20.80
CA ILE C 201 34.06 3.26 -19.44
C ILE C 201 33.30 2.32 -18.49
N ALA C 202 31.99 2.11 -18.76
CA ALA C 202 31.08 1.44 -17.80
C ALA C 202 31.09 -0.07 -17.98
N GLY C 203 31.34 -0.54 -19.21
CA GLY C 203 31.27 -1.95 -19.58
C GLY C 203 29.88 -2.39 -20.05
N SER C 204 28.85 -1.94 -19.33
CA SER C 204 27.46 -2.18 -19.67
C SER C 204 26.63 -1.09 -18.99
N GLY C 205 25.31 -1.11 -19.23
CA GLY C 205 24.45 -0.02 -18.79
C GLY C 205 23.70 -0.45 -17.54
N ALA C 206 22.39 -0.65 -17.70
CA ALA C 206 21.54 -1.13 -16.60
C ALA C 206 22.08 -2.44 -16.03
N LEU C 207 22.59 -3.32 -16.90
CA LEU C 207 23.03 -4.65 -16.45
C LEU C 207 24.08 -4.50 -15.33
N GLY C 208 25.20 -3.85 -15.70
CA GLY C 208 26.34 -3.62 -14.81
C GLY C 208 26.00 -2.71 -13.63
N ASP C 209 25.24 -1.64 -13.89
CA ASP C 209 25.07 -0.58 -12.89
C ASP C 209 24.03 -0.92 -11.83
N ILE C 210 22.94 -1.59 -12.22
CA ILE C 210 21.89 -1.89 -11.23
C ILE C 210 21.49 -3.36 -11.23
N ALA C 211 21.47 -4.06 -12.36
CA ALA C 211 21.06 -5.48 -12.33
C ALA C 211 21.98 -6.28 -11.42
N THR C 212 23.23 -5.88 -11.33
CA THR C 212 24.20 -6.60 -10.53
C THR C 212 23.73 -6.63 -9.06
N HIS C 213 23.15 -5.54 -8.55
CA HIS C 213 22.60 -5.53 -7.18
C HIS C 213 21.55 -6.64 -6.96
N VAL C 214 20.74 -6.89 -7.99
CA VAL C 214 19.64 -7.84 -7.87
C VAL C 214 20.20 -9.25 -7.99
N ILE C 215 21.12 -9.43 -8.94
CA ILE C 215 21.80 -10.69 -9.11
C ILE C 215 22.47 -11.09 -7.80
N ASP C 216 23.18 -10.14 -7.16
CA ASP C 216 23.78 -10.42 -5.87
C ASP C 216 22.73 -10.90 -4.87
N MET C 217 21.56 -10.24 -4.82
CA MET C 217 20.51 -10.64 -3.88
C MET C 217 20.01 -12.05 -4.17
N ALA C 218 19.96 -12.41 -5.46
CA ALA C 218 19.50 -13.73 -5.91
C ALA C 218 20.48 -14.80 -5.43
N ARG C 219 21.78 -14.53 -5.63
CA ARG C 219 22.84 -15.44 -5.22
C ARG C 219 22.77 -15.62 -3.70
N TYR C 220 22.60 -14.50 -2.99
CA TYR C 220 22.54 -14.49 -1.55
C TYR C 220 21.36 -15.30 -1.01
N LEU C 221 20.18 -15.05 -1.56
CA LEU C 221 18.94 -15.55 -1.01
C LEU C 221 18.58 -16.92 -1.61
N VAL C 222 18.94 -17.16 -2.87
CA VAL C 222 18.49 -18.39 -3.52
C VAL C 222 19.69 -19.30 -3.76
N GLY C 223 20.73 -18.80 -4.41
CA GLY C 223 21.93 -19.62 -4.65
C GLY C 223 22.50 -19.32 -6.02
N GLU C 224 23.41 -20.16 -6.46
CA GLU C 224 24.15 -19.94 -7.67
C GLU C 224 23.25 -20.12 -8.89
N PHE C 225 23.62 -19.41 -9.96
CA PHE C 225 22.95 -19.47 -11.23
C PHE C 225 23.54 -20.61 -12.05
N SER C 226 22.68 -21.39 -12.70
CA SER C 226 23.15 -22.44 -13.58
C SER C 226 23.13 -21.95 -15.04
N ALA C 227 22.10 -21.18 -15.42
CA ALA C 227 21.94 -20.74 -16.79
C ALA C 227 21.01 -19.53 -16.87
N VAL C 228 21.23 -18.71 -17.90
CA VAL C 228 20.45 -17.50 -18.15
C VAL C 228 19.99 -17.43 -19.63
N ASN C 229 18.87 -16.72 -19.83
CA ASN C 229 18.34 -16.43 -21.16
C ASN C 229 17.77 -15.01 -21.18
N ALA C 230 18.34 -14.12 -22.00
CA ALA C 230 18.09 -12.69 -21.77
C ALA C 230 17.75 -11.91 -23.04
N VAL C 231 17.29 -10.70 -22.80
CA VAL C 231 17.07 -9.68 -23.81
C VAL C 231 17.62 -8.37 -23.22
N LEU C 232 18.47 -7.70 -24.00
CA LEU C 232 18.96 -6.39 -23.70
C LEU C 232 18.29 -5.39 -24.66
N SER C 233 17.87 -4.25 -24.12
CA SER C 233 17.19 -3.21 -24.90
C SER C 233 17.87 -1.87 -24.66
N THR C 234 17.98 -1.10 -25.75
CA THR C 234 18.36 0.30 -25.67
C THR C 234 17.18 1.08 -26.26
N TRP C 235 16.53 1.93 -25.43
CA TRP C 235 15.37 2.72 -25.84
C TRP C 235 15.80 4.09 -26.34
N ILE C 236 16.91 4.63 -25.82
CA ILE C 236 17.34 5.97 -26.12
C ILE C 236 18.78 5.85 -26.65
N PRO C 237 18.97 5.81 -27.99
CA PRO C 237 20.27 5.48 -28.59
C PRO C 237 21.28 6.64 -28.69
N GLU C 238 20.84 7.87 -28.41
CA GLU C 238 21.67 9.05 -28.50
C GLU C 238 21.34 9.99 -27.35
N ARG C 239 22.35 10.67 -26.81
CA ARG C 239 22.09 11.67 -25.76
C ARG C 239 23.02 12.87 -25.95
N PRO C 240 22.67 14.03 -25.39
CA PRO C 240 23.55 15.19 -25.43
C PRO C 240 24.86 14.92 -24.68
N LEU C 241 26.00 15.29 -25.28
CA LEU C 241 27.29 15.23 -24.57
C LEU C 241 27.26 16.19 -23.37
N GLN C 242 28.01 15.90 -22.30
CA GLN C 242 27.91 16.72 -21.06
C GLN C 242 28.52 18.11 -21.26
N ARG C 253 19.35 24.28 -22.55
CA ARG C 253 19.96 23.65 -23.73
C ARG C 253 18.99 22.66 -24.40
N GLY C 254 18.10 22.02 -23.61
CA GLY C 254 17.06 21.09 -24.07
C GLY C 254 17.57 20.03 -25.04
N GLY C 255 18.82 19.58 -24.83
CA GLY C 255 19.49 18.60 -25.66
C GLY C 255 19.60 19.02 -27.12
N GLU C 256 19.71 20.32 -27.36
CA GLU C 256 19.84 20.88 -28.70
C GLU C 256 21.31 20.83 -29.13
N GLY C 257 22.23 20.68 -28.17
CA GLY C 257 23.68 20.69 -28.44
C GLY C 257 24.16 19.45 -29.19
N PRO C 258 25.49 19.23 -29.30
CA PRO C 258 25.98 18.01 -29.93
C PRO C 258 25.67 16.77 -29.07
N LYS C 259 25.51 15.64 -29.75
CA LYS C 259 25.05 14.38 -29.19
C LYS C 259 26.07 13.27 -29.43
N GLY C 260 26.05 12.26 -28.56
CA GLY C 260 26.83 11.06 -28.72
C GLY C 260 25.97 9.81 -28.60
N PRO C 261 26.48 8.66 -29.12
CA PRO C 261 25.78 7.39 -29.06
C PRO C 261 25.81 6.78 -27.65
N VAL C 262 24.70 6.10 -27.33
CA VAL C 262 24.61 5.21 -26.22
C VAL C 262 24.88 3.80 -26.76
N ASP C 263 25.98 3.19 -26.34
CA ASP C 263 26.30 1.88 -26.81
C ASP C 263 26.26 0.86 -25.67
N VAL C 264 25.35 1.09 -24.72
CA VAL C 264 25.04 0.14 -23.64
C VAL C 264 23.52 -0.06 -23.57
N ASP C 265 23.12 -1.10 -22.83
CA ASP C 265 21.73 -1.43 -22.57
C ASP C 265 21.10 -0.38 -21.64
N ASP C 266 19.82 -0.03 -21.90
CA ASP C 266 19.01 0.74 -20.96
C ASP C 266 18.24 -0.20 -20.03
N GLU C 267 18.09 -1.45 -20.49
CA GLU C 267 17.18 -2.38 -19.89
C GLU C 267 17.63 -3.80 -20.16
N VAL C 268 17.41 -4.63 -19.15
CA VAL C 268 17.71 -6.04 -19.25
C VAL C 268 16.61 -6.84 -18.61
N MET C 269 16.21 -7.94 -19.27
CA MET C 269 15.45 -8.95 -18.60
C MET C 269 16.08 -10.30 -18.93
N THR C 270 16.08 -11.18 -17.93
CA THR C 270 16.68 -12.51 -18.05
C THR C 270 15.88 -13.53 -17.24
N MET C 271 15.69 -14.69 -17.85
CA MET C 271 15.23 -15.85 -17.13
C MET C 271 16.49 -16.55 -16.59
N ILE C 272 16.26 -17.34 -15.53
CA ILE C 272 17.31 -17.96 -14.73
C ILE C 272 16.86 -19.36 -14.34
N ARG C 273 17.78 -20.32 -14.51
CA ARG C 273 17.69 -21.61 -13.89
C ARG C 273 18.75 -21.61 -12.79
N PHE C 274 18.34 -21.81 -11.53
CA PHE C 274 19.30 -21.88 -10.43
C PHE C 274 19.90 -23.29 -10.35
N ALA C 275 21.16 -23.40 -9.93
CA ALA C 275 21.85 -24.71 -9.71
C ALA C 275 21.00 -25.66 -8.85
N ASN C 276 20.27 -25.11 -7.87
CA ASN C 276 19.48 -25.90 -6.97
C ASN C 276 18.11 -26.29 -7.57
N GLY C 277 17.87 -25.96 -8.85
CA GLY C 277 16.61 -26.32 -9.51
C GLY C 277 15.49 -25.29 -9.36
N ALA C 278 15.63 -24.24 -8.55
CA ALA C 278 14.64 -23.15 -8.60
C ALA C 278 14.73 -22.45 -9.96
N VAL C 279 13.67 -21.71 -10.34
CA VAL C 279 13.68 -20.91 -11.53
C VAL C 279 13.45 -19.46 -11.13
N GLY C 280 13.76 -18.55 -12.05
CA GLY C 280 13.44 -17.18 -11.78
C GLY C 280 13.76 -16.25 -12.94
N SER C 281 13.74 -14.96 -12.63
CA SER C 281 13.94 -13.90 -13.59
C SER C 281 14.35 -12.62 -12.86
N VAL C 282 15.10 -11.81 -13.59
CA VAL C 282 15.53 -10.49 -13.15
C VAL C 282 15.27 -9.50 -14.27
N GLU C 283 14.76 -8.33 -13.89
CA GLU C 283 14.50 -7.25 -14.81
C GLU C 283 15.02 -5.96 -14.19
N ALA C 284 15.79 -5.20 -14.98
CA ALA C 284 16.24 -3.89 -14.57
C ALA C 284 16.14 -2.92 -15.75
N THR C 285 15.86 -1.65 -15.43
CA THR C 285 15.69 -0.62 -16.42
C THR C 285 15.99 0.76 -15.85
N ARG C 286 16.44 1.63 -16.76
CA ARG C 286 16.60 3.06 -16.53
C ARG C 286 15.38 3.87 -17.00
N ASN C 287 14.35 3.19 -17.54
CA ASN C 287 13.29 3.83 -18.36
C ASN C 287 11.89 3.47 -17.85
N ALA C 288 11.68 3.49 -16.53
CA ALA C 288 10.38 3.20 -15.95
C ALA C 288 9.91 4.38 -15.10
N HIS C 289 9.21 5.33 -15.73
CA HIS C 289 8.65 6.52 -15.06
C HIS C 289 7.85 6.08 -13.83
N GLY C 290 8.00 6.82 -12.71
CA GLY C 290 7.36 6.42 -11.49
C GLY C 290 8.21 5.53 -10.58
N ARG C 291 9.20 4.85 -11.14
CA ARG C 291 10.11 3.99 -10.39
C ARG C 291 11.44 4.72 -10.15
N ASN C 292 11.81 4.86 -8.87
CA ASN C 292 12.94 5.70 -8.46
C ASN C 292 14.17 4.83 -8.15
N ASN C 293 14.02 3.96 -7.13
CA ASN C 293 15.05 3.04 -6.70
C ASN C 293 14.37 1.73 -6.30
N TYR C 294 13.63 1.20 -7.27
CA TYR C 294 12.70 0.08 -7.05
C TYR C 294 13.45 -1.24 -7.23
N ILE C 295 14.29 -1.59 -6.24
CA ILE C 295 14.88 -2.92 -6.08
C ILE C 295 13.90 -3.75 -5.28
N THR C 296 13.40 -4.83 -5.89
CA THR C 296 12.39 -5.66 -5.27
C THR C 296 12.76 -7.12 -5.54
N PHE C 297 12.21 -8.00 -4.70
CA PHE C 297 12.14 -9.40 -5.03
C PHE C 297 10.83 -9.98 -4.48
N GLU C 298 10.44 -11.07 -5.13
CA GLU C 298 9.40 -11.94 -4.65
C GLU C 298 9.94 -13.36 -4.72
N ILE C 299 9.83 -14.09 -3.59
CA ILE C 299 10.31 -15.44 -3.52
C ILE C 299 9.15 -16.34 -3.11
N HIS C 300 8.93 -17.39 -3.90
CA HIS C 300 7.91 -18.41 -3.60
C HIS C 300 8.59 -19.70 -3.13
N GLY C 301 8.28 -20.11 -1.91
CA GLY C 301 8.74 -21.40 -1.45
C GLY C 301 7.58 -22.35 -1.24
N THR C 302 7.93 -23.60 -0.90
CA THR C 302 6.91 -24.63 -0.70
C THR C 302 6.02 -24.32 0.49
N GLU C 303 6.53 -23.56 1.47
CA GLU C 303 5.77 -23.33 2.73
C GLU C 303 5.54 -21.84 3.00
N GLY C 304 5.87 -20.97 2.04
CA GLY C 304 5.60 -19.54 2.23
C GLY C 304 6.22 -18.70 1.15
N SER C 305 6.04 -17.39 1.26
CA SER C 305 6.58 -16.45 0.25
C SER C 305 7.17 -15.22 0.95
N ILE C 306 8.14 -14.56 0.29
CA ILE C 306 8.71 -13.28 0.82
C ILE C 306 8.71 -12.26 -0.31
N VAL C 307 8.29 -11.04 0.03
CA VAL C 307 8.34 -9.87 -0.85
C VAL C 307 9.09 -8.71 -0.16
N PHE C 308 9.94 -8.05 -0.93
CA PHE C 308 10.71 -6.92 -0.50
C PHE C 308 10.68 -5.82 -1.57
N ASN C 309 10.62 -4.56 -1.12
CA ASN C 309 10.57 -3.38 -1.97
C ASN C 309 11.43 -2.31 -1.27
N TYR C 310 12.60 -2.01 -1.86
CA TYR C 310 13.56 -1.12 -1.23
C TYR C 310 12.99 0.30 -1.08
N GLU C 311 12.04 0.69 -1.93
CA GLU C 311 11.43 2.03 -1.77
C GLU C 311 10.68 2.12 -0.42
N ARG C 312 10.34 0.97 0.16
CA ARG C 312 9.81 0.84 1.52
C ARG C 312 10.69 -0.13 2.32
N ARG C 313 11.99 0.20 2.43
CA ARG C 313 13.04 -0.78 2.83
C ARG C 313 12.93 -1.20 4.29
N ASP C 314 12.23 -0.41 5.11
CA ASP C 314 11.98 -0.82 6.49
C ASP C 314 11.13 -2.09 6.63
N GLU C 315 10.40 -2.45 5.57
CA GLU C 315 9.41 -3.51 5.59
C GLU C 315 9.95 -4.77 4.90
N LEU C 316 9.65 -5.93 5.47
CA LEU C 316 9.65 -7.18 4.70
C LEU C 316 8.26 -7.80 4.81
N GLN C 317 7.76 -8.28 3.67
CA GLN C 317 6.49 -8.95 3.61
C GLN C 317 6.74 -10.46 3.62
N VAL C 318 6.08 -11.18 4.52
CA VAL C 318 6.23 -12.64 4.55
C VAL C 318 4.87 -13.29 4.78
N ALA C 319 4.59 -14.33 3.98
CA ALA C 319 3.36 -15.14 4.08
C ALA C 319 3.78 -16.56 4.44
N PHE C 320 3.31 -17.04 5.58
CA PHE C 320 3.55 -18.40 6.01
C PHE C 320 2.32 -19.29 5.74
N ALA C 321 2.55 -20.38 4.99
CA ALA C 321 1.51 -21.38 4.75
C ALA C 321 0.94 -21.94 6.06
N SER C 322 1.73 -21.94 7.13
CA SER C 322 1.32 -22.59 8.38
C SER C 322 0.30 -21.75 9.15
N ASP C 323 0.10 -20.49 8.80
CA ASP C 323 -0.89 -19.68 9.51
C ASP C 323 -2.25 -20.38 9.46
N GLN C 324 -3.08 -20.17 10.48
CA GLN C 324 -4.44 -20.74 10.45
C GLN C 324 -5.16 -20.23 9.18
N ALA C 325 -6.05 -21.06 8.61
CA ALA C 325 -6.66 -20.79 7.27
C ALA C 325 -7.43 -19.47 7.24
N ASP C 326 -8.00 -19.03 8.39
CA ASP C 326 -8.81 -17.82 8.40
C ASP C 326 -7.98 -16.57 8.74
N ARG C 327 -6.65 -16.68 8.79
CA ARG C 327 -5.79 -15.53 9.17
C ARG C 327 -4.43 -15.70 8.51
N ARG C 328 -4.49 -15.99 7.23
CA ARG C 328 -3.36 -16.35 6.45
C ARG C 328 -3.13 -15.22 5.45
N GLY C 329 -1.88 -14.81 5.26
CA GLY C 329 -1.54 -13.74 4.30
C GLY C 329 -0.17 -13.16 4.56
N PHE C 330 0.27 -12.21 3.73
CA PHE C 330 1.56 -11.54 3.94
C PHE C 330 1.46 -10.66 5.17
N ARG C 331 2.45 -10.82 6.05
CA ARG C 331 2.69 -9.95 7.18
C ARG C 331 3.67 -8.87 6.74
N THR C 332 3.41 -7.63 7.15
CA THR C 332 4.38 -6.57 6.99
C THR C 332 5.16 -6.43 8.28
N VAL C 333 6.42 -6.85 8.20
CA VAL C 333 7.34 -6.81 9.32
C VAL C 333 8.28 -5.60 9.19
N TYR C 334 8.25 -4.71 10.19
CA TYR C 334 9.22 -3.57 10.23
C TYR C 334 10.46 -4.00 10.99
N THR C 335 11.64 -3.73 10.42
CA THR C 335 12.87 -4.16 11.02
C THR C 335 13.30 -3.20 12.13
N GLY C 336 13.92 -3.81 13.14
CA GLY C 336 14.24 -3.18 14.41
C GLY C 336 15.17 -4.07 15.23
N PRO C 337 15.21 -3.84 16.56
CA PRO C 337 16.08 -4.61 17.45
C PRO C 337 15.99 -6.13 17.31
N ALA C 338 14.82 -6.67 16.95
CA ALA C 338 14.60 -8.10 16.98
C ALA C 338 15.16 -8.77 15.72
N HIS C 339 15.58 -7.97 14.74
CA HIS C 339 15.92 -8.50 13.40
C HIS C 339 17.42 -8.39 13.15
N PRO C 340 17.94 -9.09 12.12
CA PRO C 340 19.37 -9.03 11.90
C PRO C 340 19.90 -7.60 11.85
N TYR C 341 21.09 -7.44 12.45
CA TYR C 341 21.83 -6.20 12.62
C TYR C 341 21.13 -5.23 13.57
N GLY C 342 20.01 -5.61 14.18
CA GLY C 342 19.21 -4.69 14.96
C GLY C 342 19.95 -4.09 16.16
N GLU C 343 20.88 -4.84 16.75
CA GLU C 343 21.66 -4.40 17.95
C GLU C 343 22.45 -3.11 17.64
N GLY C 344 22.77 -2.88 16.35
CA GLY C 344 23.56 -1.73 15.94
C GLY C 344 22.76 -0.57 15.35
N LEU C 345 21.44 -0.66 15.26
CA LEU C 345 20.68 0.34 14.48
C LEU C 345 19.79 1.12 15.44
N TRP C 346 18.48 1.24 15.18
CA TRP C 346 17.69 2.16 15.94
C TRP C 346 16.87 1.39 16.94
N PRO C 347 16.47 2.03 18.07
CA PRO C 347 15.85 1.30 19.16
C PRO C 347 14.39 0.89 18.95
N ILE C 348 13.75 1.37 17.87
CA ILE C 348 12.44 0.87 17.54
C ILE C 348 12.33 0.65 16.04
N PRO C 349 11.51 -0.36 15.63
CA PRO C 349 11.19 -0.58 14.23
C PRO C 349 10.56 0.70 13.68
N ALA C 350 10.88 0.99 12.42
CA ALA C 350 10.35 2.09 11.65
C ALA C 350 10.86 3.46 12.15
N LEU C 351 11.84 3.53 13.06
CA LEU C 351 12.45 4.83 13.31
C LEU C 351 13.11 5.29 12.02
N GLY C 352 13.70 4.37 11.28
CA GLY C 352 13.85 4.57 9.86
C GLY C 352 15.23 4.24 9.38
N ILE C 353 15.29 3.28 8.46
CA ILE C 353 16.47 2.90 7.74
C ILE C 353 16.53 3.69 6.42
N GLY C 354 17.69 4.29 6.16
CA GLY C 354 18.03 4.97 4.91
C GLY C 354 19.16 4.28 4.17
N TYR C 355 19.60 4.88 3.07
CA TYR C 355 20.73 4.34 2.33
C TYR C 355 21.98 4.24 3.21
N GLY C 356 22.17 5.23 4.07
CA GLY C 356 23.38 5.31 4.87
C GLY C 356 23.54 4.17 5.86
N GLU C 357 22.43 3.69 6.44
CA GLU C 357 22.52 2.53 7.35
C GLU C 357 23.07 1.31 6.60
N THR C 358 22.69 1.11 5.34
CA THR C 358 23.21 -0.04 4.60
C THR C 358 24.74 0.08 4.44
N LYS C 359 25.26 1.30 4.25
CA LYS C 359 26.71 1.47 4.06
C LYS C 359 27.43 1.30 5.41
N ILE C 360 26.77 1.68 6.50
CA ILE C 360 27.31 1.53 7.85
C ILE C 360 27.42 0.03 8.19
N ILE C 361 26.43 -0.77 7.79
CA ILE C 361 26.43 -2.17 8.14
C ILE C 361 27.55 -2.84 7.34
N GLU C 362 27.62 -2.44 6.08
CA GLU C 362 28.69 -2.87 5.19
C GLU C 362 30.07 -2.61 5.81
N ALA C 363 30.32 -1.38 6.25
CA ALA C 363 31.63 -1.01 6.83
C ALA C 363 31.88 -1.78 8.14
N HIS C 364 30.82 -1.96 8.94
CA HIS C 364 30.91 -2.70 10.16
C HIS C 364 31.50 -4.10 9.90
N ASP C 365 30.89 -4.82 8.97
CA ASP C 365 31.29 -6.19 8.65
C ASP C 365 32.68 -6.21 7.99
N PHE C 366 32.98 -5.23 7.13
CA PHE C 366 34.29 -5.10 6.51
C PHE C 366 35.39 -4.98 7.58
N PHE C 367 35.25 -3.98 8.47
CA PHE C 367 36.26 -3.66 9.48
C PHE C 367 36.33 -4.79 10.52
N LYS C 368 35.21 -5.47 10.77
CA LYS C 368 35.18 -6.61 11.64
C LYS C 368 36.05 -7.73 11.06
N ALA C 369 35.92 -8.03 9.77
CA ALA C 369 36.72 -9.09 9.13
C ALA C 369 38.21 -8.77 9.24
N ILE C 370 38.57 -7.51 8.98
CA ILE C 370 39.94 -7.01 9.10
C ILE C 370 40.44 -7.21 10.54
N ALA C 371 39.69 -6.71 11.52
CA ALA C 371 40.06 -6.83 12.91
C ALA C 371 40.23 -8.31 13.35
N GLU C 372 39.49 -9.25 12.76
CA GLU C 372 39.50 -10.64 13.23
C GLU C 372 40.35 -11.50 12.30
N GLY C 373 41.01 -10.91 11.30
CA GLY C 373 41.74 -11.72 10.33
C GLY C 373 40.82 -12.67 9.57
N GLY C 374 39.56 -12.26 9.38
CA GLY C 374 38.57 -13.07 8.68
C GLY C 374 38.35 -12.59 7.26
N SER C 375 37.18 -12.89 6.71
CA SER C 375 36.78 -12.42 5.37
C SER C 375 35.29 -12.08 5.39
N VAL C 376 34.83 -11.40 4.35
CA VAL C 376 33.42 -10.95 4.28
C VAL C 376 32.80 -11.43 2.97
N SER C 377 31.47 -11.47 2.96
CA SER C 377 30.71 -11.65 1.74
C SER C 377 29.81 -10.43 1.53
N PRO C 378 29.72 -9.88 0.32
CA PRO C 378 30.33 -10.37 -0.88
C PRO C 378 31.76 -9.85 -1.10
N SER C 379 32.63 -10.76 -1.55
CA SER C 379 34.05 -10.53 -1.72
C SER C 379 34.32 -10.32 -3.21
N PHE C 380 35.59 -10.24 -3.62
CA PHE C 380 35.92 -10.19 -5.05
C PHE C 380 35.53 -11.50 -5.74
N ALA C 381 35.36 -12.57 -4.98
CA ALA C 381 34.95 -13.83 -5.55
C ALA C 381 33.51 -13.70 -6.03
N ASP C 382 32.65 -13.13 -5.18
CA ASP C 382 31.27 -12.84 -5.51
C ASP C 382 31.21 -11.81 -6.65
N GLY C 383 32.05 -10.78 -6.56
CA GLY C 383 32.11 -9.75 -7.60
C GLY C 383 32.37 -10.35 -8.97
N TYR C 384 33.31 -11.29 -9.00
CA TYR C 384 33.71 -11.96 -10.22
C TYR C 384 32.59 -12.90 -10.68
N GLN C 385 31.98 -13.64 -9.75
CA GLN C 385 30.85 -14.50 -10.11
C GLN C 385 29.75 -13.65 -10.78
N VAL C 386 29.43 -12.49 -10.22
CA VAL C 386 28.42 -11.60 -10.80
C VAL C 386 28.88 -11.17 -12.20
N ALA C 387 30.16 -10.87 -12.39
CA ALA C 387 30.66 -10.43 -13.68
C ALA C 387 30.53 -11.54 -14.73
N LEU C 388 30.68 -12.80 -14.29
CA LEU C 388 30.52 -13.96 -15.17
C LEU C 388 29.05 -14.14 -15.56
N ILE C 389 28.14 -13.86 -14.64
CA ILE C 389 26.71 -13.92 -14.92
C ILE C 389 26.36 -12.85 -15.97
N ASP C 390 26.86 -11.62 -15.77
CA ASP C 390 26.65 -10.52 -16.70
C ASP C 390 27.15 -10.95 -18.10
N ASP C 391 28.35 -11.51 -18.17
CA ASP C 391 28.91 -11.92 -19.50
C ASP C 391 27.96 -12.94 -20.14
N ALA C 392 27.47 -13.90 -19.35
CA ALA C 392 26.58 -14.94 -19.85
C ALA C 392 25.25 -14.31 -20.33
N ILE C 393 24.74 -13.31 -19.60
CA ILE C 393 23.54 -12.57 -19.98
C ILE C 393 23.73 -11.91 -21.37
N VAL C 394 24.86 -11.25 -21.56
CA VAL C 394 25.21 -10.49 -22.78
C VAL C 394 25.28 -11.48 -23.95
N GLU C 395 25.95 -12.60 -23.70
CA GLU C 395 26.14 -13.64 -24.69
C GLU C 395 24.78 -14.27 -25.01
N SER C 396 23.98 -14.56 -23.98
CA SER C 396 22.64 -15.13 -24.19
C SER C 396 21.81 -14.22 -25.10
N ALA C 397 21.83 -12.93 -24.79
CA ALA C 397 21.04 -11.93 -25.51
C ALA C 397 21.45 -11.89 -26.99
N ALA C 398 22.76 -11.96 -27.23
CA ALA C 398 23.35 -11.90 -28.56
C ALA C 398 22.97 -13.14 -29.39
N LYS C 399 23.01 -14.32 -28.78
CA LYS C 399 22.74 -15.58 -29.46
C LYS C 399 21.27 -15.99 -29.35
N GLU C 400 20.47 -15.24 -28.58
CA GLU C 400 19.08 -15.58 -28.30
C GLU C 400 18.97 -17.03 -27.81
N SER C 401 19.87 -17.45 -26.91
CA SER C 401 19.79 -18.82 -26.42
C SER C 401 20.20 -18.88 -24.94
N TRP C 402 19.84 -20.00 -24.29
CA TRP C 402 20.32 -20.33 -22.95
C TRP C 402 21.84 -20.38 -22.95
N VAL C 403 22.46 -19.73 -21.97
CA VAL C 403 23.90 -19.79 -21.78
C VAL C 403 24.17 -20.26 -20.34
N ASP C 404 25.07 -21.24 -20.24
CA ASP C 404 25.48 -21.80 -18.96
C ASP C 404 26.36 -20.78 -18.26
N VAL C 405 26.15 -20.58 -16.95
CA VAL C 405 26.99 -19.65 -16.24
C VAL C 405 28.19 -20.41 -15.70
N PRO C 406 29.42 -20.04 -16.10
CA PRO C 406 30.60 -20.60 -15.45
C PRO C 406 30.64 -20.21 -13.97
N GLN C 407 30.98 -21.17 -13.11
CA GLN C 407 31.33 -20.86 -11.73
C GLN C 407 32.78 -20.34 -11.70
N ILE C 408 33.12 -19.56 -10.67
CA ILE C 408 34.42 -18.87 -10.62
C ILE C 408 35.57 -19.88 -10.51
N SER C 409 35.27 -21.13 -10.15
CA SER C 409 36.31 -22.15 -9.95
C SER C 409 36.76 -22.79 -11.28
N ALA C 410 36.13 -22.44 -12.42
CA ALA C 410 36.37 -23.15 -13.69
C ALA C 410 37.69 -22.69 -14.31
N MET D 21 -39.03 -24.34 -0.08
CA MET D 21 -38.51 -22.94 -0.25
C MET D 21 -39.69 -22.01 -0.62
N GLN D 22 -40.10 -21.14 0.31
CA GLN D 22 -41.24 -20.26 0.07
C GLN D 22 -40.80 -19.11 -0.84
N ASN D 23 -41.73 -18.59 -1.64
CA ASN D 23 -41.57 -17.31 -2.33
C ASN D 23 -41.92 -16.20 -1.33
N LEU D 24 -41.14 -15.11 -1.30
CA LEU D 24 -41.57 -13.95 -0.54
C LEU D 24 -41.63 -12.73 -1.47
N ASN D 25 -42.82 -12.13 -1.57
CA ASN D 25 -43.10 -11.03 -2.43
C ASN D 25 -42.60 -9.73 -1.79
N VAL D 26 -41.73 -9.06 -2.54
CA VAL D 26 -41.12 -7.86 -2.09
C VAL D 26 -41.83 -6.68 -2.76
N GLY D 27 -42.15 -5.66 -1.97
CA GLY D 27 -42.58 -4.39 -2.49
C GLY D 27 -41.54 -3.35 -2.14
N LEU D 28 -40.85 -2.85 -3.18
CA LEU D 28 -39.76 -1.90 -3.04
C LEU D 28 -40.32 -0.50 -3.28
N ILE D 29 -39.98 0.43 -2.39
CA ILE D 29 -40.47 1.79 -2.49
C ILE D 29 -39.26 2.69 -2.70
N GLY D 30 -39.12 3.19 -3.93
CA GLY D 30 -38.00 4.01 -4.34
C GLY D 30 -37.09 3.24 -5.29
N GLY D 31 -36.70 3.91 -6.38
CA GLY D 31 -35.97 3.23 -7.43
C GLY D 31 -34.78 4.05 -7.89
N GLY D 32 -34.18 4.78 -6.94
CA GLY D 32 -33.02 5.63 -7.19
C GLY D 32 -31.73 4.81 -7.18
N PHE D 33 -30.70 5.32 -6.53
CA PHE D 33 -29.42 4.58 -6.36
C PHE D 33 -29.62 3.28 -5.57
N MET D 34 -30.29 3.37 -4.43
CA MET D 34 -30.39 2.20 -3.58
C MET D 34 -31.38 1.18 -4.17
N GLY D 35 -32.39 1.64 -4.93
CA GLY D 35 -33.25 0.76 -5.75
C GLY D 35 -32.46 -0.25 -6.60
N LYS D 36 -31.41 0.20 -7.27
CA LYS D 36 -30.58 -0.68 -8.08
C LYS D 36 -29.85 -1.74 -7.24
N ALA D 37 -29.21 -1.31 -6.15
CA ALA D 37 -28.39 -2.21 -5.34
C ALA D 37 -29.29 -3.23 -4.65
N HIS D 38 -30.46 -2.74 -4.17
CA HIS D 38 -31.48 -3.59 -3.57
C HIS D 38 -32.01 -4.65 -4.56
N SER D 39 -32.32 -4.24 -5.80
CA SER D 39 -32.91 -5.11 -6.81
C SER D 39 -31.93 -6.24 -7.18
N LEU D 40 -30.66 -5.89 -7.34
CA LEU D 40 -29.57 -6.86 -7.52
C LEU D 40 -29.57 -7.91 -6.40
N ALA D 41 -29.66 -7.45 -5.14
CA ALA D 41 -29.66 -8.38 -4.01
C ALA D 41 -30.82 -9.40 -4.12
N TYR D 42 -32.03 -8.93 -4.45
CA TYR D 42 -33.17 -9.83 -4.57
C TYR D 42 -32.95 -10.77 -5.77
N ALA D 43 -32.40 -10.25 -6.86
CA ALA D 43 -32.17 -11.04 -8.05
C ALA D 43 -31.10 -12.11 -7.81
N ALA D 44 -30.10 -11.82 -6.97
CA ALA D 44 -28.86 -12.61 -6.93
C ALA D 44 -28.74 -13.48 -5.67
N MET D 45 -29.45 -13.15 -4.58
CA MET D 45 -29.12 -13.74 -3.30
C MET D 45 -29.16 -15.27 -3.35
N PRO D 46 -30.17 -15.93 -3.96
CA PRO D 46 -30.20 -17.39 -4.00
C PRO D 46 -29.09 -18.05 -4.85
N MET D 47 -28.63 -17.35 -5.87
CA MET D 47 -27.50 -17.82 -6.61
C MET D 47 -26.31 -18.01 -5.66
N PHE D 48 -26.20 -17.15 -4.64
CA PHE D 48 -24.99 -17.11 -3.79
C PHE D 48 -25.13 -18.04 -2.58
N PHE D 49 -26.23 -17.86 -1.86
CA PHE D 49 -26.57 -18.65 -0.67
C PHE D 49 -27.63 -19.68 -1.06
N TRP D 50 -27.18 -20.90 -1.32
CA TRP D 50 -28.04 -21.97 -1.83
C TRP D 50 -27.84 -23.21 -0.98
N PRO D 51 -28.91 -23.88 -0.54
CA PRO D 51 -30.30 -23.57 -0.80
C PRO D 51 -30.67 -22.28 -0.05
N ALA D 52 -31.49 -21.45 -0.68
CA ALA D 52 -31.74 -20.16 -0.13
C ALA D 52 -32.78 -20.28 0.96
N PRO D 53 -32.73 -19.41 1.98
CA PRO D 53 -33.72 -19.46 3.05
C PRO D 53 -35.13 -19.28 2.47
N ALA D 54 -35.24 -18.52 1.37
CA ALA D 54 -36.49 -18.26 0.70
C ALA D 54 -36.18 -17.61 -0.66
N LEU D 55 -37.16 -17.56 -1.57
CA LEU D 55 -36.94 -16.99 -2.87
C LEU D 55 -37.57 -15.60 -2.90
N PRO D 56 -36.75 -14.54 -3.03
CA PRO D 56 -37.31 -13.20 -3.18
C PRO D 56 -38.04 -13.13 -4.53
N VAL D 57 -39.20 -12.47 -4.53
CA VAL D 57 -39.91 -12.19 -5.76
C VAL D 57 -40.03 -10.67 -5.84
N ARG D 58 -39.48 -10.09 -6.91
CA ARG D 58 -39.56 -8.66 -7.09
C ARG D 58 -40.97 -8.35 -7.60
N LYS D 59 -41.91 -8.18 -6.68
CA LYS D 59 -43.33 -8.21 -6.99
C LYS D 59 -43.81 -6.83 -7.48
N VAL D 60 -43.60 -5.79 -6.67
CA VAL D 60 -44.03 -4.42 -7.04
C VAL D 60 -42.99 -3.38 -6.61
N ILE D 61 -42.85 -2.34 -7.46
CA ILE D 61 -42.01 -1.19 -7.18
C ILE D 61 -42.87 0.07 -7.22
N ALA D 62 -42.74 0.91 -6.19
CA ALA D 62 -43.41 2.19 -6.12
C ALA D 62 -42.38 3.27 -6.43
N GLU D 63 -42.81 4.29 -7.17
CA GLU D 63 -42.00 5.45 -7.41
C GLU D 63 -42.94 6.67 -7.37
N ALA D 64 -42.35 7.85 -7.61
CA ALA D 64 -43.00 9.10 -7.29
C ALA D 64 -44.08 9.44 -8.33
N ASN D 65 -44.04 8.83 -9.52
CA ASN D 65 -45.07 9.04 -10.51
C ASN D 65 -45.12 7.82 -11.43
N PRO D 66 -46.26 7.60 -12.13
CA PRO D 66 -46.49 6.42 -12.95
C PRO D 66 -45.40 6.07 -13.96
N GLU D 67 -44.88 7.09 -14.66
CA GLU D 67 -43.90 6.85 -15.74
C GLU D 67 -42.60 6.33 -15.12
N LEU D 68 -42.18 7.03 -14.06
CA LEU D 68 -40.99 6.71 -13.27
C LEU D 68 -41.10 5.28 -12.72
N ALA D 69 -42.27 4.93 -12.17
CA ALA D 69 -42.47 3.62 -11.56
C ALA D 69 -42.42 2.53 -12.64
N ALA D 70 -43.13 2.72 -13.75
CA ALA D 70 -43.15 1.70 -14.80
C ALA D 70 -41.74 1.50 -15.36
N GLU D 71 -41.00 2.58 -15.55
CA GLU D 71 -39.62 2.52 -16.05
C GLU D 71 -38.73 1.75 -15.05
N ALA D 72 -38.81 2.13 -13.76
CA ALA D 72 -38.10 1.42 -12.67
C ALA D 72 -38.36 -0.09 -12.73
N ALA D 73 -39.64 -0.46 -12.89
CA ALA D 73 -40.05 -1.86 -12.92
C ALA D 73 -39.38 -2.59 -14.08
N ARG D 74 -39.30 -1.94 -15.24
CA ARG D 74 -38.67 -2.59 -16.40
C ARG D 74 -37.19 -2.79 -16.12
N ARG D 75 -36.52 -1.74 -15.63
CA ARG D 75 -35.08 -1.75 -15.39
C ARG D 75 -34.70 -2.81 -14.33
N PHE D 76 -35.41 -2.79 -13.20
CA PHE D 76 -35.03 -3.56 -11.99
C PHE D 76 -35.71 -4.93 -11.97
N GLY D 77 -36.61 -5.15 -12.95
CA GLY D 77 -37.21 -6.45 -13.18
C GLY D 77 -38.35 -6.77 -12.22
N PHE D 78 -39.19 -5.77 -11.89
CA PHE D 78 -40.38 -6.02 -11.05
C PHE D 78 -41.62 -6.33 -11.88
N GLU D 79 -42.47 -7.21 -11.35
CA GLU D 79 -43.69 -7.67 -12.04
C GLU D 79 -44.69 -6.51 -12.21
N ASN D 80 -44.75 -5.58 -11.24
CA ASN D 80 -45.77 -4.55 -11.15
C ASN D 80 -45.11 -3.24 -10.68
N SER D 81 -45.67 -2.12 -11.11
CA SER D 81 -45.28 -0.83 -10.62
C SER D 81 -46.50 -0.11 -10.07
N THR D 82 -46.30 0.88 -9.21
CA THR D 82 -47.37 1.78 -8.76
C THR D 82 -46.75 3.13 -8.43
N SER D 83 -47.56 4.19 -8.50
CA SER D 83 -47.13 5.50 -8.07
C SER D 83 -47.62 5.76 -6.65
N ASP D 84 -48.26 4.76 -6.02
CA ASP D 84 -48.77 4.98 -4.68
C ASP D 84 -48.35 3.84 -3.76
N TRP D 85 -47.36 4.12 -2.89
CA TRP D 85 -46.76 3.09 -2.04
C TRP D 85 -47.81 2.48 -1.11
N ARG D 86 -48.86 3.25 -0.78
CA ARG D 86 -49.90 2.75 0.13
C ARG D 86 -50.55 1.51 -0.48
N SER D 87 -50.65 1.45 -1.81
CA SER D 87 -51.19 0.30 -2.49
C SER D 87 -50.33 -0.96 -2.22
N ILE D 88 -49.04 -0.76 -1.92
CA ILE D 88 -48.18 -1.90 -1.56
C ILE D 88 -48.54 -2.39 -0.15
N ILE D 89 -48.68 -1.44 0.78
CA ILE D 89 -49.06 -1.74 2.19
C ILE D 89 -50.39 -2.52 2.23
N ASP D 90 -51.34 -2.13 1.37
CA ASP D 90 -52.73 -2.67 1.40
C ASP D 90 -52.82 -4.01 0.66
N ASP D 91 -51.77 -4.39 -0.08
CA ASP D 91 -51.79 -5.61 -0.85
C ASP D 91 -51.51 -6.77 0.09
N PRO D 92 -52.47 -7.69 0.30
CA PRO D 92 -52.23 -8.84 1.19
C PRO D 92 -51.19 -9.88 0.72
N ASP D 93 -50.77 -9.85 -0.54
CA ASP D 93 -49.75 -10.82 -1.02
C ASP D 93 -48.31 -10.29 -0.93
N ILE D 94 -48.14 -9.02 -0.51
CA ILE D 94 -46.78 -8.52 -0.25
C ILE D 94 -46.36 -8.94 1.16
N HIS D 95 -45.21 -9.61 1.25
CA HIS D 95 -44.69 -10.10 2.52
C HIS D 95 -43.64 -9.15 3.10
N VAL D 96 -42.85 -8.51 2.23
CA VAL D 96 -41.70 -7.69 2.61
C VAL D 96 -41.90 -6.28 2.06
N VAL D 97 -41.69 -5.25 2.88
CA VAL D 97 -41.65 -3.85 2.40
C VAL D 97 -40.22 -3.36 2.54
N ASP D 98 -39.66 -2.85 1.44
CA ASP D 98 -38.29 -2.37 1.38
C ASP D 98 -38.31 -0.88 1.11
N ILE D 99 -37.89 -0.10 2.11
CA ILE D 99 -37.97 1.37 2.05
C ILE D 99 -36.63 1.94 1.60
N ALA D 100 -36.62 2.49 0.39
CA ALA D 100 -35.44 3.04 -0.27
C ALA D 100 -35.70 4.49 -0.73
N THR D 101 -36.55 5.21 0.00
CA THR D 101 -36.86 6.60 -0.31
C THR D 101 -35.89 7.52 0.44
N PRO D 102 -35.94 8.87 0.20
CA PRO D 102 -35.29 9.82 1.09
C PRO D 102 -35.82 9.73 2.52
N ASN D 103 -35.05 10.30 3.46
CA ASN D 103 -35.17 10.05 4.91
C ASN D 103 -36.53 10.48 5.49
N HIS D 104 -37.20 11.41 4.81
CA HIS D 104 -38.44 12.04 5.32
C HIS D 104 -39.66 11.11 5.21
N LEU D 105 -39.60 10.08 4.36
CA LEU D 105 -40.74 9.14 4.22
C LEU D 105 -40.49 7.82 4.95
N HIS D 106 -39.29 7.58 5.51
CA HIS D 106 -39.01 6.30 6.14
C HIS D 106 -40.06 5.95 7.21
N ALA D 107 -40.41 6.90 8.08
CA ALA D 107 -41.23 6.60 9.26
C ALA D 107 -42.69 6.30 8.89
N GLU D 108 -43.36 7.15 8.09
CA GLU D 108 -44.80 6.89 7.75
C GLU D 108 -44.92 5.53 7.06
N ILE D 109 -43.97 5.23 6.15
CA ILE D 109 -44.06 3.98 5.40
C ILE D 109 -43.83 2.79 6.34
N ALA D 110 -42.79 2.84 7.17
CA ALA D 110 -42.49 1.71 8.04
C ALA D 110 -43.65 1.47 9.02
N ILE D 111 -44.23 2.55 9.55
CA ILE D 111 -45.28 2.41 10.52
C ILE D 111 -46.50 1.78 9.85
N ALA D 112 -46.85 2.22 8.63
CA ALA D 112 -47.99 1.62 7.92
C ALA D 112 -47.72 0.14 7.64
N ALA D 113 -46.48 -0.17 7.19
CA ALA D 113 -46.10 -1.54 6.90
C ALA D 113 -46.23 -2.40 8.15
N ALA D 114 -45.76 -1.87 9.29
CA ALA D 114 -45.80 -2.59 10.55
C ALA D 114 -47.27 -2.85 10.95
N GLU D 115 -48.15 -1.86 10.76
CA GLU D 115 -49.58 -2.03 11.11
C GLU D 115 -50.20 -3.14 10.25
N ALA D 116 -49.71 -3.31 9.01
CA ALA D 116 -50.18 -4.35 8.10
C ALA D 116 -49.42 -5.66 8.30
N GLY D 117 -48.54 -5.77 9.27
CA GLY D 117 -47.88 -7.05 9.57
C GLY D 117 -46.82 -7.42 8.55
N LYS D 118 -46.31 -6.47 7.77
CA LYS D 118 -45.25 -6.78 6.79
C LYS D 118 -43.88 -6.78 7.49
N HIS D 119 -43.00 -7.68 7.02
CA HIS D 119 -41.58 -7.64 7.27
C HIS D 119 -41.02 -6.39 6.58
N ILE D 120 -40.01 -5.73 7.18
CA ILE D 120 -39.51 -4.42 6.69
C ILE D 120 -37.99 -4.38 6.75
N ILE D 121 -37.38 -4.00 5.61
CA ILE D 121 -36.01 -3.50 5.56
C ILE D 121 -36.08 -2.02 5.18
N CYS D 122 -35.39 -1.18 5.95
CA CYS D 122 -35.44 0.26 5.79
C CYS D 122 -34.02 0.81 5.61
N GLU D 123 -33.86 1.71 4.65
CA GLU D 123 -32.53 2.31 4.42
C GLU D 123 -32.12 3.14 5.63
N LYS D 124 -30.81 3.38 5.76
CA LYS D 124 -30.28 4.27 6.79
C LYS D 124 -30.37 5.73 6.30
N PRO D 125 -30.26 6.69 7.23
CA PRO D 125 -30.55 6.51 8.64
C PRO D 125 -32.02 6.09 8.81
N LEU D 126 -32.38 5.49 9.94
CA LEU D 126 -33.73 4.96 10.10
C LEU D 126 -34.73 6.09 9.85
N ALA D 127 -34.52 7.25 10.47
CA ALA D 127 -35.35 8.38 10.20
C ALA D 127 -34.54 9.66 10.44
N ARG D 128 -35.22 10.80 10.45
CA ARG D 128 -34.55 12.10 10.51
C ARG D 128 -34.06 12.46 11.91
N THR D 129 -34.69 11.90 12.95
CA THR D 129 -34.45 12.24 14.35
C THR D 129 -34.64 10.99 15.22
N GLY D 130 -34.17 11.08 16.46
CA GLY D 130 -34.37 10.07 17.47
C GLY D 130 -35.85 9.84 17.73
N GLU D 131 -36.57 10.95 17.86
CA GLU D 131 -38.01 10.93 18.14
C GLU D 131 -38.75 10.19 17.03
N GLU D 132 -38.49 10.59 15.78
CA GLU D 132 -39.13 9.97 14.62
C GLU D 132 -38.70 8.50 14.48
N SER D 133 -37.42 8.19 14.78
CA SER D 133 -36.91 6.83 14.75
C SER D 133 -37.61 6.00 15.83
N LYS D 134 -37.92 6.62 16.97
CA LYS D 134 -38.58 5.94 18.08
C LYS D 134 -39.97 5.46 17.68
N ALA D 135 -40.70 6.27 16.90
CA ALA D 135 -42.04 5.88 16.48
C ALA D 135 -41.99 4.63 15.58
N MET D 136 -40.95 4.49 14.76
CA MET D 136 -40.75 3.29 13.93
C MET D 136 -40.41 2.06 14.81
N TYR D 137 -39.49 2.22 15.75
CA TYR D 137 -39.17 1.14 16.66
C TYR D 137 -40.43 0.68 17.43
N ASP D 138 -41.18 1.63 17.96
CA ASP D 138 -42.37 1.30 18.77
C ASP D 138 -43.39 0.53 17.92
N ALA D 139 -43.48 0.88 16.64
CA ALA D 139 -44.47 0.27 15.77
C ALA D 139 -44.11 -1.19 15.46
N VAL D 140 -42.85 -1.60 15.60
CA VAL D 140 -42.46 -2.94 15.19
C VAL D 140 -42.11 -3.79 16.41
N LYS D 141 -41.84 -3.17 17.57
CA LYS D 141 -41.13 -3.89 18.65
C LYS D 141 -42.01 -5.00 19.26
N ASP D 142 -43.32 -4.83 19.18
CA ASP D 142 -44.28 -5.77 19.75
C ASP D 142 -44.96 -6.60 18.65
N LYS D 143 -44.36 -6.69 17.46
CA LYS D 143 -44.92 -7.55 16.42
C LYS D 143 -43.95 -8.70 16.11
N ASN D 144 -44.47 -9.80 15.58
CA ASN D 144 -43.67 -10.93 15.11
C ASN D 144 -43.32 -10.71 13.63
N ILE D 145 -42.63 -9.59 13.35
CA ILE D 145 -42.12 -9.29 12.05
C ILE D 145 -40.60 -9.12 12.15
N VAL D 146 -39.91 -9.39 11.04
CA VAL D 146 -38.49 -9.14 10.93
C VAL D 146 -38.33 -7.68 10.50
N HIS D 147 -37.57 -6.89 11.28
CA HIS D 147 -37.29 -5.50 10.91
C HIS D 147 -35.77 -5.31 10.85
N MET D 148 -35.31 -4.61 9.81
CA MET D 148 -33.88 -4.45 9.52
C MET D 148 -33.59 -3.03 9.05
N VAL D 149 -32.45 -2.47 9.50
CA VAL D 149 -31.97 -1.18 9.01
C VAL D 149 -30.69 -1.46 8.21
N ALA D 150 -30.56 -0.87 7.04
CA ALA D 150 -29.64 -1.39 6.02
C ALA D 150 -28.21 -0.85 6.22
N PHE D 151 -27.60 -1.14 7.37
CA PHE D 151 -26.20 -0.85 7.61
C PHE D 151 -25.38 -2.01 7.02
N ASN D 152 -25.30 -2.03 5.69
CA ASN D 152 -24.78 -3.16 4.92
C ASN D 152 -23.28 -3.38 5.13
N TYR D 153 -22.53 -2.31 5.44
CA TYR D 153 -21.05 -2.38 5.49
C TYR D 153 -20.56 -3.30 6.61
N ARG D 154 -21.36 -3.51 7.67
CA ARG D 154 -20.93 -4.45 8.73
C ARG D 154 -20.90 -5.87 8.19
N ARG D 155 -21.56 -6.10 7.05
CA ARG D 155 -21.59 -7.43 6.41
C ARG D 155 -20.57 -7.53 5.27
N THR D 156 -19.66 -6.55 5.12
CA THR D 156 -18.44 -6.79 4.38
C THR D 156 -17.72 -7.98 4.98
N PRO D 157 -17.34 -9.02 4.23
CA PRO D 157 -16.81 -10.19 4.90
C PRO D 157 -15.63 -9.85 5.82
N ALA D 158 -14.80 -8.89 5.42
CA ALA D 158 -13.69 -8.49 6.25
C ALA D 158 -14.16 -7.97 7.61
N VAL D 159 -15.31 -7.29 7.63
CA VAL D 159 -15.76 -6.74 8.90
C VAL D 159 -16.34 -7.85 9.78
N ALA D 160 -16.99 -8.85 9.16
CA ALA D 160 -17.49 -10.02 9.90
C ALA D 160 -16.31 -10.80 10.47
N LEU D 161 -15.22 -10.88 9.70
CA LEU D 161 -13.99 -11.53 10.15
C LEU D 161 -13.40 -10.80 11.36
N ALA D 162 -13.34 -9.47 11.32
CA ALA D 162 -12.90 -8.68 12.46
C ALA D 162 -13.71 -9.05 13.73
N LYS D 163 -15.02 -9.22 13.56
CA LYS D 163 -15.89 -9.57 14.66
C LYS D 163 -15.51 -10.96 15.18
N LYS D 164 -15.18 -11.88 14.27
CA LYS D 164 -14.83 -13.23 14.69
C LYS D 164 -13.55 -13.19 15.55
N TYR D 165 -12.50 -12.49 15.07
CA TYR D 165 -11.26 -12.40 15.80
C TYR D 165 -11.54 -11.81 17.19
N ILE D 166 -12.39 -10.79 17.24
CA ILE D 166 -12.68 -10.10 18.50
C ILE D 166 -13.43 -11.03 19.46
N GLU D 167 -14.49 -11.68 18.98
CA GLU D 167 -15.27 -12.64 19.79
C GLU D 167 -14.41 -13.77 20.35
N GLU D 168 -13.45 -14.28 19.56
CA GLU D 168 -12.60 -15.36 20.00
C GLU D 168 -11.58 -14.91 21.06
N GLY D 169 -11.41 -13.61 21.32
CA GLY D 169 -10.34 -13.15 22.19
C GLY D 169 -9.01 -13.00 21.48
N ALA D 170 -8.96 -13.12 20.14
CA ALA D 170 -7.67 -13.16 19.48
C ALA D 170 -6.95 -11.78 19.49
N ILE D 171 -7.61 -10.65 19.79
CA ILE D 171 -6.85 -9.41 20.00
C ILE D 171 -7.01 -8.91 21.45
N GLY D 172 -7.51 -9.80 22.33
CA GLY D 172 -7.72 -9.48 23.73
C GLY D 172 -8.86 -8.51 23.90
N ARG D 173 -8.77 -7.71 24.95
CA ARG D 173 -9.78 -6.73 25.33
C ARG D 173 -9.54 -5.44 24.51
N ILE D 174 -10.62 -4.81 24.08
CA ILE D 174 -10.55 -3.60 23.23
C ILE D 174 -10.24 -2.37 24.09
N LEU D 175 -9.18 -1.65 23.72
CA LEU D 175 -8.81 -0.44 24.38
C LEU D 175 -9.41 0.76 23.64
N SER D 176 -9.23 0.75 22.31
CA SER D 176 -9.38 1.95 21.55
C SER D 176 -9.93 1.65 20.15
N PHE D 177 -10.82 2.54 19.66
CA PHE D 177 -11.44 2.44 18.33
C PHE D 177 -11.34 3.77 17.61
N ARG D 178 -10.92 3.72 16.35
CA ARG D 178 -10.96 4.84 15.44
C ARG D 178 -11.73 4.40 14.19
N GLY D 179 -12.73 5.20 13.81
CA GLY D 179 -13.53 4.94 12.64
C GLY D 179 -13.70 6.19 11.79
N THR D 180 -13.59 6.04 10.46
CA THR D 180 -13.83 7.15 9.55
C THR D 180 -14.84 6.76 8.46
N TYR D 181 -15.43 7.81 7.88
CA TYR D 181 -16.13 7.68 6.62
C TYR D 181 -15.91 8.99 5.87
N LEU D 182 -14.90 8.98 4.99
CA LEU D 182 -14.51 10.18 4.24
C LEU D 182 -14.91 10.03 2.79
N GLN D 183 -15.57 11.07 2.27
CA GLN D 183 -16.05 11.12 0.90
C GLN D 183 -15.70 12.50 0.31
N ASP D 184 -15.92 12.63 -0.99
CA ASP D 184 -15.63 13.91 -1.65
C ASP D 184 -16.55 14.22 -2.82
N TRP D 185 -17.65 13.47 -2.96
CA TRP D 185 -18.57 13.69 -4.07
C TRP D 185 -19.19 15.10 -4.02
N SER D 186 -19.30 15.76 -2.87
CA SER D 186 -19.77 17.19 -2.89
C SER D 186 -18.67 18.18 -2.49
N ALA D 187 -17.40 17.83 -2.68
CA ALA D 187 -16.28 18.70 -2.23
C ALA D 187 -16.24 19.98 -3.07
N ASP D 188 -16.82 19.93 -4.27
CA ASP D 188 -16.94 21.08 -5.14
C ASP D 188 -18.18 21.89 -4.73
N PRO D 189 -18.01 23.19 -4.38
CA PRO D 189 -19.13 24.05 -4.06
C PRO D 189 -20.12 24.18 -5.24
N ASN D 190 -19.69 23.83 -6.46
CA ASN D 190 -20.59 23.92 -7.65
C ASN D 190 -21.54 22.72 -7.75
N SER D 191 -21.31 21.67 -6.95
CA SER D 191 -22.25 20.55 -6.86
C SER D 191 -23.57 21.01 -6.26
N PRO D 192 -24.71 20.59 -6.85
CA PRO D 192 -25.97 21.26 -6.59
C PRO D 192 -26.62 20.80 -5.28
N LEU D 193 -27.57 21.61 -4.82
CA LEU D 193 -28.31 21.28 -3.63
C LEU D 193 -29.17 20.07 -3.99
N SER D 194 -29.20 19.07 -3.12
CA SER D 194 -30.11 17.94 -3.20
C SER D 194 -30.76 17.81 -1.82
N TRP D 195 -31.69 16.85 -1.66
CA TRP D 195 -32.33 16.63 -0.38
C TRP D 195 -31.29 16.28 0.71
N ARG D 196 -30.13 15.73 0.30
CA ARG D 196 -29.06 15.31 1.24
C ARG D 196 -28.49 16.53 1.99
N PHE D 197 -28.73 17.73 1.46
CA PHE D 197 -28.23 18.96 2.05
C PHE D 197 -29.34 19.76 2.74
N GLN D 198 -30.53 19.17 2.87
CA GLN D 198 -31.69 19.86 3.43
C GLN D 198 -32.12 19.18 4.73
N LYS D 199 -32.06 19.93 5.83
CA LYS D 199 -32.35 19.38 7.15
C LYS D 199 -33.79 18.81 7.20
N SER D 200 -34.74 19.50 6.56
CA SER D 200 -36.15 19.14 6.63
C SER D 200 -36.40 17.78 5.99
N ILE D 201 -35.61 17.43 4.95
CA ILE D 201 -35.69 16.11 4.30
C ILE D 201 -34.75 15.10 4.99
N ALA D 202 -33.45 15.42 5.09
CA ALA D 202 -32.40 14.43 5.48
C ALA D 202 -32.29 14.27 6.99
N GLY D 203 -32.58 15.33 7.77
CA GLY D 203 -32.44 15.30 9.23
C GLY D 203 -31.06 15.77 9.67
N SER D 204 -30.02 15.24 8.98
CA SER D 204 -28.68 15.72 9.16
C SER D 204 -27.86 15.45 7.88
N GLY D 205 -26.57 15.79 7.88
CA GLY D 205 -25.76 15.72 6.63
C GLY D 205 -24.88 14.48 6.64
N ALA D 206 -23.56 14.69 6.70
CA ALA D 206 -22.64 13.59 6.82
C ALA D 206 -23.01 12.72 8.02
N LEU D 207 -23.41 13.35 9.13
CA LEU D 207 -23.75 12.56 10.35
C LEU D 207 -24.76 11.45 10.01
N GLY D 208 -25.94 11.81 9.50
CA GLY D 208 -26.99 10.84 9.23
C GLY D 208 -26.65 9.94 8.04
N ASP D 209 -26.08 10.55 6.99
CA ASP D 209 -25.88 9.88 5.73
C ASP D 209 -24.77 8.84 5.80
N ILE D 210 -23.61 9.17 6.40
CA ILE D 210 -22.46 8.25 6.35
C ILE D 210 -21.91 7.94 7.74
N ALA D 211 -21.93 8.87 8.69
CA ALA D 211 -21.28 8.54 10.00
C ALA D 211 -22.05 7.40 10.67
N THR D 212 -23.35 7.32 10.39
CA THR D 212 -24.23 6.25 10.93
C THR D 212 -23.65 4.86 10.60
N HIS D 213 -23.11 4.69 9.39
CA HIS D 213 -22.51 3.42 8.99
C HIS D 213 -21.33 3.09 9.93
N VAL D 214 -20.54 4.12 10.26
CA VAL D 214 -19.38 3.90 11.10
C VAL D 214 -19.84 3.59 12.53
N ILE D 215 -20.85 4.35 12.99
CA ILE D 215 -21.35 4.18 14.34
C ILE D 215 -21.88 2.75 14.47
N ASP D 216 -22.59 2.27 13.44
CA ASP D 216 -23.09 0.91 13.49
C ASP D 216 -21.93 -0.06 13.68
N MET D 217 -20.85 0.16 12.91
CA MET D 217 -19.71 -0.75 12.93
C MET D 217 -19.06 -0.76 14.32
N ALA D 218 -18.91 0.42 14.92
CA ALA D 218 -18.41 0.58 16.26
C ALA D 218 -19.28 -0.20 17.25
N ARG D 219 -20.60 -0.07 17.15
CA ARG D 219 -21.51 -0.80 18.05
C ARG D 219 -21.33 -2.30 17.84
N TYR D 220 -21.11 -2.72 16.60
CA TYR D 220 -21.02 -4.14 16.26
C TYR D 220 -19.73 -4.74 16.83
N LEU D 221 -18.60 -4.04 16.62
CA LEU D 221 -17.29 -4.62 16.91
C LEU D 221 -16.90 -4.33 18.36
N VAL D 222 -17.31 -3.15 18.86
CA VAL D 222 -16.78 -2.70 20.15
C VAL D 222 -17.90 -2.78 21.21
N GLY D 223 -19.05 -2.17 20.92
CA GLY D 223 -20.19 -2.24 21.84
C GLY D 223 -20.85 -0.89 22.01
N GLU D 224 -21.70 -0.77 23.04
CA GLU D 224 -22.58 0.37 23.15
C GLU D 224 -21.76 1.61 23.54
N PHE D 225 -22.23 2.77 23.06
CA PHE D 225 -21.65 4.06 23.32
C PHE D 225 -22.24 4.61 24.63
N SER D 226 -21.36 5.13 25.48
CA SER D 226 -21.75 5.67 26.78
C SER D 226 -21.90 7.19 26.70
N ALA D 227 -20.97 7.85 26.02
CA ALA D 227 -21.04 9.28 25.89
C ALA D 227 -20.29 9.70 24.64
N VAL D 228 -20.66 10.88 24.14
CA VAL D 228 -20.03 11.49 22.96
C VAL D 228 -19.70 12.96 23.24
N ASN D 229 -18.71 13.47 22.51
CA ASN D 229 -18.34 14.90 22.51
C ASN D 229 -17.87 15.25 21.10
N ALA D 230 -18.57 16.19 20.46
CA ALA D 230 -18.50 16.36 19.02
C ALA D 230 -18.38 17.82 18.60
N VAL D 231 -17.97 17.93 17.34
CA VAL D 231 -17.93 19.16 16.57
C VAL D 231 -18.54 18.85 15.22
N LEU D 232 -19.52 19.67 14.82
CA LEU D 232 -20.08 19.64 13.49
C LEU D 232 -19.60 20.86 12.72
N SER D 233 -19.21 20.64 11.46
CA SER D 233 -18.77 21.72 10.62
C SER D 233 -19.59 21.70 9.31
N THR D 234 -19.92 22.89 8.81
CA THR D 234 -20.38 23.08 7.48
C THR D 234 -19.38 23.97 6.75
N TRP D 235 -18.83 23.47 5.63
CA TRP D 235 -17.77 24.12 4.87
C TRP D 235 -18.31 24.87 3.66
N ILE D 236 -19.40 24.39 3.07
CA ILE D 236 -20.01 24.98 1.85
C ILE D 236 -21.48 25.29 2.20
N PRO D 237 -21.78 26.49 2.73
CA PRO D 237 -23.10 26.75 3.31
C PRO D 237 -24.22 27.11 2.32
N GLU D 238 -23.91 27.18 1.02
CA GLU D 238 -24.91 27.42 -0.03
C GLU D 238 -24.47 26.65 -1.27
N ARG D 239 -25.45 26.16 -2.03
CA ARG D 239 -25.19 25.45 -3.27
C ARG D 239 -26.20 25.89 -4.32
N PRO D 240 -25.78 25.86 -5.61
CA PRO D 240 -26.67 26.09 -6.74
C PRO D 240 -27.82 25.08 -6.73
N LEU D 241 -29.03 25.63 -6.91
CA LEU D 241 -30.19 24.83 -7.19
C LEU D 241 -29.97 24.14 -8.55
N GLY D 257 -28.61 30.08 -11.81
CA GLY D 257 -27.80 30.88 -10.92
C GLY D 257 -28.27 30.87 -9.47
N PRO D 258 -29.56 30.63 -9.15
CA PRO D 258 -29.98 30.76 -7.75
C PRO D 258 -29.36 29.68 -6.85
N LYS D 259 -29.09 30.06 -5.60
CA LYS D 259 -28.52 29.17 -4.61
C LYS D 259 -29.54 28.90 -3.51
N GLY D 260 -29.43 27.75 -2.84
CA GLY D 260 -30.18 27.53 -1.64
C GLY D 260 -29.23 27.23 -0.49
N PRO D 261 -29.71 27.37 0.77
CA PRO D 261 -28.89 27.08 1.95
C PRO D 261 -28.66 25.58 2.18
N VAL D 262 -27.46 25.25 2.64
CA VAL D 262 -27.16 23.98 3.24
C VAL D 262 -27.28 24.16 4.77
N ASP D 263 -28.26 23.49 5.39
CA ASP D 263 -28.48 23.67 6.80
C ASP D 263 -28.25 22.35 7.54
N VAL D 264 -27.23 21.62 7.07
CA VAL D 264 -26.76 20.40 7.66
C VAL D 264 -25.23 20.46 7.70
N ASP D 265 -24.67 19.58 8.51
CA ASP D 265 -23.25 19.38 8.61
C ASP D 265 -22.69 18.76 7.32
N ASP D 266 -21.50 19.24 6.95
CA ASP D 266 -20.66 18.59 5.95
C ASP D 266 -19.75 17.55 6.60
N GLU D 267 -19.53 17.71 7.90
CA GLU D 267 -18.44 17.00 8.56
C GLU D 267 -18.77 16.89 10.04
N VAL D 268 -18.39 15.74 10.60
CA VAL D 268 -18.60 15.49 12.00
C VAL D 268 -17.33 14.84 12.54
N MET D 269 -16.89 15.27 13.73
CA MET D 269 -16.01 14.44 14.51
C MET D 269 -16.53 14.31 15.93
N THR D 270 -16.32 13.14 16.51
CA THR D 270 -16.77 12.90 17.85
C THR D 270 -15.79 11.96 18.56
N MET D 271 -15.46 12.33 19.80
CA MET D 271 -14.91 11.40 20.75
C MET D 271 -16.06 10.58 21.36
N ILE D 272 -15.69 9.41 21.86
CA ILE D 272 -16.61 8.40 22.33
C ILE D 272 -16.04 7.77 23.60
N ARG D 273 -16.90 7.61 24.60
CA ARG D 273 -16.66 6.66 25.68
C ARG D 273 -17.62 5.48 25.46
N PHE D 274 -17.06 4.26 25.36
CA PHE D 274 -17.88 3.04 25.24
C PHE D 274 -18.23 2.50 26.63
N ALA D 275 -19.39 1.88 26.75
CA ALA D 275 -19.88 1.40 28.04
C ALA D 275 -18.90 0.37 28.62
N ASN D 276 -18.17 -0.37 27.79
CA ASN D 276 -17.20 -1.36 28.30
C ASN D 276 -15.88 -0.69 28.74
N GLY D 277 -15.79 0.64 28.71
CA GLY D 277 -14.56 1.32 29.13
C GLY D 277 -13.57 1.59 28.00
N ALA D 278 -13.81 1.10 26.79
CA ALA D 278 -12.96 1.50 25.67
C ALA D 278 -13.23 2.98 25.35
N VAL D 279 -12.31 3.59 24.61
CA VAL D 279 -12.48 4.92 24.11
C VAL D 279 -12.37 4.87 22.59
N GLY D 280 -12.81 5.95 21.96
CA GLY D 280 -12.67 6.05 20.52
C GLY D 280 -13.10 7.38 19.96
N SER D 281 -13.13 7.43 18.63
CA SER D 281 -13.56 8.60 17.90
C SER D 281 -14.04 8.15 16.52
N VAL D 282 -14.96 8.94 15.96
CA VAL D 282 -15.45 8.76 14.62
C VAL D 282 -15.36 10.11 13.90
N GLU D 283 -14.96 10.08 12.63
CA GLU D 283 -14.93 11.27 11.83
C GLU D 283 -15.52 10.94 10.45
N ALA D 284 -16.47 11.77 9.98
CA ALA D 284 -17.03 11.60 8.64
C ALA D 284 -17.07 12.95 7.94
N THR D 285 -16.91 12.95 6.61
CA THR D 285 -16.95 14.21 5.88
C THR D 285 -17.32 13.96 4.43
N ARG D 286 -17.87 15.01 3.81
CA ARG D 286 -18.15 15.10 2.40
C ARG D 286 -17.06 15.89 1.66
N ASN D 287 -16.01 16.30 2.39
CA ASN D 287 -15.11 17.33 1.89
C ASN D 287 -13.65 16.91 2.08
N ALA D 288 -13.33 15.66 1.70
CA ALA D 288 -11.95 15.17 1.70
C ALA D 288 -11.56 14.75 0.27
N HIS D 289 -11.00 15.71 -0.49
CA HIS D 289 -10.46 15.39 -1.77
C HIS D 289 -9.60 14.13 -1.71
N GLY D 290 -9.82 13.23 -2.69
CA GLY D 290 -9.06 12.01 -2.81
C GLY D 290 -9.71 10.85 -2.06
N ARG D 291 -10.67 11.13 -1.18
CA ARG D 291 -11.36 10.07 -0.44
C ARG D 291 -12.74 9.88 -1.09
N ASN D 292 -13.05 8.63 -1.48
CA ASN D 292 -14.19 8.31 -2.33
C ASN D 292 -15.29 7.64 -1.48
N ASN D 293 -14.94 6.51 -0.87
CA ASN D 293 -15.86 5.75 -0.02
C ASN D 293 -15.00 5.15 1.09
N TYR D 294 -14.35 6.04 1.86
CA TYR D 294 -13.29 5.68 2.76
C TYR D 294 -13.91 5.44 4.14
N ILE D 295 -14.58 4.28 4.27
CA ILE D 295 -15.04 3.73 5.56
C ILE D 295 -13.90 2.88 6.08
N THR D 296 -13.35 3.24 7.24
CA THR D 296 -12.23 2.57 7.79
C THR D 296 -12.44 2.42 9.30
N PHE D 297 -11.72 1.47 9.89
CA PHE D 297 -11.54 1.50 11.33
C PHE D 297 -10.15 0.97 11.67
N GLU D 298 -9.72 1.36 12.88
CA GLU D 298 -8.55 0.82 13.52
C GLU D 298 -8.94 0.54 14.97
N ILE D 299 -8.71 -0.70 15.39
CA ILE D 299 -9.02 -1.14 16.74
C ILE D 299 -7.74 -1.62 17.39
N HIS D 300 -7.50 -1.12 18.61
CA HIS D 300 -6.39 -1.58 19.43
C HIS D 300 -6.92 -2.39 20.60
N GLY D 301 -6.52 -3.66 20.64
CA GLY D 301 -6.78 -4.51 21.78
C GLY D 301 -5.52 -4.80 22.57
N THR D 302 -5.70 -5.38 23.77
CA THR D 302 -4.58 -5.67 24.62
C THR D 302 -3.65 -6.69 23.95
N GLU D 303 -4.16 -7.53 23.06
CA GLU D 303 -3.29 -8.58 22.45
C GLU D 303 -3.18 -8.47 20.92
N GLY D 304 -3.73 -7.43 20.30
CA GLY D 304 -3.54 -7.27 18.88
C GLY D 304 -4.33 -6.09 18.37
N SER D 305 -4.23 -5.85 17.07
CA SER D 305 -4.87 -4.71 16.43
C SER D 305 -5.53 -5.17 15.13
N ILE D 306 -6.62 -4.49 14.74
CA ILE D 306 -7.30 -4.73 13.45
C ILE D 306 -7.51 -3.40 12.73
N VAL D 307 -7.24 -3.40 11.42
CA VAL D 307 -7.45 -2.25 10.57
C VAL D 307 -8.20 -2.70 9.31
N PHE D 308 -9.16 -1.86 8.89
CA PHE D 308 -9.99 -2.12 7.77
C PHE D 308 -10.16 -0.84 6.96
N ASN D 309 -10.16 -1.02 5.65
CA ASN D 309 -10.37 0.06 4.69
C ASN D 309 -11.29 -0.45 3.57
N TYR D 310 -12.52 0.08 3.51
CA TYR D 310 -13.52 -0.41 2.56
C TYR D 310 -13.10 -0.15 1.10
N GLU D 311 -12.29 0.87 0.85
CA GLU D 311 -11.81 1.10 -0.54
C GLU D 311 -10.98 -0.10 -1.02
N ARG D 312 -10.46 -0.89 -0.06
CA ARG D 312 -9.84 -2.18 -0.31
C ARG D 312 -10.55 -3.22 0.53
N ARG D 313 -11.87 -3.40 0.31
CA ARG D 313 -12.76 -4.15 1.24
C ARG D 313 -12.42 -5.64 1.31
N ASP D 314 -11.74 -6.17 0.28
CA ASP D 314 -11.35 -7.57 0.24
C ASP D 314 -10.38 -7.90 1.39
N GLU D 315 -9.72 -6.87 1.93
CA GLU D 315 -8.61 -7.03 2.88
C GLU D 315 -9.06 -6.77 4.31
N LEU D 316 -8.55 -7.56 5.26
CA LEU D 316 -8.52 -7.12 6.67
C LEU D 316 -7.06 -7.21 7.15
N GLN D 317 -6.60 -6.17 7.84
CA GLN D 317 -5.29 -6.16 8.39
C GLN D 317 -5.40 -6.56 9.87
N VAL D 318 -4.61 -7.55 10.30
CA VAL D 318 -4.61 -7.91 11.71
C VAL D 318 -3.18 -8.12 12.19
N ALA D 319 -2.88 -7.54 13.37
CA ALA D 319 -1.59 -7.69 14.04
C ALA D 319 -1.82 -8.46 15.35
N PHE D 320 -1.15 -9.59 15.47
CA PHE D 320 -1.23 -10.39 16.70
C PHE D 320 0.04 -10.21 17.51
N ALA D 321 -0.13 -9.83 18.79
CA ALA D 321 1.01 -9.71 19.72
C ALA D 321 1.71 -11.06 19.93
N SER D 322 1.02 -12.16 19.66
CA SER D 322 1.56 -13.51 19.94
C SER D 322 2.56 -13.93 18.86
N ASP D 323 2.63 -13.20 17.74
CA ASP D 323 3.60 -13.56 16.72
C ASP D 323 4.99 -13.53 17.36
N GLN D 324 5.87 -14.41 16.89
CA GLN D 324 7.24 -14.42 17.30
C GLN D 324 7.84 -13.03 17.00
N ALA D 325 8.79 -12.59 17.82
CA ALA D 325 9.19 -11.19 17.88
C ALA D 325 9.86 -10.71 16.58
N ASP D 326 10.48 -11.61 15.80
CA ASP D 326 11.18 -11.26 14.58
C ASP D 326 10.29 -11.40 13.33
N ARG D 327 9.00 -11.62 13.55
CA ARG D 327 8.02 -11.85 12.44
C ARG D 327 6.63 -11.37 12.89
N ARG D 328 6.61 -10.21 13.53
CA ARG D 328 5.43 -9.63 14.13
C ARG D 328 4.99 -8.41 13.31
N GLY D 329 3.68 -8.28 13.09
CA GLY D 329 3.07 -7.08 12.44
C GLY D 329 1.73 -7.40 11.79
N PHE D 330 1.20 -6.46 11.01
CA PHE D 330 -0.11 -6.59 10.40
C PHE D 330 -0.02 -7.58 9.23
N ARG D 331 -0.91 -8.60 9.27
CA ARG D 331 -1.10 -9.50 8.16
C ARG D 331 -2.26 -8.98 7.34
N THR D 332 -2.09 -8.96 6.02
CA THR D 332 -3.15 -8.66 5.10
C THR D 332 -3.88 -9.95 4.73
N VAL D 333 -5.09 -10.09 5.27
CA VAL D 333 -5.92 -11.26 5.06
C VAL D 333 -6.95 -10.97 4.01
N TYR D 334 -6.93 -11.73 2.90
CA TYR D 334 -7.96 -11.59 1.85
C TYR D 334 -9.12 -12.56 2.15
N THR D 335 -10.37 -12.07 2.08
CA THR D 335 -11.51 -12.89 2.46
C THR D 335 -11.93 -13.82 1.31
N GLY D 336 -12.34 -15.01 1.71
CA GLY D 336 -12.82 -16.04 0.83
C GLY D 336 -13.54 -17.14 1.61
N PRO D 337 -13.48 -18.38 1.06
CA PRO D 337 -14.16 -19.53 1.63
C PRO D 337 -13.93 -19.76 3.14
N ALA D 338 -12.74 -19.44 3.65
CA ALA D 338 -12.39 -19.77 5.02
C ALA D 338 -12.99 -18.75 6.01
N HIS D 339 -13.49 -17.63 5.51
CA HIS D 339 -13.87 -16.51 6.39
C HIS D 339 -15.38 -16.41 6.47
N PRO D 340 -15.94 -15.63 7.42
CA PRO D 340 -17.39 -15.55 7.55
C PRO D 340 -18.09 -15.21 6.23
N TYR D 341 -19.21 -15.89 6.01
CA TYR D 341 -20.06 -15.81 4.82
C TYR D 341 -19.40 -16.42 3.58
N GLY D 342 -18.21 -17.01 3.72
CA GLY D 342 -17.38 -17.45 2.59
C GLY D 342 -18.01 -18.55 1.74
N GLU D 343 -18.84 -19.39 2.39
CA GLU D 343 -19.56 -20.49 1.72
C GLU D 343 -20.52 -19.93 0.68
N GLY D 344 -21.01 -18.70 0.88
CA GLY D 344 -22.03 -18.11 0.00
C GLY D 344 -21.44 -17.15 -1.05
N LEU D 345 -20.10 -17.07 -1.15
CA LEU D 345 -19.48 -16.05 -1.96
C LEU D 345 -18.58 -16.72 -3.00
N TRP D 346 -17.39 -16.18 -3.26
CA TRP D 346 -16.62 -16.61 -4.40
C TRP D 346 -15.67 -17.71 -3.97
N PRO D 347 -15.24 -18.58 -4.90
CA PRO D 347 -14.47 -19.74 -4.50
C PRO D 347 -12.98 -19.53 -4.16
N ILE D 348 -12.45 -18.31 -4.39
CA ILE D 348 -11.12 -18.01 -3.99
C ILE D 348 -11.09 -16.61 -3.37
N PRO D 349 -10.18 -16.37 -2.43
CA PRO D 349 -10.01 -15.03 -1.90
C PRO D 349 -9.57 -14.11 -3.06
N ALA D 350 -10.06 -12.87 -3.01
CA ALA D 350 -9.70 -11.78 -3.91
C ALA D 350 -10.24 -12.01 -5.32
N LEU D 351 -11.15 -12.97 -5.51
CA LEU D 351 -11.90 -12.99 -6.75
C LEU D 351 -12.67 -11.69 -6.83
N GLY D 352 -13.12 -11.17 -5.68
CA GLY D 352 -13.48 -9.77 -5.57
C GLY D 352 -14.90 -9.55 -5.05
N ILE D 353 -14.98 -8.92 -3.88
CA ILE D 353 -16.18 -8.41 -3.26
C ILE D 353 -16.38 -6.95 -3.70
N GLY D 354 -17.59 -6.64 -4.17
CA GLY D 354 -18.02 -5.27 -4.43
C GLY D 354 -19.15 -4.87 -3.49
N TYR D 355 -19.78 -3.73 -3.78
CA TYR D 355 -20.89 -3.26 -2.98
C TYR D 355 -22.04 -4.29 -2.98
N GLY D 356 -22.26 -4.95 -4.12
CA GLY D 356 -23.41 -5.82 -4.31
C GLY D 356 -23.41 -6.97 -3.34
N GLU D 357 -22.23 -7.56 -3.13
CA GLU D 357 -22.12 -8.71 -2.26
C GLU D 357 -22.57 -8.34 -0.84
N THR D 358 -22.31 -7.10 -0.41
CA THR D 358 -22.73 -6.68 0.92
C THR D 358 -24.26 -6.71 1.00
N LYS D 359 -24.93 -6.26 -0.06
CA LYS D 359 -26.42 -6.20 -0.08
C LYS D 359 -26.97 -7.62 -0.25
N ILE D 360 -26.22 -8.49 -0.94
CA ILE D 360 -26.65 -9.90 -1.07
C ILE D 360 -26.62 -10.57 0.31
N ILE D 361 -25.56 -10.36 1.09
CA ILE D 361 -25.43 -11.02 2.43
C ILE D 361 -26.55 -10.50 3.33
N GLU D 362 -26.77 -9.20 3.27
CA GLU D 362 -27.82 -8.52 3.98
C GLU D 362 -29.18 -9.19 3.70
N ALA D 363 -29.50 -9.36 2.42
CA ALA D 363 -30.76 -9.94 1.99
C ALA D 363 -30.84 -11.39 2.45
N HIS D 364 -29.72 -12.09 2.40
CA HIS D 364 -29.67 -13.46 2.84
C HIS D 364 -30.10 -13.54 4.31
N ASP D 365 -29.47 -12.71 5.16
CA ASP D 365 -29.71 -12.79 6.61
C ASP D 365 -31.15 -12.40 6.94
N PHE D 366 -31.65 -11.35 6.27
CA PHE D 366 -33.02 -10.87 6.39
C PHE D 366 -34.03 -12.00 6.09
N PHE D 367 -33.87 -12.64 4.93
CA PHE D 367 -34.78 -13.70 4.50
C PHE D 367 -34.64 -14.93 5.40
N LYS D 368 -33.43 -15.20 5.88
CA LYS D 368 -33.20 -16.33 6.78
C LYS D 368 -34.00 -16.11 8.08
N ALA D 369 -33.98 -14.86 8.60
CA ALA D 369 -34.71 -14.51 9.81
C ALA D 369 -36.21 -14.72 9.61
N ILE D 370 -36.72 -14.27 8.47
CA ILE D 370 -38.11 -14.43 8.15
C ILE D 370 -38.43 -15.93 8.12
N ALA D 371 -37.64 -16.72 7.39
CA ALA D 371 -37.90 -18.13 7.23
C ALA D 371 -37.84 -18.88 8.59
N GLU D 372 -37.00 -18.42 9.53
CA GLU D 372 -36.74 -19.17 10.77
C GLU D 372 -37.57 -18.61 11.94
N GLY D 373 -38.34 -17.55 11.70
CA GLY D 373 -39.09 -16.88 12.76
C GLY D 373 -38.17 -16.25 13.78
N GLY D 374 -37.05 -15.70 13.31
CA GLY D 374 -36.07 -15.07 14.19
C GLY D 374 -36.01 -13.57 13.99
N SER D 375 -34.97 -12.97 14.54
CA SER D 375 -34.69 -11.56 14.35
C SER D 375 -33.37 -11.43 13.61
N VAL D 376 -33.07 -10.21 13.18
CA VAL D 376 -31.85 -9.91 12.48
C VAL D 376 -31.22 -8.67 13.10
N SER D 377 -29.89 -8.59 13.05
CA SER D 377 -29.13 -7.44 13.49
C SER D 377 -28.40 -6.81 12.29
N PRO D 378 -28.42 -5.48 12.12
CA PRO D 378 -29.10 -4.50 12.94
C PRO D 378 -30.60 -4.37 12.62
N SER D 379 -31.42 -4.34 13.69
CA SER D 379 -32.87 -4.17 13.57
C SER D 379 -33.21 -2.68 13.73
N PHE D 380 -34.52 -2.39 13.81
CA PHE D 380 -34.98 -1.04 14.10
C PHE D 380 -34.56 -0.63 15.51
N ALA D 381 -34.38 -1.60 16.43
CA ALA D 381 -33.82 -1.31 17.75
C ALA D 381 -32.44 -0.65 17.56
N ASP D 382 -31.60 -1.33 16.76
CA ASP D 382 -30.28 -0.81 16.37
C ASP D 382 -30.39 0.54 15.65
N GLY D 383 -31.33 0.66 14.71
CA GLY D 383 -31.55 1.89 13.95
C GLY D 383 -31.83 3.06 14.88
N TYR D 384 -32.68 2.79 15.86
CA TYR D 384 -33.13 3.79 16.80
C TYR D 384 -31.97 4.18 17.73
N GLN D 385 -31.18 3.21 18.21
CA GLN D 385 -30.03 3.49 19.07
C GLN D 385 -29.08 4.45 18.32
N VAL D 386 -28.84 4.20 17.03
CA VAL D 386 -27.96 5.06 16.26
C VAL D 386 -28.56 6.47 16.16
N ALA D 387 -29.88 6.58 15.97
CA ALA D 387 -30.53 7.89 15.92
C ALA D 387 -30.37 8.65 17.26
N LEU D 388 -30.36 7.93 18.39
CA LEU D 388 -30.11 8.54 19.70
C LEU D 388 -28.64 8.95 19.80
N ILE D 389 -27.73 8.12 19.28
CA ILE D 389 -26.34 8.52 19.23
C ILE D 389 -26.24 9.81 18.39
N ASP D 390 -26.92 9.86 17.24
CA ASP D 390 -26.84 11.08 16.40
C ASP D 390 -27.38 12.30 17.16
N ASP D 391 -28.53 12.16 17.80
CA ASP D 391 -29.12 13.27 18.58
C ASP D 391 -28.14 13.79 19.65
N ALA D 392 -27.50 12.88 20.39
CA ALA D 392 -26.53 13.21 21.42
C ALA D 392 -25.32 13.91 20.81
N ILE D 393 -24.89 13.49 19.61
CA ILE D 393 -23.77 14.12 18.90
C ILE D 393 -24.11 15.58 18.56
N VAL D 394 -25.33 15.80 18.06
CA VAL D 394 -25.83 17.12 17.67
C VAL D 394 -25.96 18.03 18.90
N GLU D 395 -26.47 17.45 20.01
CA GLU D 395 -26.64 18.17 21.25
C GLU D 395 -25.27 18.54 21.80
N SER D 396 -24.35 17.57 21.77
CA SER D 396 -22.97 17.73 22.20
C SER D 396 -22.31 18.90 21.46
N ALA D 397 -22.48 18.94 20.14
CA ALA D 397 -21.84 19.96 19.35
C ALA D 397 -22.44 21.34 19.67
N ALA D 398 -23.76 21.39 19.86
CA ALA D 398 -24.48 22.62 20.21
C ALA D 398 -23.96 23.18 21.54
N LYS D 399 -23.85 22.31 22.55
CA LYS D 399 -23.53 22.71 23.91
C LYS D 399 -22.00 22.72 24.15
N GLU D 400 -21.23 22.15 23.21
CA GLU D 400 -19.78 22.00 23.35
C GLU D 400 -19.44 21.21 24.62
N SER D 401 -20.19 20.13 24.89
CA SER D 401 -19.92 19.32 26.06
C SER D 401 -20.26 17.86 25.79
N TRP D 402 -19.69 17.00 26.63
CA TRP D 402 -20.06 15.62 26.70
C TRP D 402 -21.58 15.50 26.91
N VAL D 403 -22.16 14.51 26.22
CA VAL D 403 -23.55 14.15 26.34
C VAL D 403 -23.59 12.62 26.45
N ASP D 404 -24.29 12.17 27.48
CA ASP D 404 -24.48 10.75 27.71
C ASP D 404 -25.49 10.26 26.68
N VAL D 405 -25.28 9.05 26.16
CA VAL D 405 -26.13 8.52 25.11
C VAL D 405 -27.24 7.73 25.78
N PRO D 406 -28.52 8.09 25.58
CA PRO D 406 -29.57 7.26 26.14
C PRO D 406 -29.57 5.84 25.53
N GLN D 407 -29.77 4.84 26.38
CA GLN D 407 -30.16 3.51 25.94
C GLN D 407 -31.59 3.57 25.39
N ILE D 408 -31.94 2.60 24.55
CA ILE D 408 -33.30 2.51 23.98
C ILE D 408 -34.26 2.10 25.10
O1 MES E . -11.11 -21.39 -8.70
C2 MES E . -10.03 -22.07 -8.05
C3 MES E . -10.10 -23.58 -8.25
N4 MES E . -11.43 -24.07 -7.91
C5 MES E . -12.44 -23.29 -8.65
C6 MES E . -12.36 -21.85 -8.22
C7 MES E . -11.59 -25.47 -8.33
C8 MES E . -10.75 -26.39 -7.45
S MES E . -10.78 -27.94 -8.07
O1S MES E . -9.85 -28.10 -9.23
O2S MES E . -10.29 -28.86 -7.02
O3S MES E . -12.18 -28.19 -8.49
C1 SOE F . -8.64 -20.91 -11.40
O1 SOE F . -8.93 -22.22 -11.88
C2 SOE F . -9.71 -19.90 -11.78
O2 SOE F . -10.96 -20.35 -11.36
C3 SOE F . -9.82 -19.64 -13.33
O3 SOE F . -10.24 -20.83 -14.01
C4 SOE F . -10.78 -18.48 -13.62
O4 SOE F . -10.85 -18.22 -15.03
C5 SOE F . -10.33 -17.24 -12.84
O5 SOE F . -11.21 -16.12 -13.01
C6 SOE F . -10.25 -17.58 -11.36
O6 SOE F . -9.35 -18.69 -11.11
PA NAI G . -16.66 -26.28 -12.61
O1A NAI G . -16.06 -27.62 -12.58
O2A NAI G . -17.11 -25.41 -11.41
O5B NAI G . -18.02 -26.47 -13.41
C5B NAI G . -18.09 -27.09 -14.71
C4B NAI G . -19.50 -27.66 -14.84
O4B NAI G . -19.67 -28.22 -16.13
C3B NAI G . -19.75 -28.78 -13.81
O3B NAI G . -20.74 -28.34 -12.88
C2B NAI G . -20.16 -29.96 -14.62
O2B NAI G . -21.19 -30.81 -14.08
C1B NAI G . -20.61 -29.26 -15.91
N9A NAI G . -20.59 -30.22 -17.01
C8A NAI G . -19.66 -31.18 -17.21
N7A NAI G . -19.98 -31.91 -18.28
C5A NAI G . -21.16 -31.42 -18.76
C6A NAI G . -22.07 -31.75 -19.85
N6A NAI G . -21.82 -32.76 -20.69
N1A NAI G . -23.19 -31.03 -19.99
C2A NAI G . -23.51 -30.00 -19.18
N3A NAI G . -22.71 -29.63 -18.15
C4A NAI G . -21.56 -30.31 -17.91
O3 NAI G . -15.68 -25.48 -13.62
PN NAI G . -15.69 -23.86 -13.75
O1N NAI G . -14.70 -23.34 -12.78
O2N NAI G . -17.11 -23.33 -13.72
O5D NAI G . -15.01 -23.78 -15.18
C5D NAI G . -15.79 -23.87 -16.37
C4D NAI G . -15.07 -23.15 -17.49
O4D NAI G . -14.85 -21.82 -17.02
C3D NAI G . -13.69 -23.73 -17.77
O3D NAI G . -13.45 -23.68 -19.17
C2D NAI G . -12.72 -22.84 -17.04
O2D NAI G . -11.46 -22.71 -17.69
C1D NAI G . -13.45 -21.54 -17.07
N1N NAI G . -13.14 -20.68 -15.99
C1 SOE H . 9.64 7.03 22.32
O1 SOE H . 9.86 7.32 23.70
C2 SOE H . 10.59 7.82 21.42
O2 SOE H . 11.94 7.49 21.61
C3 SOE H . 10.46 9.37 21.55
O3 SOE H . 10.90 9.80 22.82
C4 SOE H . 11.27 10.05 20.45
O4 SOE H . 11.16 11.48 20.61
C5 SOE H . 10.79 9.55 19.09
O5 SOE H . 11.55 10.02 17.99
C6 SOE H . 10.87 8.04 19.05
O6 SOE H . 10.15 7.42 20.13
PA NAI I . 17.99 7.86 27.43
O1A NAI I . 17.44 7.54 28.79
O2A NAI I . 18.46 6.93 26.32
O5B NAI I . 19.31 8.79 27.53
C5B NAI I . 19.32 9.80 28.54
C4B NAI I . 20.74 9.98 29.00
O4B NAI I . 20.80 11.14 29.84
C3B NAI I . 21.21 8.73 29.80
O3B NAI I . 22.33 8.11 29.12
C2B NAI I . 21.62 9.30 31.13
O2B NAI I . 22.85 8.74 31.61
C1B NAI I . 21.82 10.78 30.76
N9A NAI I . 21.82 11.60 31.94
C8A NAI I . 20.94 11.58 32.97
N7A NAI I . 21.30 12.51 33.89
C5A NAI I . 22.40 13.15 33.41
C6A NAI I . 23.30 14.20 33.89
N6A NAI I . 23.06 14.82 35.05
N1A NAI I . 24.32 14.59 33.13
C2A NAI I . 24.57 14.01 31.93
N3A NAI I . 23.81 13.01 31.43
C4A NAI I . 22.74 12.58 32.12
O3 NAI I . 16.81 8.80 26.90
PN NAI I . 16.71 9.41 25.45
O1N NAI I . 15.70 8.53 24.70
O2N NAI I . 18.05 9.74 24.88
O5D NAI I . 15.86 10.75 25.72
C5D NAI I . 16.54 11.99 25.96
C4D NAI I . 15.62 13.14 25.63
O4D NAI I . 15.34 13.04 24.23
C3D NAI I . 14.31 13.10 26.40
O3D NAI I . 13.89 14.44 26.73
C2D NAI I . 13.33 12.53 25.39
O2D NAI I . 12.02 13.06 25.53
C1D NAI I . 13.92 12.97 24.06
N1N NAI I . 13.60 12.01 23.04
O1 MES J . 22.27 7.87 -9.17
C2 MES J . 21.50 8.29 -10.34
C3 MES J . 22.45 8.45 -11.53
N4 MES J . 23.51 9.38 -11.15
C5 MES J . 24.21 8.83 -9.97
C6 MES J . 23.23 8.84 -8.82
C7 MES J . 24.43 9.59 -12.30
C8 MES J . 23.90 10.77 -13.13
S MES J . 24.87 11.01 -14.48
O1S MES J . 26.14 11.64 -14.03
O2S MES J . 25.17 9.70 -15.18
O3S MES J . 24.12 11.90 -15.43
C1 SOE K . 22.31 4.30 -10.57
O1 SOE K . 23.27 4.93 -11.36
C2 SOE K . 22.79 4.19 -9.12
O2 SOE K . 23.43 5.33 -8.62
C3 SOE K . 23.75 3.01 -8.91
O3 SOE K . 24.97 3.26 -9.58
C4 SOE K . 23.96 2.74 -7.42
O4 SOE K . 24.82 1.61 -7.24
C5 SOE K . 22.62 2.52 -6.74
O5 SOE K . 22.72 2.38 -5.33
C6 SOE K . 21.72 3.71 -7.03
O6 SOE K . 21.57 3.93 -8.44
PA NAI L . 30.71 9.78 -10.13
O1A NAI L . 30.96 10.01 -11.57
O2A NAI L . 29.77 10.56 -9.27
O5B NAI L . 32.06 9.82 -9.27
C5B NAI L . 33.27 9.37 -9.83
C4B NAI L . 34.38 10.19 -9.24
O4B NAI L . 35.58 9.49 -9.54
C3B NAI L . 34.39 11.59 -9.87
O3B NAI L . 34.34 12.56 -8.83
C2B NAI L . 35.72 11.59 -10.58
O2B NAI L . 36.40 12.86 -10.60
C1B NAI L . 36.48 10.52 -9.81
N9A NAI L . 37.62 10.09 -10.62
C8A NAI L . 37.70 9.88 -11.94
N7A NAI L . 38.97 9.56 -12.28
C5A NAI L . 39.70 9.59 -11.16
C6A NAI L . 41.11 9.42 -10.78
N6A NAI L . 42.01 9.06 -11.69
N1A NAI L . 41.44 9.55 -9.49
C2A NAI L . 40.58 9.88 -8.53
N3A NAI L . 39.28 10.08 -8.82
C4A NAI L . 38.82 9.94 -10.08
O3 NAI L . 30.32 8.20 -10.04
PN NAI L . 29.55 7.54 -8.76
O1N NAI L . 28.06 7.68 -8.99
O2N NAI L . 30.10 7.97 -7.45
O5D NAI L . 29.95 5.97 -9.04
C5D NAI L . 31.22 5.47 -8.58
C4D NAI L . 31.21 3.94 -8.55
O4D NAI L . 30.19 3.51 -7.65
C3D NAI L . 30.91 3.34 -9.89
O3D NAI L . 31.72 2.15 -10.04
C2D NAI L . 29.41 3.06 -9.78
O2D NAI L . 29.00 1.91 -10.48
C1D NAI L . 29.18 2.79 -8.31
N1N NAI L . 27.88 3.16 -7.78
C1 SOE M . -23.45 9.06 0.34
O1 SOE M . -24.54 9.89 0.05
C2 SOE M . -23.83 7.59 0.13
O2 SOE M . -24.52 7.37 -1.06
C3 SOE M . -24.68 6.98 1.29
O3 SOE M . -25.99 7.51 1.24
C4 SOE M . -24.72 5.46 1.20
O4 SOE M . -25.41 4.94 2.34
C5 SOE M . -23.32 4.89 1.09
O5 SOE M . -23.31 3.48 0.86
C6 SOE M . -22.59 5.54 -0.06
O6 SOE M . -22.55 6.97 0.09
PA NAI N . -32.33 8.81 -4.49
O1A NAI N . -32.78 10.23 -4.31
O2A NAI N . -31.42 8.23 -5.52
O5B NAI N . -33.63 7.87 -4.53
C5B NAI N . -34.78 8.21 -3.83
C4B NAI N . -35.93 7.76 -4.69
O4B NAI N . -37.08 7.93 -3.88
C3B NAI N . -36.11 8.64 -5.92
O3B NAI N . -35.93 7.85 -7.09
C2B NAI N . -37.51 9.24 -5.71
O2B NAI N . -38.31 9.40 -6.88
C1B NAI N . -38.13 8.24 -4.76
N9A NAI N . -39.29 8.77 -4.04
C8A NAI N . -39.42 9.96 -3.45
N7A NAI N . -40.68 10.10 -2.94
C5A NAI N . -41.34 8.96 -3.22
C6A NAI N . -42.72 8.41 -2.99
N6A NAI N . -43.63 9.15 -2.31
N1A NAI N . -43.01 7.18 -3.45
C2A NAI N . -42.10 6.42 -4.12
N3A NAI N . -40.82 6.86 -4.35
C4A NAI N . -40.41 8.09 -3.94
O3 NAI N . -31.70 8.44 -3.03
PN NAI N . -30.88 7.12 -2.68
O1N NAI N . -29.38 7.36 -2.76
O2N NAI N . -31.48 5.91 -3.39
O5D NAI N . -31.22 7.03 -1.13
C5D NAI N . -32.37 6.31 -0.65
C4D NAI N . -32.17 6.01 0.81
O4D NAI N . -31.06 5.15 0.90
C3D NAI N . -31.86 7.22 1.68
O3D NAI N . -32.52 7.09 2.95
C2D NAI N . -30.35 7.17 1.87
O2D NAI N . -29.98 7.69 3.14
C1D NAI N . -30.00 5.70 1.70
N1N NAI N . -28.72 5.43 1.08
#